data_1YFW
# 
_entry.id   1YFW 
# 
_audit_conform.dict_name       mmcif_pdbx.dic 
_audit_conform.dict_version    5.387 
_audit_conform.dict_location   http://mmcif.pdb.org/dictionaries/ascii/mmcif_pdbx.dic 
# 
loop_
_database_2.database_id 
_database_2.database_code 
_database_2.pdbx_database_accession 
_database_2.pdbx_DOI 
PDB   1YFW         pdb_00001yfw 10.2210/pdb1yfw/pdb 
RCSB  RCSB031466   ?            ?                   
WWPDB D_1000031466 ?            ?                   
# 
loop_
_pdbx_audit_revision_history.ordinal 
_pdbx_audit_revision_history.data_content_type 
_pdbx_audit_revision_history.major_revision 
_pdbx_audit_revision_history.minor_revision 
_pdbx_audit_revision_history.revision_date 
1 'Structure model' 1 0 2005-05-31 
2 'Structure model' 1 1 2008-04-30 
3 'Structure model' 1 2 2011-07-13 
4 'Structure model' 1 3 2024-02-14 
# 
_pdbx_audit_revision_details.ordinal             1 
_pdbx_audit_revision_details.revision_ordinal    1 
_pdbx_audit_revision_details.data_content_type   'Structure model' 
_pdbx_audit_revision_details.provider            repository 
_pdbx_audit_revision_details.type                'Initial release' 
_pdbx_audit_revision_details.description         ? 
_pdbx_audit_revision_details.details             ? 
# 
loop_
_pdbx_audit_revision_group.ordinal 
_pdbx_audit_revision_group.revision_ordinal 
_pdbx_audit_revision_group.data_content_type 
_pdbx_audit_revision_group.group 
1 2 'Structure model' 'Version format compliance' 
2 3 'Structure model' 'Derived calculations'      
3 3 'Structure model' 'Version format compliance' 
4 4 'Structure model' 'Data collection'           
5 4 'Structure model' 'Database references'       
6 4 'Structure model' 'Derived calculations'      
# 
loop_
_pdbx_audit_revision_category.ordinal 
_pdbx_audit_revision_category.revision_ordinal 
_pdbx_audit_revision_category.data_content_type 
_pdbx_audit_revision_category.category 
1 4 'Structure model' chem_comp_atom         
2 4 'Structure model' chem_comp_bond         
3 4 'Structure model' database_2             
4 4 'Structure model' pdbx_struct_conn_angle 
5 4 'Structure model' struct_conn            
6 4 'Structure model' struct_site            
# 
loop_
_pdbx_audit_revision_item.ordinal 
_pdbx_audit_revision_item.revision_ordinal 
_pdbx_audit_revision_item.data_content_type 
_pdbx_audit_revision_item.item 
1  4 'Structure model' '_database_2.pdbx_DOI'                        
2  4 'Structure model' '_database_2.pdbx_database_accession'         
3  4 'Structure model' '_pdbx_struct_conn_angle.ptnr1_auth_comp_id'  
4  4 'Structure model' '_pdbx_struct_conn_angle.ptnr1_auth_seq_id'   
5  4 'Structure model' '_pdbx_struct_conn_angle.ptnr1_label_asym_id' 
6  4 'Structure model' '_pdbx_struct_conn_angle.ptnr1_label_atom_id' 
7  4 'Structure model' '_pdbx_struct_conn_angle.ptnr1_label_comp_id' 
8  4 'Structure model' '_pdbx_struct_conn_angle.ptnr1_label_seq_id'  
9  4 'Structure model' '_pdbx_struct_conn_angle.ptnr3_auth_comp_id'  
10 4 'Structure model' '_pdbx_struct_conn_angle.ptnr3_auth_seq_id'   
11 4 'Structure model' '_pdbx_struct_conn_angle.ptnr3_label_asym_id' 
12 4 'Structure model' '_pdbx_struct_conn_angle.ptnr3_label_atom_id' 
13 4 'Structure model' '_pdbx_struct_conn_angle.ptnr3_label_comp_id' 
14 4 'Structure model' '_pdbx_struct_conn_angle.ptnr3_label_seq_id'  
15 4 'Structure model' '_pdbx_struct_conn_angle.value'               
16 4 'Structure model' '_struct_conn.pdbx_dist_value'                
17 4 'Structure model' '_struct_conn.ptnr1_auth_comp_id'             
18 4 'Structure model' '_struct_conn.ptnr1_auth_seq_id'              
19 4 'Structure model' '_struct_conn.ptnr1_label_asym_id'            
20 4 'Structure model' '_struct_conn.ptnr1_label_atom_id'            
21 4 'Structure model' '_struct_conn.ptnr1_label_comp_id'            
22 4 'Structure model' '_struct_conn.ptnr1_label_seq_id'             
23 4 'Structure model' '_struct_conn.ptnr2_auth_comp_id'             
24 4 'Structure model' '_struct_conn.ptnr2_auth_seq_id'              
25 4 'Structure model' '_struct_conn.ptnr2_label_asym_id'            
26 4 'Structure model' '_struct_conn.ptnr2_label_atom_id'            
27 4 'Structure model' '_struct_conn.ptnr2_label_comp_id'            
28 4 'Structure model' '_struct_conn.ptnr2_label_seq_id'             
29 4 'Structure model' '_struct_site.pdbx_auth_asym_id'              
30 4 'Structure model' '_struct_site.pdbx_auth_comp_id'              
31 4 'Structure model' '_struct_site.pdbx_auth_seq_id'               
# 
_pdbx_database_status.status_code                     REL 
_pdbx_database_status.entry_id                        1YFW 
_pdbx_database_status.recvd_initial_deposition_date   2005-01-04 
_pdbx_database_status.deposit_site                    RCSB 
_pdbx_database_status.process_site                    RCSB 
_pdbx_database_status.status_code_sf                  REL 
_pdbx_database_status.status_code_mr                  ? 
_pdbx_database_status.SG_entry                        ? 
_pdbx_database_status.pdb_format_compatible           Y 
_pdbx_database_status.status_code_cs                  ? 
_pdbx_database_status.status_code_nmr_data            ? 
_pdbx_database_status.methods_development_category    ? 
# 
loop_
_pdbx_database_related.db_name 
_pdbx_database_related.db_id 
_pdbx_database_related.details 
_pdbx_database_related.content_type 
PDB 1YFU 'The unliganded structure' unspecified 
PDB 1YFX .                          unspecified 
PDB 1YFY .                          unspecified 
# 
loop_
_audit_author.name 
_audit_author.pdbx_ordinal 
'Zhang, Y.'      1 
'Colabroy, K.L.' 2 
'Begley, T.P.'   3 
'Ealick, S.E.'   4 
# 
_citation.id                        primary 
_citation.title                     
;Structural Studies on 3-Hydroxyanthranilate-3,4-dioxygenase: The Catalytic Mechanism of a Complex Oxidation Involved in NAD Biosynthesis.
;
_citation.journal_abbrev            Biochemistry 
_citation.journal_volume            44 
_citation.page_first                7632 
_citation.page_last                 7643 
_citation.year                      2005 
_citation.journal_id_ASTM           BICHAW 
_citation.country                   US 
_citation.journal_id_ISSN           0006-2960 
_citation.journal_id_CSD            0033 
_citation.book_publisher            ? 
_citation.pdbx_database_id_PubMed   15909978 
_citation.pdbx_database_id_DOI      10.1021/bi047353l 
# 
loop_
_citation_author.citation_id 
_citation_author.name 
_citation_author.ordinal 
_citation_author.identifier_ORCID 
primary 'Zhang, Y.'      1 ? 
primary 'Colabroy, K.L.' 2 ? 
primary 'Begley, T.P.'   3 ? 
primary 'Ealick, S.E.'   4 ? 
# 
loop_
_entity.id 
_entity.type 
_entity.src_method 
_entity.pdbx_description 
_entity.formula_weight 
_entity.pdbx_number_of_molecules 
_entity.pdbx_ec 
_entity.pdbx_mutation 
_entity.pdbx_fragment 
_entity.details 
1 polymer     man 3-hydroxyanthranilate-3,4-dioxygenase    20056.635 1  1.13.11.6 ? ? ? 
2 non-polymer syn 'FE (III) ION'                           55.845    2  ?         ? ? ? 
3 non-polymer syn 'OXYGEN MOLECULE'                        31.999    1  ?         ? ? ? 
4 non-polymer syn 2-AMINO-2-HYDROXYMETHYL-PROPANE-1,3-DIOL 122.143   1  ?         ? ? ? 
5 non-polymer syn '4-CHLORO-3-HYDROXYANTHRANILIC ACID'     187.580   1  ?         ? ? ? 
6 water       nat water                                    18.015    90 ?         ? ? ? 
# 
_entity_poly.entity_id                      1 
_entity_poly.type                           'polypeptide(L)' 
_entity_poly.nstd_linkage                   no 
_entity_poly.nstd_monomer                   no 
_entity_poly.pdbx_seq_one_letter_code       
;MLTYGAPFNFPRWIDEHAHLLKPPVGNRQVWQDSDFIVTVVGGPNHRTDYHDDPLEEFFYQLRGNAYLNLWVDGRRERAD
LKEGDIFLLPPHVRHSPQRPEAGSACLVIERQRPAGMLDGFEWYCDACGHLVHRVEVQLKSIVTDLPPLFESFYASEDKR
RCPHCGQVHPGRAA
;
_entity_poly.pdbx_seq_one_letter_code_can   
;MLTYGAPFNFPRWIDEHAHLLKPPVGNRQVWQDSDFIVTVVGGPNHRTDYHDDPLEEFFYQLRGNAYLNLWVDGRRERAD
LKEGDIFLLPPHVRHSPQRPEAGSACLVIERQRPAGMLDGFEWYCDACGHLVHRVEVQLKSIVTDLPPLFESFYASEDKR
RCPHCGQVHPGRAA
;
_entity_poly.pdbx_strand_id                 A 
_entity_poly.pdbx_target_identifier         ? 
# 
loop_
_pdbx_entity_nonpoly.entity_id 
_pdbx_entity_nonpoly.name 
_pdbx_entity_nonpoly.comp_id 
2 'FE (III) ION'                           FE  
3 'OXYGEN MOLECULE'                        OXY 
4 2-AMINO-2-HYDROXYMETHYL-PROPANE-1,3-DIOL TRS 
5 '4-CHLORO-3-HYDROXYANTHRANILIC ACID'     4AA 
6 water                                    HOH 
# 
loop_
_entity_poly_seq.entity_id 
_entity_poly_seq.num 
_entity_poly_seq.mon_id 
_entity_poly_seq.hetero 
1 1   MET n 
1 2   LEU n 
1 3   THR n 
1 4   TYR n 
1 5   GLY n 
1 6   ALA n 
1 7   PRO n 
1 8   PHE n 
1 9   ASN n 
1 10  PHE n 
1 11  PRO n 
1 12  ARG n 
1 13  TRP n 
1 14  ILE n 
1 15  ASP n 
1 16  GLU n 
1 17  HIS n 
1 18  ALA n 
1 19  HIS n 
1 20  LEU n 
1 21  LEU n 
1 22  LYS n 
1 23  PRO n 
1 24  PRO n 
1 25  VAL n 
1 26  GLY n 
1 27  ASN n 
1 28  ARG n 
1 29  GLN n 
1 30  VAL n 
1 31  TRP n 
1 32  GLN n 
1 33  ASP n 
1 34  SER n 
1 35  ASP n 
1 36  PHE n 
1 37  ILE n 
1 38  VAL n 
1 39  THR n 
1 40  VAL n 
1 41  VAL n 
1 42  GLY n 
1 43  GLY n 
1 44  PRO n 
1 45  ASN n 
1 46  HIS n 
1 47  ARG n 
1 48  THR n 
1 49  ASP n 
1 50  TYR n 
1 51  HIS n 
1 52  ASP n 
1 53  ASP n 
1 54  PRO n 
1 55  LEU n 
1 56  GLU n 
1 57  GLU n 
1 58  PHE n 
1 59  PHE n 
1 60  TYR n 
1 61  GLN n 
1 62  LEU n 
1 63  ARG n 
1 64  GLY n 
1 65  ASN n 
1 66  ALA n 
1 67  TYR n 
1 68  LEU n 
1 69  ASN n 
1 70  LEU n 
1 71  TRP n 
1 72  VAL n 
1 73  ASP n 
1 74  GLY n 
1 75  ARG n 
1 76  ARG n 
1 77  GLU n 
1 78  ARG n 
1 79  ALA n 
1 80  ASP n 
1 81  LEU n 
1 82  LYS n 
1 83  GLU n 
1 84  GLY n 
1 85  ASP n 
1 86  ILE n 
1 87  PHE n 
1 88  LEU n 
1 89  LEU n 
1 90  PRO n 
1 91  PRO n 
1 92  HIS n 
1 93  VAL n 
1 94  ARG n 
1 95  HIS n 
1 96  SER n 
1 97  PRO n 
1 98  GLN n 
1 99  ARG n 
1 100 PRO n 
1 101 GLU n 
1 102 ALA n 
1 103 GLY n 
1 104 SER n 
1 105 ALA n 
1 106 CYS n 
1 107 LEU n 
1 108 VAL n 
1 109 ILE n 
1 110 GLU n 
1 111 ARG n 
1 112 GLN n 
1 113 ARG n 
1 114 PRO n 
1 115 ALA n 
1 116 GLY n 
1 117 MET n 
1 118 LEU n 
1 119 ASP n 
1 120 GLY n 
1 121 PHE n 
1 122 GLU n 
1 123 TRP n 
1 124 TYR n 
1 125 CYS n 
1 126 ASP n 
1 127 ALA n 
1 128 CYS n 
1 129 GLY n 
1 130 HIS n 
1 131 LEU n 
1 132 VAL n 
1 133 HIS n 
1 134 ARG n 
1 135 VAL n 
1 136 GLU n 
1 137 VAL n 
1 138 GLN n 
1 139 LEU n 
1 140 LYS n 
1 141 SER n 
1 142 ILE n 
1 143 VAL n 
1 144 THR n 
1 145 ASP n 
1 146 LEU n 
1 147 PRO n 
1 148 PRO n 
1 149 LEU n 
1 150 PHE n 
1 151 GLU n 
1 152 SER n 
1 153 PHE n 
1 154 TYR n 
1 155 ALA n 
1 156 SER n 
1 157 GLU n 
1 158 ASP n 
1 159 LYS n 
1 160 ARG n 
1 161 ARG n 
1 162 CYS n 
1 163 PRO n 
1 164 HIS n 
1 165 CYS n 
1 166 GLY n 
1 167 GLN n 
1 168 VAL n 
1 169 HIS n 
1 170 PRO n 
1 171 GLY n 
1 172 ARG n 
1 173 ALA n 
1 174 ALA n 
# 
_entity_src_gen.entity_id                          1 
_entity_src_gen.pdbx_src_id                        1 
_entity_src_gen.pdbx_alt_source_flag               sample 
_entity_src_gen.pdbx_seq_type                      ? 
_entity_src_gen.pdbx_beg_seq_num                   ? 
_entity_src_gen.pdbx_end_seq_num                   ? 
_entity_src_gen.gene_src_common_name               ? 
_entity_src_gen.gene_src_genus                     Cupriavidus 
_entity_src_gen.pdbx_gene_src_gene                 ? 
_entity_src_gen.gene_src_species                   ? 
_entity_src_gen.gene_src_strain                    ? 
_entity_src_gen.gene_src_tissue                    ? 
_entity_src_gen.gene_src_tissue_fraction           ? 
_entity_src_gen.gene_src_details                   ? 
_entity_src_gen.pdbx_gene_src_fragment             ? 
_entity_src_gen.pdbx_gene_src_scientific_name      'Cupriavidus metallidurans' 
_entity_src_gen.pdbx_gene_src_ncbi_taxonomy_id     119219 
_entity_src_gen.pdbx_gene_src_variant              ? 
_entity_src_gen.pdbx_gene_src_cell_line            ? 
_entity_src_gen.pdbx_gene_src_atcc                 ? 
_entity_src_gen.pdbx_gene_src_organ                ? 
_entity_src_gen.pdbx_gene_src_organelle            ? 
_entity_src_gen.pdbx_gene_src_cell                 ? 
_entity_src_gen.pdbx_gene_src_cellular_location    ? 
_entity_src_gen.host_org_common_name               ? 
_entity_src_gen.pdbx_host_org_scientific_name      'Escherichia coli' 
_entity_src_gen.pdbx_host_org_ncbi_taxonomy_id     562 
_entity_src_gen.host_org_genus                     Escherichia 
_entity_src_gen.pdbx_host_org_gene                 ? 
_entity_src_gen.pdbx_host_org_organ                ? 
_entity_src_gen.host_org_species                   ? 
_entity_src_gen.pdbx_host_org_tissue               ? 
_entity_src_gen.pdbx_host_org_tissue_fraction      ? 
_entity_src_gen.pdbx_host_org_strain               ? 
_entity_src_gen.pdbx_host_org_variant              ? 
_entity_src_gen.pdbx_host_org_cell_line            ? 
_entity_src_gen.pdbx_host_org_atcc                 ? 
_entity_src_gen.pdbx_host_org_culture_collection   ? 
_entity_src_gen.pdbx_host_org_cell                 ? 
_entity_src_gen.pdbx_host_org_organelle            ? 
_entity_src_gen.pdbx_host_org_cellular_location    ? 
_entity_src_gen.pdbx_host_org_vector_type          ? 
_entity_src_gen.pdbx_host_org_vector               ? 
_entity_src_gen.host_org_details                   ? 
_entity_src_gen.expression_system_id               ? 
_entity_src_gen.plasmid_name                       ? 
_entity_src_gen.plasmid_details                    ? 
_entity_src_gen.pdbx_description                   ? 
# 
loop_
_chem_comp.id 
_chem_comp.type 
_chem_comp.mon_nstd_flag 
_chem_comp.name 
_chem_comp.pdbx_synonyms 
_chem_comp.formula 
_chem_comp.formula_weight 
4AA non-polymer         . '4-CHLORO-3-HYDROXYANTHRANILIC ACID'     '2-AMINO-4-CHLORO-3-HYDROXYBENZOIC ACID' 'C7 H6 Cl N O3'  
187.580 
ALA 'L-peptide linking' y ALANINE                                  ?                                        'C3 H7 N O2'     
89.093  
ARG 'L-peptide linking' y ARGININE                                 ?                                        'C6 H15 N4 O2 1' 
175.209 
ASN 'L-peptide linking' y ASPARAGINE                               ?                                        'C4 H8 N2 O3'    
132.118 
ASP 'L-peptide linking' y 'ASPARTIC ACID'                          ?                                        'C4 H7 N O4'     
133.103 
CYS 'L-peptide linking' y CYSTEINE                                 ?                                        'C3 H7 N O2 S'   
121.158 
FE  non-polymer         . 'FE (III) ION'                           ?                                        'Fe 3'           
55.845  
GLN 'L-peptide linking' y GLUTAMINE                                ?                                        'C5 H10 N2 O3'   
146.144 
GLU 'L-peptide linking' y 'GLUTAMIC ACID'                          ?                                        'C5 H9 N O4'     
147.129 
GLY 'peptide linking'   y GLYCINE                                  ?                                        'C2 H5 N O2'     
75.067  
HIS 'L-peptide linking' y HISTIDINE                                ?                                        'C6 H10 N3 O2 1' 
156.162 
HOH non-polymer         . WATER                                    ?                                        'H2 O'           
18.015  
ILE 'L-peptide linking' y ISOLEUCINE                               ?                                        'C6 H13 N O2'    
131.173 
LEU 'L-peptide linking' y LEUCINE                                  ?                                        'C6 H13 N O2'    
131.173 
LYS 'L-peptide linking' y LYSINE                                   ?                                        'C6 H15 N2 O2 1' 
147.195 
MET 'L-peptide linking' y METHIONINE                               ?                                        'C5 H11 N O2 S'  
149.211 
OXY non-polymer         . 'OXYGEN MOLECULE'                        ?                                        O2               
31.999  
PHE 'L-peptide linking' y PHENYLALANINE                            ?                                        'C9 H11 N O2'    
165.189 
PRO 'L-peptide linking' y PROLINE                                  ?                                        'C5 H9 N O2'     
115.130 
SER 'L-peptide linking' y SERINE                                   ?                                        'C3 H7 N O3'     
105.093 
THR 'L-peptide linking' y THREONINE                                ?                                        'C4 H9 N O3'     
119.119 
TRP 'L-peptide linking' y TRYPTOPHAN                               ?                                        'C11 H12 N2 O2'  
204.225 
TRS non-polymer         . 2-AMINO-2-HYDROXYMETHYL-PROPANE-1,3-DIOL 'TRIS BUFFER'                            'C4 H12 N O3 1'  
122.143 
TYR 'L-peptide linking' y TYROSINE                                 ?                                        'C9 H11 N O3'    
181.189 
VAL 'L-peptide linking' y VALINE                                   ?                                        'C5 H11 N O2'    
117.146 
# 
loop_
_pdbx_poly_seq_scheme.asym_id 
_pdbx_poly_seq_scheme.entity_id 
_pdbx_poly_seq_scheme.seq_id 
_pdbx_poly_seq_scheme.mon_id 
_pdbx_poly_seq_scheme.ndb_seq_num 
_pdbx_poly_seq_scheme.pdb_seq_num 
_pdbx_poly_seq_scheme.auth_seq_num 
_pdbx_poly_seq_scheme.pdb_mon_id 
_pdbx_poly_seq_scheme.auth_mon_id 
_pdbx_poly_seq_scheme.pdb_strand_id 
_pdbx_poly_seq_scheme.pdb_ins_code 
_pdbx_poly_seq_scheme.hetero 
A 1 1   MET 1   1   1   MET MET A . n 
A 1 2   LEU 2   2   2   LEU LEU A . n 
A 1 3   THR 3   3   3   THR THR A . n 
A 1 4   TYR 4   4   4   TYR TYR A . n 
A 1 5   GLY 5   5   5   GLY GLY A . n 
A 1 6   ALA 6   6   6   ALA ALA A . n 
A 1 7   PRO 7   7   7   PRO PRO A . n 
A 1 8   PHE 8   8   8   PHE PHE A . n 
A 1 9   ASN 9   9   9   ASN ASN A . n 
A 1 10  PHE 10  10  10  PHE PHE A . n 
A 1 11  PRO 11  11  11  PRO PRO A . n 
A 1 12  ARG 12  12  12  ARG ARG A . n 
A 1 13  TRP 13  13  13  TRP TRP A . n 
A 1 14  ILE 14  14  14  ILE ILE A . n 
A 1 15  ASP 15  15  15  ASP ASP A . n 
A 1 16  GLU 16  16  16  GLU GLU A . n 
A 1 17  HIS 17  17  17  HIS HIS A . n 
A 1 18  ALA 18  18  18  ALA ALA A . n 
A 1 19  HIS 19  19  19  HIS HIS A . n 
A 1 20  LEU 20  20  20  LEU LEU A . n 
A 1 21  LEU 21  21  21  LEU LEU A . n 
A 1 22  LYS 22  22  22  LYS LYS A . n 
A 1 23  PRO 23  23  23  PRO PRO A . n 
A 1 24  PRO 24  24  24  PRO PRO A . n 
A 1 25  VAL 25  25  25  VAL VAL A . n 
A 1 26  GLY 26  26  26  GLY GLY A . n 
A 1 27  ASN 27  27  27  ASN ASN A . n 
A 1 28  ARG 28  28  28  ARG ARG A . n 
A 1 29  GLN 29  29  29  GLN GLN A . n 
A 1 30  VAL 30  30  30  VAL VAL A . n 
A 1 31  TRP 31  31  31  TRP TRP A . n 
A 1 32  GLN 32  32  32  GLN GLN A . n 
A 1 33  ASP 33  33  33  ASP ASP A . n 
A 1 34  SER 34  34  34  SER SER A . n 
A 1 35  ASP 35  35  35  ASP ASP A . n 
A 1 36  PHE 36  36  36  PHE PHE A . n 
A 1 37  ILE 37  37  37  ILE ILE A . n 
A 1 38  VAL 38  38  38  VAL VAL A . n 
A 1 39  THR 39  39  39  THR THR A . n 
A 1 40  VAL 40  40  40  VAL VAL A . n 
A 1 41  VAL 41  41  41  VAL VAL A . n 
A 1 42  GLY 42  42  42  GLY GLY A . n 
A 1 43  GLY 43  43  43  GLY GLY A . n 
A 1 44  PRO 44  44  44  PRO PRO A . n 
A 1 45  ASN 45  45  45  ASN ASN A . n 
A 1 46  HIS 46  46  46  HIS HIS A . n 
A 1 47  ARG 47  47  47  ARG ARG A . n 
A 1 48  THR 48  48  48  THR THR A . n 
A 1 49  ASP 49  49  49  ASP ASP A . n 
A 1 50  TYR 50  50  50  TYR TYR A . n 
A 1 51  HIS 51  51  51  HIS HIS A . n 
A 1 52  ASP 52  52  52  ASP ASP A . n 
A 1 53  ASP 53  53  53  ASP ASP A . n 
A 1 54  PRO 54  54  54  PRO PRO A . n 
A 1 55  LEU 55  55  55  LEU LEU A . n 
A 1 56  GLU 56  56  56  GLU GLU A . n 
A 1 57  GLU 57  57  57  GLU GLU A . n 
A 1 58  PHE 58  58  58  PHE PHE A . n 
A 1 59  PHE 59  59  59  PHE PHE A . n 
A 1 60  TYR 60  60  60  TYR TYR A . n 
A 1 61  GLN 61  61  61  GLN GLN A . n 
A 1 62  LEU 62  62  62  LEU LEU A . n 
A 1 63  ARG 63  63  63  ARG ARG A . n 
A 1 64  GLY 64  64  64  GLY GLY A . n 
A 1 65  ASN 65  65  65  ASN ASN A . n 
A 1 66  ALA 66  66  66  ALA ALA A . n 
A 1 67  TYR 67  67  67  TYR TYR A . n 
A 1 68  LEU 68  68  68  LEU LEU A . n 
A 1 69  ASN 69  69  69  ASN ASN A . n 
A 1 70  LEU 70  70  70  LEU LEU A . n 
A 1 71  TRP 71  71  71  TRP TRP A . n 
A 1 72  VAL 72  72  72  VAL VAL A . n 
A 1 73  ASP 73  73  73  ASP ASP A . n 
A 1 74  GLY 74  74  74  GLY GLY A . n 
A 1 75  ARG 75  75  75  ARG ALA A . n 
A 1 76  ARG 76  76  76  ARG ARG A . n 
A 1 77  GLU 77  77  77  GLU GLU A . n 
A 1 78  ARG 78  78  78  ARG ARG A . n 
A 1 79  ALA 79  79  79  ALA ALA A . n 
A 1 80  ASP 80  80  80  ASP ASP A . n 
A 1 81  LEU 81  81  81  LEU LEU A . n 
A 1 82  LYS 82  82  82  LYS LYS A . n 
A 1 83  GLU 83  83  83  GLU GLU A . n 
A 1 84  GLY 84  84  84  GLY GLY A . n 
A 1 85  ASP 85  85  85  ASP ASP A . n 
A 1 86  ILE 86  86  86  ILE ILE A . n 
A 1 87  PHE 87  87  87  PHE PHE A . n 
A 1 88  LEU 88  88  88  LEU LEU A . n 
A 1 89  LEU 89  89  89  LEU LEU A . n 
A 1 90  PRO 90  90  90  PRO PRO A . n 
A 1 91  PRO 91  91  91  PRO PRO A . n 
A 1 92  HIS 92  92  92  HIS HIS A . n 
A 1 93  VAL 93  93  93  VAL VAL A . n 
A 1 94  ARG 94  94  94  ARG ARG A . n 
A 1 95  HIS 95  95  95  HIS HIS A . n 
A 1 96  SER 96  96  96  SER SER A . n 
A 1 97  PRO 97  97  97  PRO PRO A . n 
A 1 98  GLN 98  98  98  GLN GLN A . n 
A 1 99  ARG 99  99  99  ARG ARG A . n 
A 1 100 PRO 100 100 100 PRO PRO A . n 
A 1 101 GLU 101 101 101 GLU GLU A . n 
A 1 102 ALA 102 102 102 ALA ALA A . n 
A 1 103 GLY 103 103 103 GLY GLY A . n 
A 1 104 SER 104 104 104 SER SER A . n 
A 1 105 ALA 105 105 105 ALA ALA A . n 
A 1 106 CYS 106 106 106 CYS CYS A . n 
A 1 107 LEU 107 107 107 LEU LEU A . n 
A 1 108 VAL 108 108 108 VAL VAL A . n 
A 1 109 ILE 109 109 109 ILE ILE A . n 
A 1 110 GLU 110 110 110 GLU GLU A . n 
A 1 111 ARG 111 111 111 ARG ARG A . n 
A 1 112 GLN 112 112 112 GLN GLN A . n 
A 1 113 ARG 113 113 113 ARG ARG A . n 
A 1 114 PRO 114 114 114 PRO PRO A . n 
A 1 115 ALA 115 115 115 ALA ALA A . n 
A 1 116 GLY 116 116 116 GLY GLY A . n 
A 1 117 MET 117 117 117 MET MET A . n 
A 1 118 LEU 118 118 118 LEU LEU A . n 
A 1 119 ASP 119 119 119 ASP ASP A . n 
A 1 120 GLY 120 120 120 GLY GLY A . n 
A 1 121 PHE 121 121 121 PHE PHE A . n 
A 1 122 GLU 122 122 122 GLU GLU A . n 
A 1 123 TRP 123 123 123 TRP TRP A . n 
A 1 124 TYR 124 124 124 TYR TYR A . n 
A 1 125 CYS 125 125 125 CYS CYS A . n 
A 1 126 ASP 126 126 126 ASP ASP A . n 
A 1 127 ALA 127 127 127 ALA ALA A . n 
A 1 128 CYS 128 128 128 CYS CYS A . n 
A 1 129 GLY 129 129 129 GLY GLY A . n 
A 1 130 HIS 130 130 130 HIS HIS A . n 
A 1 131 LEU 131 131 131 LEU LEU A . n 
A 1 132 VAL 132 132 132 VAL VAL A . n 
A 1 133 HIS 133 133 133 HIS HIS A . n 
A 1 134 ARG 134 134 134 ARG ARG A . n 
A 1 135 VAL 135 135 135 VAL VAL A . n 
A 1 136 GLU 136 136 136 GLU GLU A . n 
A 1 137 VAL 137 137 137 VAL VAL A . n 
A 1 138 GLN 138 138 138 GLN GLN A . n 
A 1 139 LEU 139 139 139 LEU LEU A . n 
A 1 140 LYS 140 140 140 LYS LYS A . n 
A 1 141 SER 141 141 141 SER SER A . n 
A 1 142 ILE 142 142 142 ILE ILE A . n 
A 1 143 VAL 143 143 143 VAL VAL A . n 
A 1 144 THR 144 144 144 THR THR A . n 
A 1 145 ASP 145 145 145 ASP ASP A . n 
A 1 146 LEU 146 146 146 LEU LEU A . n 
A 1 147 PRO 147 147 147 PRO PRO A . n 
A 1 148 PRO 148 148 148 PRO PRO A . n 
A 1 149 LEU 149 149 149 LEU LEU A . n 
A 1 150 PHE 150 150 150 PHE PHE A . n 
A 1 151 GLU 151 151 151 GLU GLU A . n 
A 1 152 SER 152 152 152 SER SER A . n 
A 1 153 PHE 153 153 153 PHE PHE A . n 
A 1 154 TYR 154 154 154 TYR TYR A . n 
A 1 155 ALA 155 155 155 ALA ALA A . n 
A 1 156 SER 156 156 156 SER SER A . n 
A 1 157 GLU 157 157 157 GLU GLU A . n 
A 1 158 ASP 158 158 158 ASP ASP A . n 
A 1 159 LYS 159 159 159 LYS LYS A . n 
A 1 160 ARG 160 160 160 ARG ARG A . n 
A 1 161 ARG 161 161 161 ARG ARG A . n 
A 1 162 CYS 162 162 162 CYS CYS A . n 
A 1 163 PRO 163 163 163 PRO PRO A . n 
A 1 164 HIS 164 164 164 HIS HIS A . n 
A 1 165 CYS 165 165 165 CYS CYS A . n 
A 1 166 GLY 166 166 166 GLY GLY A . n 
A 1 167 GLN 167 167 167 GLN GLN A . n 
A 1 168 VAL 168 168 168 VAL VAL A . n 
A 1 169 HIS 169 169 169 HIS HIS A . n 
A 1 170 PRO 170 170 170 PRO PRO A . n 
A 1 171 GLY 171 171 171 GLY GLY A . n 
A 1 172 ARG 172 172 172 ARG ARG A . n 
A 1 173 ALA 173 173 173 ALA ALA A . n 
A 1 174 ALA 174 174 174 ALA ALA A . n 
# 
loop_
_pdbx_nonpoly_scheme.asym_id 
_pdbx_nonpoly_scheme.entity_id 
_pdbx_nonpoly_scheme.mon_id 
_pdbx_nonpoly_scheme.ndb_seq_num 
_pdbx_nonpoly_scheme.pdb_seq_num 
_pdbx_nonpoly_scheme.auth_seq_num 
_pdbx_nonpoly_scheme.pdb_mon_id 
_pdbx_nonpoly_scheme.auth_mon_id 
_pdbx_nonpoly_scheme.pdb_strand_id 
_pdbx_nonpoly_scheme.pdb_ins_code 
B 2 FE  1  300 300 FE  FE  A . 
C 2 FE  1  301 301 FE  FE  A . 
D 3 OXY 1  310 310 OXY OXY A . 
E 4 TRS 1  400 400 TRS TRS A . 
F 5 4AA 1  401 401 4AA CHA A . 
G 6 HOH 1  402 1   HOH HOH A . 
G 6 HOH 2  403 2   HOH HOH A . 
G 6 HOH 3  404 3   HOH HOH A . 
G 6 HOH 4  405 4   HOH HOH A . 
G 6 HOH 5  406 5   HOH HOH A . 
G 6 HOH 6  407 6   HOH HOH A . 
G 6 HOH 7  408 7   HOH HOH A . 
G 6 HOH 8  409 8   HOH HOH A . 
G 6 HOH 9  410 9   HOH HOH A . 
G 6 HOH 10 411 10  HOH HOH A . 
G 6 HOH 11 412 11  HOH HOH A . 
G 6 HOH 12 413 12  HOH HOH A . 
G 6 HOH 13 414 13  HOH HOH A . 
G 6 HOH 14 415 14  HOH HOH A . 
G 6 HOH 15 416 15  HOH HOH A . 
G 6 HOH 16 417 16  HOH HOH A . 
G 6 HOH 17 418 17  HOH HOH A . 
G 6 HOH 18 419 18  HOH HOH A . 
G 6 HOH 19 420 19  HOH HOH A . 
G 6 HOH 20 421 20  HOH HOH A . 
G 6 HOH 21 422 21  HOH HOH A . 
G 6 HOH 22 423 22  HOH HOH A . 
G 6 HOH 23 424 23  HOH HOH A . 
G 6 HOH 24 425 24  HOH HOH A . 
G 6 HOH 25 426 25  HOH HOH A . 
G 6 HOH 26 427 26  HOH HOH A . 
G 6 HOH 27 428 27  HOH HOH A . 
G 6 HOH 28 429 28  HOH HOH A . 
G 6 HOH 29 430 29  HOH HOH A . 
G 6 HOH 30 431 30  HOH HOH A . 
G 6 HOH 31 432 31  HOH HOH A . 
G 6 HOH 32 433 32  HOH HOH A . 
G 6 HOH 33 434 33  HOH HOH A . 
G 6 HOH 34 435 34  HOH HOH A . 
G 6 HOH 35 436 35  HOH HOH A . 
G 6 HOH 36 437 36  HOH HOH A . 
G 6 HOH 37 438 37  HOH HOH A . 
G 6 HOH 38 439 38  HOH HOH A . 
G 6 HOH 39 440 39  HOH HOH A . 
G 6 HOH 40 441 40  HOH HOH A . 
G 6 HOH 41 442 41  HOH HOH A . 
G 6 HOH 42 443 42  HOH HOH A . 
G 6 HOH 43 444 43  HOH HOH A . 
G 6 HOH 44 445 44  HOH HOH A . 
G 6 HOH 45 446 45  HOH HOH A . 
G 6 HOH 46 447 46  HOH HOH A . 
G 6 HOH 47 448 47  HOH HOH A . 
G 6 HOH 48 449 48  HOH HOH A . 
G 6 HOH 49 450 49  HOH HOH A . 
G 6 HOH 50 451 50  HOH HOH A . 
G 6 HOH 51 452 51  HOH HOH A . 
G 6 HOH 52 453 52  HOH HOH A . 
G 6 HOH 53 454 53  HOH HOH A . 
G 6 HOH 54 455 54  HOH HOH A . 
G 6 HOH 55 456 55  HOH HOH A . 
G 6 HOH 56 457 56  HOH HOH A . 
G 6 HOH 57 458 57  HOH HOH A . 
G 6 HOH 58 459 58  HOH HOH A . 
G 6 HOH 59 460 59  HOH HOH A . 
G 6 HOH 60 461 60  HOH HOH A . 
G 6 HOH 61 462 61  HOH HOH A . 
G 6 HOH 62 463 62  HOH HOH A . 
G 6 HOH 63 464 63  HOH HOH A . 
G 6 HOH 64 465 64  HOH HOH A . 
G 6 HOH 65 466 65  HOH HOH A . 
G 6 HOH 66 467 66  HOH HOH A . 
G 6 HOH 67 468 67  HOH HOH A . 
G 6 HOH 68 469 68  HOH HOH A . 
G 6 HOH 69 470 69  HOH HOH A . 
G 6 HOH 70 471 70  HOH HOH A . 
G 6 HOH 71 472 71  HOH HOH A . 
G 6 HOH 72 473 72  HOH HOH A . 
G 6 HOH 73 474 73  HOH HOH A . 
G 6 HOH 74 475 74  HOH HOH A . 
G 6 HOH 75 476 75  HOH HOH A . 
G 6 HOH 76 477 76  HOH HOH A . 
G 6 HOH 77 478 77  HOH HOH A . 
G 6 HOH 78 479 78  HOH HOH A . 
G 6 HOH 79 480 79  HOH HOH A . 
G 6 HOH 80 481 80  HOH HOH A . 
G 6 HOH 81 482 81  HOH HOH A . 
G 6 HOH 82 483 82  HOH HOH A . 
G 6 HOH 83 484 83  HOH HOH A . 
G 6 HOH 84 485 84  HOH HOH A . 
G 6 HOH 85 486 85  HOH HOH A . 
G 6 HOH 86 487 86  HOH HOH A . 
G 6 HOH 87 488 87  HOH HOH A . 
G 6 HOH 88 489 88  HOH HOH A . 
G 6 HOH 89 490 89  HOH HOH A . 
G 6 HOH 90 491 90  HOH HOH A . 
# 
loop_
_pdbx_unobs_or_zero_occ_atoms.id 
_pdbx_unobs_or_zero_occ_atoms.PDB_model_num 
_pdbx_unobs_or_zero_occ_atoms.polymer_flag 
_pdbx_unobs_or_zero_occ_atoms.occupancy_flag 
_pdbx_unobs_or_zero_occ_atoms.auth_asym_id 
_pdbx_unobs_or_zero_occ_atoms.auth_comp_id 
_pdbx_unobs_or_zero_occ_atoms.auth_seq_id 
_pdbx_unobs_or_zero_occ_atoms.PDB_ins_code 
_pdbx_unobs_or_zero_occ_atoms.auth_atom_id 
_pdbx_unobs_or_zero_occ_atoms.label_alt_id 
_pdbx_unobs_or_zero_occ_atoms.label_asym_id 
_pdbx_unobs_or_zero_occ_atoms.label_comp_id 
_pdbx_unobs_or_zero_occ_atoms.label_seq_id 
_pdbx_unobs_or_zero_occ_atoms.label_atom_id 
1 1 Y 1 A ARG 75 ? CG  ? A ARG 75 CG  
2 1 Y 1 A ARG 75 ? CD  ? A ARG 75 CD  
3 1 Y 1 A ARG 75 ? NE  ? A ARG 75 NE  
4 1 Y 1 A ARG 75 ? CZ  ? A ARG 75 CZ  
5 1 Y 1 A ARG 75 ? NH1 ? A ARG 75 NH1 
6 1 Y 1 A ARG 75 ? NH2 ? A ARG 75 NH2 
# 
loop_
_software.name 
_software.classification 
_software.version 
_software.citation_id 
_software.pdbx_ordinal 
CNS       refinement       1.1 ? 1 
HKL-2000  'data reduction' .   ? 2 
SCALEPACK 'data scaling'   .   ? 3 
CNS       phasing          1.1 ? 4 
# 
_cell.entry_id           1YFW 
_cell.length_a           58.200 
_cell.length_b           58.200 
_cell.length_c           231.700 
_cell.angle_alpha        90.00 
_cell.angle_beta         90.00 
_cell.angle_gamma        120.00 
_cell.Z_PDB              12 
_cell.pdbx_unique_axis   ? 
# 
_symmetry.entry_id                         1YFW 
_symmetry.space_group_name_H-M             'P 65 2 2' 
_symmetry.pdbx_full_space_group_name_H-M   ? 
_symmetry.cell_setting                     ? 
_symmetry.Int_Tables_number                179 
_symmetry.space_group_name_Hall            ? 
# 
_exptl.entry_id          1YFW 
_exptl.method            'X-RAY DIFFRACTION' 
_exptl.crystals_number   1 
# 
_exptl_crystal.id                    1 
_exptl_crystal.density_meas          ? 
_exptl_crystal.density_Matthews      2.8 
_exptl_crystal.density_percent_sol   56 
_exptl_crystal.description           ? 
_exptl_crystal.F_000                 ? 
_exptl_crystal.preparation           ? 
# 
_exptl_crystal_grow.crystal_id      1 
_exptl_crystal_grow.method          'VAPOR DIFFUSION, HANGING DROP' 
_exptl_crystal_grow.temp            291 
_exptl_crystal_grow.temp_details    ? 
_exptl_crystal_grow.pH              8.5 
_exptl_crystal_grow.pdbx_details    'PEG 8000, magnesium chloride, Tris, pH 8.5, VAPOR DIFFUSION, HANGING DROP, temperature 291K' 
_exptl_crystal_grow.pdbx_pH_range   . 
# 
_diffrn.id                     1 
_diffrn.ambient_temp           ? 
_diffrn.ambient_temp_details   ? 
_diffrn.crystal_id             1 
# 
_diffrn_radiation.diffrn_id                        1 
_diffrn_radiation.wavelength_id                    1 
_diffrn_radiation.pdbx_monochromatic_or_laue_m_l   M 
_diffrn_radiation.monochromator                    ? 
_diffrn_radiation.pdbx_diffrn_protocol             'SINGLE WAVELENGTH' 
_diffrn_radiation.pdbx_scattering_type             x-ray 
# 
_diffrn_radiation_wavelength.id           1 
_diffrn_radiation_wavelength.wavelength   0.9778 
_diffrn_radiation_wavelength.wt           1.0 
# 
_diffrn_source.diffrn_id                   1 
_diffrn_source.source                      SYNCHROTRON 
_diffrn_source.type                        'APS BEAMLINE 8-BM' 
_diffrn_source.pdbx_synchrotron_site       APS 
_diffrn_source.pdbx_synchrotron_beamline   8-BM 
_diffrn_source.pdbx_wavelength             ? 
_diffrn_source.pdbx_wavelength_list        0.9778 
# 
_reflns.entry_id                     1YFW 
_reflns.observed_criterion_sigma_I   0 
_reflns.observed_criterion_sigma_F   0 
_reflns.d_resolution_low             30.65 
_reflns.d_resolution_high            2.0 
_reflns.number_obs                   12897 
_reflns.number_all                   14085 
_reflns.percent_possible_obs         77.6 
_reflns.pdbx_Rmerge_I_obs            ? 
_reflns.pdbx_Rsym_value              ? 
_reflns.pdbx_netI_over_sigmaI        ? 
_reflns.B_iso_Wilson_estimate        13.3 
_reflns.pdbx_redundancy              ? 
_reflns.R_free_details               ? 
_reflns.limit_h_max                  ? 
_reflns.limit_h_min                  ? 
_reflns.limit_k_max                  ? 
_reflns.limit_k_min                  ? 
_reflns.limit_l_max                  ? 
_reflns.limit_l_min                  ? 
_reflns.observed_criterion_F_max     ? 
_reflns.observed_criterion_F_min     ? 
_reflns.pdbx_chi_squared             ? 
_reflns.pdbx_scaling_rejects         ? 
_reflns.pdbx_ordinal                 1 
_reflns.pdbx_diffrn_id               1 
# 
_reflns_shell.d_res_high             2.0 
_reflns_shell.d_res_low              2.13 
_reflns_shell.percent_possible_all   36.2 
_reflns_shell.Rmerge_I_obs           ? 
_reflns_shell.pdbx_Rsym_value        ? 
_reflns_shell.meanI_over_sigI_obs    ? 
_reflns_shell.pdbx_redundancy        ? 
_reflns_shell.percent_possible_obs   ? 
_reflns_shell.number_unique_all      ? 
_reflns_shell.number_measured_all    ? 
_reflns_shell.number_measured_obs    ? 
_reflns_shell.number_unique_obs      ? 
_reflns_shell.pdbx_chi_squared       ? 
_reflns_shell.pdbx_ordinal           1 
_reflns_shell.pdbx_diffrn_id         1 
# 
_refine.entry_id                                 1YFW 
_refine.ls_number_reflns_obs                     12897 
_refine.ls_number_reflns_all                     14085 
_refine.pdbx_ls_sigma_I                          ? 
_refine.pdbx_ls_sigma_F                          0.0 
_refine.pdbx_data_cutoff_high_absF               4233974.84 
_refine.pdbx_data_cutoff_low_absF                0.000000 
_refine.pdbx_data_cutoff_high_rms_absF           ? 
_refine.ls_d_res_low                             30.65 
_refine.ls_d_res_high                            2.00 
_refine.ls_percent_reflns_obs                    77.6 
_refine.ls_R_factor_obs                          0.234 
_refine.ls_R_factor_all                          0.234 
_refine.ls_R_factor_R_work                       0.234 
_refine.ls_R_factor_R_free                       0.268 
_refine.ls_R_factor_R_free_error                 0.011 
_refine.ls_R_factor_R_free_error_details         ? 
_refine.ls_percent_reflns_R_free                 4.9 
_refine.ls_number_reflns_R_free                  633 
_refine.ls_number_parameters                     ? 
_refine.ls_number_restraints                     ? 
_refine.occupancy_min                            ? 
_refine.occupancy_max                            ? 
_refine.correlation_coeff_Fo_to_Fc               ? 
_refine.correlation_coeff_Fo_to_Fc_free          ? 
_refine.B_iso_mean                               53.4 
_refine.aniso_B[1][1]                            13.40 
_refine.aniso_B[2][2]                            13.40 
_refine.aniso_B[3][3]                            -26.80 
_refine.aniso_B[1][2]                            10.09 
_refine.aniso_B[1][3]                            0.00 
_refine.aniso_B[2][3]                            0.00 
_refine.solvent_model_details                    'FLAT MODEL' 
_refine.solvent_model_param_ksol                 0.35256 
_refine.solvent_model_param_bsol                 64.6053 
_refine.pdbx_solvent_vdw_probe_radii             ? 
_refine.pdbx_solvent_ion_probe_radii             ? 
_refine.pdbx_solvent_shrinkage_radii             ? 
_refine.pdbx_ls_cross_valid_method               THROUGHOUT 
_refine.details                                  ? 
_refine.pdbx_starting_model                      ? 
_refine.pdbx_method_to_determine_struct          'MOLECULAR REPLACEMENT' 
_refine.pdbx_isotropic_thermal_model             RESTRAINED 
_refine.pdbx_stereochemistry_target_values       ? 
_refine.pdbx_stereochem_target_val_spec_case     ? 
_refine.pdbx_R_Free_selection_details            RANDOM 
_refine.pdbx_overall_ESU_R                       ? 
_refine.pdbx_overall_ESU_R_Free                  ? 
_refine.overall_SU_ML                            ? 
_refine.overall_SU_B                             ? 
_refine.ls_redundancy_reflns_obs                 ? 
_refine.B_iso_min                                ? 
_refine.B_iso_max                                ? 
_refine.overall_SU_R_Cruickshank_DPI             ? 
_refine.overall_SU_R_free                        ? 
_refine.ls_wR_factor_R_free                      ? 
_refine.ls_wR_factor_R_work                      ? 
_refine.overall_FOM_free_R_set                   ? 
_refine.overall_FOM_work_R_set                   ? 
_refine.pdbx_refine_id                           'X-RAY DIFFRACTION' 
_refine.pdbx_diffrn_id                           1 
_refine.pdbx_TLS_residual_ADP_flag               ? 
_refine.pdbx_overall_phase_error                 ? 
_refine.pdbx_overall_SU_R_free_Cruickshank_DPI   ? 
_refine.pdbx_overall_SU_R_Blow_DPI               ? 
_refine.pdbx_overall_SU_R_free_Blow_DPI          ? 
# 
_refine_analyze.entry_id                        1YFW 
_refine_analyze.Luzzati_coordinate_error_obs    0.31 
_refine_analyze.Luzzati_sigma_a_obs             0.36 
_refine_analyze.Luzzati_d_res_low_obs           5.00 
_refine_analyze.Luzzati_coordinate_error_free   0.37 
_refine_analyze.Luzzati_sigma_a_free            0.33 
_refine_analyze.Luzzati_d_res_low_free          ? 
_refine_analyze.number_disordered_residues      ? 
_refine_analyze.occupancy_sum_hydrogen          ? 
_refine_analyze.occupancy_sum_non_hydrogen      ? 
_refine_analyze.pdbx_Luzzati_d_res_high_obs     ? 
_refine_analyze.pdbx_refine_id                  'X-RAY DIFFRACTION' 
# 
_refine_hist.pdbx_refine_id                   'X-RAY DIFFRACTION' 
_refine_hist.cycle_id                         LAST 
_refine_hist.pdbx_number_atoms_protein        1409 
_refine_hist.pdbx_number_atoms_nucleic_acid   0 
_refine_hist.pdbx_number_atoms_ligand         24 
_refine_hist.number_atoms_solvent             90 
_refine_hist.number_atoms_total               1523 
_refine_hist.d_res_high                       2.00 
_refine_hist.d_res_low                        30.65 
# 
loop_
_refine_ls_restr.type 
_refine_ls_restr.dev_ideal 
_refine_ls_restr.dev_ideal_target 
_refine_ls_restr.weight 
_refine_ls_restr.number 
_refine_ls_restr.pdbx_refine_id 
_refine_ls_restr.pdbx_restraint_function 
c_bond_d                0.006 ?    ? ? 'X-RAY DIFFRACTION' ? 
c_bond_d_na             ?     ?    ? ? 'X-RAY DIFFRACTION' ? 
c_bond_d_prot           ?     ?    ? ? 'X-RAY DIFFRACTION' ? 
c_angle_d               ?     ?    ? ? 'X-RAY DIFFRACTION' ? 
c_angle_d_na            ?     ?    ? ? 'X-RAY DIFFRACTION' ? 
c_angle_d_prot          ?     ?    ? ? 'X-RAY DIFFRACTION' ? 
c_angle_deg             1.4   ?    ? ? 'X-RAY DIFFRACTION' ? 
c_angle_deg_na          ?     ?    ? ? 'X-RAY DIFFRACTION' ? 
c_angle_deg_prot        ?     ?    ? ? 'X-RAY DIFFRACTION' ? 
c_dihedral_angle_d      26.0  ?    ? ? 'X-RAY DIFFRACTION' ? 
c_dihedral_angle_d_na   ?     ?    ? ? 'X-RAY DIFFRACTION' ? 
c_dihedral_angle_d_prot ?     ?    ? ? 'X-RAY DIFFRACTION' ? 
c_improper_angle_d      0.79  ?    ? ? 'X-RAY DIFFRACTION' ? 
c_improper_angle_d_na   ?     ?    ? ? 'X-RAY DIFFRACTION' ? 
c_improper_angle_d_prot ?     ?    ? ? 'X-RAY DIFFRACTION' ? 
c_mcbond_it             1.39  1.50 ? ? 'X-RAY DIFFRACTION' ? 
c_mcangle_it            2.29  2.00 ? ? 'X-RAY DIFFRACTION' ? 
c_scbond_it             1.90  2.00 ? ? 'X-RAY DIFFRACTION' ? 
c_scangle_it            2.76  2.50 ? ? 'X-RAY DIFFRACTION' ? 
# 
_refine_ls_shell.pdbx_total_number_of_bins_used   6 
_refine_ls_shell.d_res_high                       2.00 
_refine_ls_shell.d_res_low                        2.13 
_refine_ls_shell.number_reflns_R_work             923 
_refine_ls_shell.R_factor_R_work                  0.358 
_refine_ls_shell.percent_reflns_obs               36.2 
_refine_ls_shell.R_factor_R_free                  0.391 
_refine_ls_shell.R_factor_R_free_error            0.056 
_refine_ls_shell.percent_reflns_R_free            5.0 
_refine_ls_shell.number_reflns_R_free             49 
_refine_ls_shell.number_reflns_obs                ? 
_refine_ls_shell.redundancy_reflns_obs            ? 
_refine_ls_shell.number_reflns_all                ? 
_refine_ls_shell.pdbx_refine_id                   'X-RAY DIFFRACTION' 
_refine_ls_shell.R_factor_all                     ? 
# 
loop_
_pdbx_xplor_file.serial_no 
_pdbx_xplor_file.param_file 
_pdbx_xplor_file.topol_file 
_pdbx_xplor_file.pdbx_refine_id 
1 PROTEIN_REP.PARAM PROTEIN.TOP 'X-RAY DIFFRACTION' 
2 LIGANDS.PARAM     LIGANDS.TOP 'X-RAY DIFFRACTION' 
3 WATER.PARAM       ION.TOP     'X-RAY DIFFRACTION' 
4 ION.PARAM         WATER.TOP   'X-RAY DIFFRACTION' 
# 
_struct.entry_id                  1YFW 
_struct.title                     
;Crystal structure of 3-hydroxyanthranilate-3,4-dioxygenase from Ralstonia metallidurans complexed with 4-chloro-3-hydroxyanthranilic acid and O2
;
_struct.pdbx_model_details        ? 
_struct.pdbx_CASP_flag            ? 
_struct.pdbx_model_type_details   ? 
# 
_struct_keywords.entry_id        1YFW 
_struct_keywords.pdbx_keywords   OXIDOREDUCTASE 
_struct_keywords.text            'cupin, OXIDOREDUCTASE' 
# 
loop_
_struct_asym.id 
_struct_asym.pdbx_blank_PDB_chainid_flag 
_struct_asym.pdbx_modified 
_struct_asym.entity_id 
_struct_asym.details 
A N N 1 ? 
B N N 2 ? 
C N N 2 ? 
D N N 3 ? 
E N N 4 ? 
F N N 5 ? 
G N N 6 ? 
# 
_struct_ref.id                         1 
_struct_ref.db_name                    GB 
_struct_ref.db_code                    ZP_00274330 
_struct_ref.pdbx_db_accession          48769986 
_struct_ref.entity_id                  1 
_struct_ref.pdbx_seq_one_letter_code   
;MLTYGAPFNFPRWIDEHAHLLKPPVGNRQVWQDSDFIVTVVGGPNHRTDYHDDPLEEFFYQLRGNAYLNLWVDGRRERAD
LKEGDIFLLPPHVRHSPQRPEAGSACLVIERQRPAGMLDGFEWYCDACGHLVHRVEVQLKSIVTDLPPLFESFYASEDKR
RCPHCGQVHPGRAA
;
_struct_ref.pdbx_align_begin           1 
_struct_ref.pdbx_db_isoform            ? 
# 
_struct_ref_seq.align_id                      1 
_struct_ref_seq.ref_id                        1 
_struct_ref_seq.pdbx_PDB_id_code              1YFW 
_struct_ref_seq.pdbx_strand_id                A 
_struct_ref_seq.seq_align_beg                 1 
_struct_ref_seq.pdbx_seq_align_beg_ins_code   ? 
_struct_ref_seq.seq_align_end                 174 
_struct_ref_seq.pdbx_seq_align_end_ins_code   ? 
_struct_ref_seq.pdbx_db_accession             48769986 
_struct_ref_seq.db_align_beg                  1 
_struct_ref_seq.pdbx_db_align_beg_ins_code    ? 
_struct_ref_seq.db_align_end                  174 
_struct_ref_seq.pdbx_db_align_end_ins_code    ? 
_struct_ref_seq.pdbx_auth_seq_align_beg       1 
_struct_ref_seq.pdbx_auth_seq_align_end       174 
# 
_pdbx_struct_assembly.id                   1 
_pdbx_struct_assembly.details              author_and_software_defined_assembly 
_pdbx_struct_assembly.method_details       PISA,PQS 
_pdbx_struct_assembly.oligomeric_details   dimeric 
_pdbx_struct_assembly.oligomeric_count     2 
# 
loop_
_pdbx_struct_assembly_prop.biol_id 
_pdbx_struct_assembly_prop.type 
_pdbx_struct_assembly_prop.value 
_pdbx_struct_assembly_prop.details 
1 'ABSA (A^2)' 5240  ? 
1 MORE         -60   ? 
1 'SSA (A^2)'  14750 ? 
# 
_pdbx_struct_assembly_gen.assembly_id       1 
_pdbx_struct_assembly_gen.oper_expression   1,2 
_pdbx_struct_assembly_gen.asym_id_list      A,B,C,D,E,F,G 
# 
loop_
_pdbx_struct_oper_list.id 
_pdbx_struct_oper_list.type 
_pdbx_struct_oper_list.name 
_pdbx_struct_oper_list.symmetry_operation 
_pdbx_struct_oper_list.matrix[1][1] 
_pdbx_struct_oper_list.matrix[1][2] 
_pdbx_struct_oper_list.matrix[1][3] 
_pdbx_struct_oper_list.vector[1] 
_pdbx_struct_oper_list.matrix[2][1] 
_pdbx_struct_oper_list.matrix[2][2] 
_pdbx_struct_oper_list.matrix[2][3] 
_pdbx_struct_oper_list.vector[2] 
_pdbx_struct_oper_list.matrix[3][1] 
_pdbx_struct_oper_list.matrix[3][2] 
_pdbx_struct_oper_list.matrix[3][3] 
_pdbx_struct_oper_list.vector[3] 
1 'identity operation'         1_555  x,y,z            1.0000000000  0.0000000000  0.0000000000  0.0000000000  0.0000000000  1.0000000000 0.0000000000 0.0000000000  0.0000000000  0.0000000000 1.0000000000  0.0000000000  
2 'crystal symmetry operation' 10_665 -y+1,-x+1,-z+1/6 -0.4404676038 -0.8939205629 -0.0830320260 -0.0359252729 -0.8939205629 0.4281460342 0.1326536871 -2.9348974930 -0.0830320260 0.1326536871 -0.9876784304 31.3549360311 
# 
_struct_biol.id                    1 
_struct_biol.details               
;The second part of the biological assembly is generated   
by the two fold axis:   
 -y + 1, -x + 1, -z + 1/6
;
_struct_biol.pdbx_parent_biol_id   ? 
# 
loop_
_struct_conf.conf_type_id 
_struct_conf.id 
_struct_conf.pdbx_PDB_helix_id 
_struct_conf.beg_label_comp_id 
_struct_conf.beg_label_asym_id 
_struct_conf.beg_label_seq_id 
_struct_conf.pdbx_beg_PDB_ins_code 
_struct_conf.end_label_comp_id 
_struct_conf.end_label_asym_id 
_struct_conf.end_label_seq_id 
_struct_conf.pdbx_end_PDB_ins_code 
_struct_conf.beg_auth_comp_id 
_struct_conf.beg_auth_asym_id 
_struct_conf.beg_auth_seq_id 
_struct_conf.end_auth_comp_id 
_struct_conf.end_auth_asym_id 
_struct_conf.end_auth_seq_id 
_struct_conf.pdbx_PDB_helix_class 
_struct_conf.details 
_struct_conf.pdbx_PDB_helix_length 
HELX_P HELX_P1 1 ASN A 9   ? ALA A 18  ? ASN A 9   ALA A 18  1 ? 10 
HELX_P HELX_P2 2 HIS A 19  ? LEU A 21  ? HIS A 19  LEU A 21  5 ? 3  
HELX_P HELX_P3 3 ASP A 145 ? ALA A 155 ? ASP A 145 ALA A 155 1 ? 11 
HELX_P HELX_P4 4 SER A 156 ? ARG A 161 ? SER A 156 ARG A 161 1 ? 6  
HELX_P HELX_P5 5 PRO A 170 ? ALA A 174 ? PRO A 170 ALA A 174 5 ? 5  
# 
_struct_conf_type.id          HELX_P 
_struct_conf_type.criteria    ? 
_struct_conf_type.reference   ? 
# 
loop_
_struct_conn.id 
_struct_conn.conn_type_id 
_struct_conn.pdbx_leaving_atom_flag 
_struct_conn.pdbx_PDB_id 
_struct_conn.ptnr1_label_asym_id 
_struct_conn.ptnr1_label_comp_id 
_struct_conn.ptnr1_label_seq_id 
_struct_conn.ptnr1_label_atom_id 
_struct_conn.pdbx_ptnr1_label_alt_id 
_struct_conn.pdbx_ptnr1_PDB_ins_code 
_struct_conn.pdbx_ptnr1_standard_comp_id 
_struct_conn.ptnr1_symmetry 
_struct_conn.ptnr2_label_asym_id 
_struct_conn.ptnr2_label_comp_id 
_struct_conn.ptnr2_label_seq_id 
_struct_conn.ptnr2_label_atom_id 
_struct_conn.pdbx_ptnr2_label_alt_id 
_struct_conn.pdbx_ptnr2_PDB_ins_code 
_struct_conn.ptnr1_auth_asym_id 
_struct_conn.ptnr1_auth_comp_id 
_struct_conn.ptnr1_auth_seq_id 
_struct_conn.ptnr2_auth_asym_id 
_struct_conn.ptnr2_auth_comp_id 
_struct_conn.ptnr2_auth_seq_id 
_struct_conn.ptnr2_symmetry 
_struct_conn.pdbx_ptnr3_label_atom_id 
_struct_conn.pdbx_ptnr3_label_seq_id 
_struct_conn.pdbx_ptnr3_label_comp_id 
_struct_conn.pdbx_ptnr3_label_asym_id 
_struct_conn.pdbx_ptnr3_label_alt_id 
_struct_conn.pdbx_ptnr3_PDB_ins_code 
_struct_conn.details 
_struct_conn.pdbx_dist_value 
_struct_conn.pdbx_value_order 
_struct_conn.pdbx_role 
metalc1 metalc ? ? A HIS 51  ND1 ? ? ? 1_555 B FE  . FE  ? ? A HIS 51  A FE  300 1_555 ? ? ? ? ? ? ? 2.136 ? ? 
metalc2 metalc ? ? A GLU 57  OE1 ? ? ? 1_555 B FE  . FE  ? ? A GLU 57  A FE  300 1_555 ? ? ? ? ? ? ? 2.299 ? ? 
metalc3 metalc ? ? A HIS 95  NE2 ? ? ? 1_555 B FE  . FE  ? ? A HIS 95  A FE  300 1_555 ? ? ? ? ? ? ? 2.192 ? ? 
metalc4 metalc ? ? A CYS 125 SG  ? ? ? 1_555 C FE  . FE  ? ? A CYS 125 A FE  301 1_555 ? ? ? ? ? ? ? 2.363 ? ? 
metalc5 metalc ? ? A CYS 128 SG  ? ? ? 1_555 C FE  . FE  ? ? A CYS 128 A FE  301 1_555 ? ? ? ? ? ? ? 2.252 ? ? 
metalc6 metalc ? ? A CYS 162 SG  ? ? ? 1_555 C FE  . FE  ? ? A CYS 162 A FE  301 1_555 ? ? ? ? ? ? ? 2.434 ? ? 
metalc7 metalc ? ? A CYS 165 SG  ? ? ? 1_555 C FE  . FE  ? ? A CYS 165 A FE  301 1_555 ? ? ? ? ? ? ? 2.447 ? ? 
metalc8 metalc ? ? B FE  .   FE  ? ? ? 1_555 D OXY . O2  ? ? A FE  300 A OXY 310 1_555 ? ? ? ? ? ? ? 2.050 ? ? 
metalc9 metalc ? ? B FE  .   FE  ? ? ? 1_555 F 4AA . OAD ? ? A FE  300 A 4AA 401 1_555 ? ? ? ? ? ? ? 2.038 ? ? 
# 
_struct_conn_type.id          metalc 
_struct_conn_type.criteria    ? 
_struct_conn_type.reference   ? 
# 
loop_
_pdbx_struct_conn_angle.id 
_pdbx_struct_conn_angle.ptnr1_label_atom_id 
_pdbx_struct_conn_angle.ptnr1_label_alt_id 
_pdbx_struct_conn_angle.ptnr1_label_asym_id 
_pdbx_struct_conn_angle.ptnr1_label_comp_id 
_pdbx_struct_conn_angle.ptnr1_label_seq_id 
_pdbx_struct_conn_angle.ptnr1_auth_atom_id 
_pdbx_struct_conn_angle.ptnr1_auth_asym_id 
_pdbx_struct_conn_angle.ptnr1_auth_comp_id 
_pdbx_struct_conn_angle.ptnr1_auth_seq_id 
_pdbx_struct_conn_angle.ptnr1_PDB_ins_code 
_pdbx_struct_conn_angle.ptnr1_symmetry 
_pdbx_struct_conn_angle.ptnr2_label_atom_id 
_pdbx_struct_conn_angle.ptnr2_label_alt_id 
_pdbx_struct_conn_angle.ptnr2_label_asym_id 
_pdbx_struct_conn_angle.ptnr2_label_comp_id 
_pdbx_struct_conn_angle.ptnr2_label_seq_id 
_pdbx_struct_conn_angle.ptnr2_auth_atom_id 
_pdbx_struct_conn_angle.ptnr2_auth_asym_id 
_pdbx_struct_conn_angle.ptnr2_auth_comp_id 
_pdbx_struct_conn_angle.ptnr2_auth_seq_id 
_pdbx_struct_conn_angle.ptnr2_PDB_ins_code 
_pdbx_struct_conn_angle.ptnr2_symmetry 
_pdbx_struct_conn_angle.ptnr3_label_atom_id 
_pdbx_struct_conn_angle.ptnr3_label_alt_id 
_pdbx_struct_conn_angle.ptnr3_label_asym_id 
_pdbx_struct_conn_angle.ptnr3_label_comp_id 
_pdbx_struct_conn_angle.ptnr3_label_seq_id 
_pdbx_struct_conn_angle.ptnr3_auth_atom_id 
_pdbx_struct_conn_angle.ptnr3_auth_asym_id 
_pdbx_struct_conn_angle.ptnr3_auth_comp_id 
_pdbx_struct_conn_angle.ptnr3_auth_seq_id 
_pdbx_struct_conn_angle.ptnr3_PDB_ins_code 
_pdbx_struct_conn_angle.ptnr3_symmetry 
_pdbx_struct_conn_angle.value 
_pdbx_struct_conn_angle.value_esd 
1  ND1 ? A HIS 51  ? A HIS 51  ? 1_555 FE ? B FE . ? A FE 300 ? 1_555 OE1 ? A GLU 57  ? A GLU 57  ? 1_555 93.1  ? 
2  ND1 ? A HIS 51  ? A HIS 51  ? 1_555 FE ? B FE . ? A FE 300 ? 1_555 NE2 ? A HIS 95  ? A HIS 95  ? 1_555 105.0 ? 
3  OE1 ? A GLU 57  ? A GLU 57  ? 1_555 FE ? B FE . ? A FE 300 ? 1_555 NE2 ? A HIS 95  ? A HIS 95  ? 1_555 99.2  ? 
4  ND1 ? A HIS 51  ? A HIS 51  ? 1_555 FE ? B FE . ? A FE 300 ? 1_555 O2  ? D OXY .   ? A OXY 310 ? 1_555 93.6  ? 
5  OE1 ? A GLU 57  ? A GLU 57  ? 1_555 FE ? B FE . ? A FE 300 ? 1_555 O2  ? D OXY .   ? A OXY 310 ? 1_555 169.1 ? 
6  NE2 ? A HIS 95  ? A HIS 95  ? 1_555 FE ? B FE . ? A FE 300 ? 1_555 O2  ? D OXY .   ? A OXY 310 ? 1_555 87.3  ? 
7  ND1 ? A HIS 51  ? A HIS 51  ? 1_555 FE ? B FE . ? A FE 300 ? 1_555 OAD ? F 4AA .   ? A 4AA 401 ? 1_555 99.9  ? 
8  OE1 ? A GLU 57  ? A GLU 57  ? 1_555 FE ? B FE . ? A FE 300 ? 1_555 OAD ? F 4AA .   ? A 4AA 401 ? 1_555 79.4  ? 
9  NE2 ? A HIS 95  ? A HIS 95  ? 1_555 FE ? B FE . ? A FE 300 ? 1_555 OAD ? F 4AA .   ? A 4AA 401 ? 1_555 155.1 ? 
10 O2  ? D OXY .   ? A OXY 310 ? 1_555 FE ? B FE . ? A FE 300 ? 1_555 OAD ? F 4AA .   ? A 4AA 401 ? 1_555 91.0  ? 
11 SG  ? A CYS 125 ? A CYS 125 ? 1_555 FE ? C FE . ? A FE 301 ? 1_555 SG  ? A CYS 128 ? A CYS 128 ? 1_555 126.1 ? 
12 SG  ? A CYS 125 ? A CYS 125 ? 1_555 FE ? C FE . ? A FE 301 ? 1_555 SG  ? A CYS 162 ? A CYS 162 ? 1_555 112.9 ? 
13 SG  ? A CYS 128 ? A CYS 128 ? 1_555 FE ? C FE . ? A FE 301 ? 1_555 SG  ? A CYS 162 ? A CYS 162 ? 1_555 91.3  ? 
14 SG  ? A CYS 125 ? A CYS 125 ? 1_555 FE ? C FE . ? A FE 301 ? 1_555 SG  ? A CYS 165 ? A CYS 165 ? 1_555 104.6 ? 
15 SG  ? A CYS 128 ? A CYS 128 ? 1_555 FE ? C FE . ? A FE 301 ? 1_555 SG  ? A CYS 165 ? A CYS 165 ? 1_555 113.9 ? 
16 SG  ? A CYS 162 ? A CYS 162 ? 1_555 FE ? C FE . ? A FE 301 ? 1_555 SG  ? A CYS 165 ? A CYS 165 ? 1_555 106.4 ? 
# 
loop_
_struct_mon_prot_cis.pdbx_id 
_struct_mon_prot_cis.label_comp_id 
_struct_mon_prot_cis.label_seq_id 
_struct_mon_prot_cis.label_asym_id 
_struct_mon_prot_cis.label_alt_id 
_struct_mon_prot_cis.pdbx_PDB_ins_code 
_struct_mon_prot_cis.auth_comp_id 
_struct_mon_prot_cis.auth_seq_id 
_struct_mon_prot_cis.auth_asym_id 
_struct_mon_prot_cis.pdbx_label_comp_id_2 
_struct_mon_prot_cis.pdbx_label_seq_id_2 
_struct_mon_prot_cis.pdbx_label_asym_id_2 
_struct_mon_prot_cis.pdbx_PDB_ins_code_2 
_struct_mon_prot_cis.pdbx_auth_comp_id_2 
_struct_mon_prot_cis.pdbx_auth_seq_id_2 
_struct_mon_prot_cis.pdbx_auth_asym_id_2 
_struct_mon_prot_cis.pdbx_PDB_model_num 
_struct_mon_prot_cis.pdbx_omega_angle 
1 PRO 23 A . ? PRO 23 A PRO 24 A ? PRO 24 A 1 -0.02 
2 GLY 43 A . ? GLY 43 A PRO 44 A ? PRO 44 A 1 -0.26 
# 
loop_
_struct_sheet.id 
_struct_sheet.type 
_struct_sheet.number_strands 
_struct_sheet.details 
A ? 5 ? 
B ? 3 ? 
C ? 3 ? 
# 
loop_
_struct_sheet_order.sheet_id 
_struct_sheet_order.range_id_1 
_struct_sheet_order.range_id_2 
_struct_sheet_order.offset 
_struct_sheet_order.sense 
A 1 2 ? anti-parallel 
A 2 3 ? anti-parallel 
A 3 4 ? anti-parallel 
A 4 5 ? anti-parallel 
B 1 2 ? anti-parallel 
B 2 3 ? anti-parallel 
C 1 2 ? anti-parallel 
C 2 3 ? anti-parallel 
# 
loop_
_struct_sheet_range.sheet_id 
_struct_sheet_range.id 
_struct_sheet_range.beg_label_comp_id 
_struct_sheet_range.beg_label_asym_id 
_struct_sheet_range.beg_label_seq_id 
_struct_sheet_range.pdbx_beg_PDB_ins_code 
_struct_sheet_range.end_label_comp_id 
_struct_sheet_range.end_label_asym_id 
_struct_sheet_range.end_label_seq_id 
_struct_sheet_range.pdbx_end_PDB_ins_code 
_struct_sheet_range.beg_auth_comp_id 
_struct_sheet_range.beg_auth_asym_id 
_struct_sheet_range.beg_auth_seq_id 
_struct_sheet_range.end_auth_comp_id 
_struct_sheet_range.end_auth_asym_id 
_struct_sheet_range.end_auth_seq_id 
A 1 ASN A 27  ? GLN A 29  ? ASN A 27  GLN A 29  
A 2 PHE A 36  ? VAL A 41  ? PHE A 36  VAL A 41  
A 3 ALA A 105 ? ARG A 111 ? ALA A 105 ARG A 111 
A 4 GLU A 57  ? ARG A 63  ? GLU A 57  ARG A 63  
A 5 ILE A 86  ? LEU A 89  ? ILE A 86  LEU A 89  
B 1 TYR A 50  ? ASP A 52  ? TYR A 50  ASP A 52  
B 2 ASP A 119 ? TYR A 124 ? ASP A 119 TYR A 124 
B 3 LEU A 131 ? VAL A 137 ? LEU A 131 VAL A 137 
C 1 ARG A 75  ? LEU A 81  ? ARG A 75  LEU A 81  
C 2 ALA A 66  ? VAL A 72  ? ALA A 66  VAL A 72  
C 3 HIS A 95  ? GLN A 98  ? HIS A 95  GLN A 98  
# 
loop_
_pdbx_struct_sheet_hbond.sheet_id 
_pdbx_struct_sheet_hbond.range_id_1 
_pdbx_struct_sheet_hbond.range_id_2 
_pdbx_struct_sheet_hbond.range_1_label_atom_id 
_pdbx_struct_sheet_hbond.range_1_label_comp_id 
_pdbx_struct_sheet_hbond.range_1_label_asym_id 
_pdbx_struct_sheet_hbond.range_1_label_seq_id 
_pdbx_struct_sheet_hbond.range_1_PDB_ins_code 
_pdbx_struct_sheet_hbond.range_1_auth_atom_id 
_pdbx_struct_sheet_hbond.range_1_auth_comp_id 
_pdbx_struct_sheet_hbond.range_1_auth_asym_id 
_pdbx_struct_sheet_hbond.range_1_auth_seq_id 
_pdbx_struct_sheet_hbond.range_2_label_atom_id 
_pdbx_struct_sheet_hbond.range_2_label_comp_id 
_pdbx_struct_sheet_hbond.range_2_label_asym_id 
_pdbx_struct_sheet_hbond.range_2_label_seq_id 
_pdbx_struct_sheet_hbond.range_2_PDB_ins_code 
_pdbx_struct_sheet_hbond.range_2_auth_atom_id 
_pdbx_struct_sheet_hbond.range_2_auth_comp_id 
_pdbx_struct_sheet_hbond.range_2_auth_asym_id 
_pdbx_struct_sheet_hbond.range_2_auth_seq_id 
A 1 2 N ARG A 28  ? N ARG A 28  O VAL A 40  ? O VAL A 40  
A 2 3 N ILE A 37  ? N ILE A 37  O GLU A 110 ? O GLU A 110 
A 3 4 O LEU A 107 ? O LEU A 107 N TYR A 60  ? N TYR A 60  
A 4 5 N PHE A 59  ? N PHE A 59  O PHE A 87  ? O PHE A 87  
B 1 2 N TYR A 50  ? N TYR A 50  O GLU A 122 ? O GLU A 122 
B 2 3 N TRP A 123 ? N TRP A 123 O VAL A 132 ? O VAL A 132 
C 1 2 O LEU A 81  ? O LEU A 81  N ALA A 66  ? N ALA A 66  
C 2 3 N TYR A 67  ? N TYR A 67  O GLN A 98  ? O GLN A 98  
# 
loop_
_struct_site.id 
_struct_site.pdbx_evidence_code 
_struct_site.pdbx_auth_asym_id 
_struct_site.pdbx_auth_comp_id 
_struct_site.pdbx_auth_seq_id 
_struct_site.pdbx_auth_ins_code 
_struct_site.pdbx_num_residues 
_struct_site.details 
AC1 Software A FE  300 ? 5  'BINDING SITE FOR RESIDUE FE A 300'  
AC2 Software A FE  301 ? 4  'BINDING SITE FOR RESIDUE FE A 301'  
AC3 Software A OXY 310 ? 6  'BINDING SITE FOR RESIDUE OXY A 310' 
AC4 Software A TRS 400 ? 7  'BINDING SITE FOR RESIDUE TRS A 400' 
AC5 Software A 4AA 401 ? 13 'BINDING SITE FOR RESIDUE 4AA A 401' 
# 
loop_
_struct_site_gen.id 
_struct_site_gen.site_id 
_struct_site_gen.pdbx_num_res 
_struct_site_gen.label_comp_id 
_struct_site_gen.label_asym_id 
_struct_site_gen.label_seq_id 
_struct_site_gen.pdbx_auth_ins_code 
_struct_site_gen.auth_comp_id 
_struct_site_gen.auth_asym_id 
_struct_site_gen.auth_seq_id 
_struct_site_gen.label_atom_id 
_struct_site_gen.label_alt_id 
_struct_site_gen.symmetry 
_struct_site_gen.details 
1  AC1 5  HIS A 51  ? HIS A 51  . ? 1_555 ? 
2  AC1 5  GLU A 57  ? GLU A 57  . ? 1_555 ? 
3  AC1 5  HIS A 95  ? HIS A 95  . ? 1_555 ? 
4  AC1 5  OXY D .   ? OXY A 310 . ? 1_555 ? 
5  AC1 5  4AA F .   ? 4AA A 401 . ? 1_555 ? 
6  AC2 4  CYS A 125 ? CYS A 125 . ? 1_555 ? 
7  AC2 4  CYS A 128 ? CYS A 128 . ? 1_555 ? 
8  AC2 4  CYS A 162 ? CYS A 162 . ? 1_555 ? 
9  AC2 4  CYS A 165 ? CYS A 165 . ? 1_555 ? 
10 AC3 6  ARG A 47  ? ARG A 47  . ? 1_555 ? 
11 AC3 6  HIS A 51  ? HIS A 51  . ? 1_555 ? 
12 AC3 6  HIS A 95  ? HIS A 95  . ? 1_555 ? 
13 AC3 6  PRO A 97  ? PRO A 97  . ? 1_555 ? 
14 AC3 6  FE  B .   ? FE  A 300 . ? 1_555 ? 
15 AC3 6  4AA F .   ? 4AA A 401 . ? 1_555 ? 
16 AC4 7  VAL A 132 ? VAL A 132 . ? 1_555 ? 
17 AC4 7  HIS A 133 ? HIS A 133 . ? 1_555 ? 
18 AC4 7  ASP A 158 ? ASP A 158 . ? 1_555 ? 
19 AC4 7  LYS A 159 ? LYS A 159 . ? 1_555 ? 
20 AC4 7  ARG A 161 ? ARG A 161 . ? 1_555 ? 
21 AC4 7  PRO A 163 ? PRO A 163 . ? 1_555 ? 
22 AC4 7  HOH G .   ? HOH A 430 . ? 1_555 ? 
23 AC5 13 VAL A 25  ? VAL A 25  . ? 1_555 ? 
24 AC5 13 VAL A 41  ? VAL A 41  . ? 1_555 ? 
25 AC5 13 ARG A 47  ? ARG A 47  . ? 1_555 ? 
26 AC5 13 HIS A 51  ? HIS A 51  . ? 1_555 ? 
27 AC5 13 GLU A 57  ? GLU A 57  . ? 1_555 ? 
28 AC5 13 PHE A 59  ? PHE A 59  . ? 1_555 ? 
29 AC5 13 PRO A 97  ? PRO A 97  . ? 1_555 ? 
30 AC5 13 ARG A 99  ? ARG A 99  . ? 1_555 ? 
31 AC5 13 GLU A 110 ? GLU A 110 . ? 1_555 ? 
32 AC5 13 ILE A 142 ? ILE A 142 . ? 1_555 ? 
33 AC5 13 FE  B .   ? FE  A 300 . ? 1_555 ? 
34 AC5 13 OXY D .   ? OXY A 310 . ? 1_555 ? 
35 AC5 13 HOH G .   ? HOH A 485 . ? 1_555 ? 
# 
loop_
_pdbx_validate_torsion.id 
_pdbx_validate_torsion.PDB_model_num 
_pdbx_validate_torsion.auth_comp_id 
_pdbx_validate_torsion.auth_asym_id 
_pdbx_validate_torsion.auth_seq_id 
_pdbx_validate_torsion.PDB_ins_code 
_pdbx_validate_torsion.label_alt_id 
_pdbx_validate_torsion.phi 
_pdbx_validate_torsion.psi 
1 1 ARG A 28  ? ? -165.76 106.48 
2 1 HIS A 92  ? ? 70.75   -7.51  
3 1 ALA A 127 ? ? -97.66  -66.20 
4 1 ARG A 172 ? ? -38.43  -34.10 
# 
loop_
_chem_comp_atom.comp_id 
_chem_comp_atom.atom_id 
_chem_comp_atom.type_symbol 
_chem_comp_atom.pdbx_aromatic_flag 
_chem_comp_atom.pdbx_stereo_config 
_chem_comp_atom.pdbx_ordinal 
4AA OAB  O  N N 1   
4AA CAH  C  N N 2   
4AA OAC  O  N N 3   
4AA CAL  C  Y N 4   
4AA CAG  C  Y N 5   
4AA CAF  C  Y N 6   
4AA CAJ  C  Y N 7   
4AA CLAE CL N N 8   
4AA CAK  C  Y N 9   
4AA OAD  O  N N 10  
4AA CAI  C  Y N 11  
4AA NAA  N  N N 12  
4AA HAB  H  N N 13  
4AA HAG  H  N N 14  
4AA HAF  H  N N 15  
4AA HAD  H  N N 16  
4AA HAA1 H  N N 17  
4AA HAA2 H  N N 18  
ALA N    N  N N 19  
ALA CA   C  N S 20  
ALA C    C  N N 21  
ALA O    O  N N 22  
ALA CB   C  N N 23  
ALA OXT  O  N N 24  
ALA H    H  N N 25  
ALA H2   H  N N 26  
ALA HA   H  N N 27  
ALA HB1  H  N N 28  
ALA HB2  H  N N 29  
ALA HB3  H  N N 30  
ALA HXT  H  N N 31  
ARG N    N  N N 32  
ARG CA   C  N S 33  
ARG C    C  N N 34  
ARG O    O  N N 35  
ARG CB   C  N N 36  
ARG CG   C  N N 37  
ARG CD   C  N N 38  
ARG NE   N  N N 39  
ARG CZ   C  N N 40  
ARG NH1  N  N N 41  
ARG NH2  N  N N 42  
ARG OXT  O  N N 43  
ARG H    H  N N 44  
ARG H2   H  N N 45  
ARG HA   H  N N 46  
ARG HB2  H  N N 47  
ARG HB3  H  N N 48  
ARG HG2  H  N N 49  
ARG HG3  H  N N 50  
ARG HD2  H  N N 51  
ARG HD3  H  N N 52  
ARG HE   H  N N 53  
ARG HH11 H  N N 54  
ARG HH12 H  N N 55  
ARG HH21 H  N N 56  
ARG HH22 H  N N 57  
ARG HXT  H  N N 58  
ASN N    N  N N 59  
ASN CA   C  N S 60  
ASN C    C  N N 61  
ASN O    O  N N 62  
ASN CB   C  N N 63  
ASN CG   C  N N 64  
ASN OD1  O  N N 65  
ASN ND2  N  N N 66  
ASN OXT  O  N N 67  
ASN H    H  N N 68  
ASN H2   H  N N 69  
ASN HA   H  N N 70  
ASN HB2  H  N N 71  
ASN HB3  H  N N 72  
ASN HD21 H  N N 73  
ASN HD22 H  N N 74  
ASN HXT  H  N N 75  
ASP N    N  N N 76  
ASP CA   C  N S 77  
ASP C    C  N N 78  
ASP O    O  N N 79  
ASP CB   C  N N 80  
ASP CG   C  N N 81  
ASP OD1  O  N N 82  
ASP OD2  O  N N 83  
ASP OXT  O  N N 84  
ASP H    H  N N 85  
ASP H2   H  N N 86  
ASP HA   H  N N 87  
ASP HB2  H  N N 88  
ASP HB3  H  N N 89  
ASP HD2  H  N N 90  
ASP HXT  H  N N 91  
CYS N    N  N N 92  
CYS CA   C  N R 93  
CYS C    C  N N 94  
CYS O    O  N N 95  
CYS CB   C  N N 96  
CYS SG   S  N N 97  
CYS OXT  O  N N 98  
CYS H    H  N N 99  
CYS H2   H  N N 100 
CYS HA   H  N N 101 
CYS HB2  H  N N 102 
CYS HB3  H  N N 103 
CYS HG   H  N N 104 
CYS HXT  H  N N 105 
FE  FE   FE N N 106 
GLN N    N  N N 107 
GLN CA   C  N S 108 
GLN C    C  N N 109 
GLN O    O  N N 110 
GLN CB   C  N N 111 
GLN CG   C  N N 112 
GLN CD   C  N N 113 
GLN OE1  O  N N 114 
GLN NE2  N  N N 115 
GLN OXT  O  N N 116 
GLN H    H  N N 117 
GLN H2   H  N N 118 
GLN HA   H  N N 119 
GLN HB2  H  N N 120 
GLN HB3  H  N N 121 
GLN HG2  H  N N 122 
GLN HG3  H  N N 123 
GLN HE21 H  N N 124 
GLN HE22 H  N N 125 
GLN HXT  H  N N 126 
GLU N    N  N N 127 
GLU CA   C  N S 128 
GLU C    C  N N 129 
GLU O    O  N N 130 
GLU CB   C  N N 131 
GLU CG   C  N N 132 
GLU CD   C  N N 133 
GLU OE1  O  N N 134 
GLU OE2  O  N N 135 
GLU OXT  O  N N 136 
GLU H    H  N N 137 
GLU H2   H  N N 138 
GLU HA   H  N N 139 
GLU HB2  H  N N 140 
GLU HB3  H  N N 141 
GLU HG2  H  N N 142 
GLU HG3  H  N N 143 
GLU HE2  H  N N 144 
GLU HXT  H  N N 145 
GLY N    N  N N 146 
GLY CA   C  N N 147 
GLY C    C  N N 148 
GLY O    O  N N 149 
GLY OXT  O  N N 150 
GLY H    H  N N 151 
GLY H2   H  N N 152 
GLY HA2  H  N N 153 
GLY HA3  H  N N 154 
GLY HXT  H  N N 155 
HIS N    N  N N 156 
HIS CA   C  N S 157 
HIS C    C  N N 158 
HIS O    O  N N 159 
HIS CB   C  N N 160 
HIS CG   C  Y N 161 
HIS ND1  N  Y N 162 
HIS CD2  C  Y N 163 
HIS CE1  C  Y N 164 
HIS NE2  N  Y N 165 
HIS OXT  O  N N 166 
HIS H    H  N N 167 
HIS H2   H  N N 168 
HIS HA   H  N N 169 
HIS HB2  H  N N 170 
HIS HB3  H  N N 171 
HIS HD1  H  N N 172 
HIS HD2  H  N N 173 
HIS HE1  H  N N 174 
HIS HE2  H  N N 175 
HIS HXT  H  N N 176 
HOH O    O  N N 177 
HOH H1   H  N N 178 
HOH H2   H  N N 179 
ILE N    N  N N 180 
ILE CA   C  N S 181 
ILE C    C  N N 182 
ILE O    O  N N 183 
ILE CB   C  N S 184 
ILE CG1  C  N N 185 
ILE CG2  C  N N 186 
ILE CD1  C  N N 187 
ILE OXT  O  N N 188 
ILE H    H  N N 189 
ILE H2   H  N N 190 
ILE HA   H  N N 191 
ILE HB   H  N N 192 
ILE HG12 H  N N 193 
ILE HG13 H  N N 194 
ILE HG21 H  N N 195 
ILE HG22 H  N N 196 
ILE HG23 H  N N 197 
ILE HD11 H  N N 198 
ILE HD12 H  N N 199 
ILE HD13 H  N N 200 
ILE HXT  H  N N 201 
LEU N    N  N N 202 
LEU CA   C  N S 203 
LEU C    C  N N 204 
LEU O    O  N N 205 
LEU CB   C  N N 206 
LEU CG   C  N N 207 
LEU CD1  C  N N 208 
LEU CD2  C  N N 209 
LEU OXT  O  N N 210 
LEU H    H  N N 211 
LEU H2   H  N N 212 
LEU HA   H  N N 213 
LEU HB2  H  N N 214 
LEU HB3  H  N N 215 
LEU HG   H  N N 216 
LEU HD11 H  N N 217 
LEU HD12 H  N N 218 
LEU HD13 H  N N 219 
LEU HD21 H  N N 220 
LEU HD22 H  N N 221 
LEU HD23 H  N N 222 
LEU HXT  H  N N 223 
LYS N    N  N N 224 
LYS CA   C  N S 225 
LYS C    C  N N 226 
LYS O    O  N N 227 
LYS CB   C  N N 228 
LYS CG   C  N N 229 
LYS CD   C  N N 230 
LYS CE   C  N N 231 
LYS NZ   N  N N 232 
LYS OXT  O  N N 233 
LYS H    H  N N 234 
LYS H2   H  N N 235 
LYS HA   H  N N 236 
LYS HB2  H  N N 237 
LYS HB3  H  N N 238 
LYS HG2  H  N N 239 
LYS HG3  H  N N 240 
LYS HD2  H  N N 241 
LYS HD3  H  N N 242 
LYS HE2  H  N N 243 
LYS HE3  H  N N 244 
LYS HZ1  H  N N 245 
LYS HZ2  H  N N 246 
LYS HZ3  H  N N 247 
LYS HXT  H  N N 248 
MET N    N  N N 249 
MET CA   C  N S 250 
MET C    C  N N 251 
MET O    O  N N 252 
MET CB   C  N N 253 
MET CG   C  N N 254 
MET SD   S  N N 255 
MET CE   C  N N 256 
MET OXT  O  N N 257 
MET H    H  N N 258 
MET H2   H  N N 259 
MET HA   H  N N 260 
MET HB2  H  N N 261 
MET HB3  H  N N 262 
MET HG2  H  N N 263 
MET HG3  H  N N 264 
MET HE1  H  N N 265 
MET HE2  H  N N 266 
MET HE3  H  N N 267 
MET HXT  H  N N 268 
OXY O1   O  N N 269 
OXY O2   O  N N 270 
PHE N    N  N N 271 
PHE CA   C  N S 272 
PHE C    C  N N 273 
PHE O    O  N N 274 
PHE CB   C  N N 275 
PHE CG   C  Y N 276 
PHE CD1  C  Y N 277 
PHE CD2  C  Y N 278 
PHE CE1  C  Y N 279 
PHE CE2  C  Y N 280 
PHE CZ   C  Y N 281 
PHE OXT  O  N N 282 
PHE H    H  N N 283 
PHE H2   H  N N 284 
PHE HA   H  N N 285 
PHE HB2  H  N N 286 
PHE HB3  H  N N 287 
PHE HD1  H  N N 288 
PHE HD2  H  N N 289 
PHE HE1  H  N N 290 
PHE HE2  H  N N 291 
PHE HZ   H  N N 292 
PHE HXT  H  N N 293 
PRO N    N  N N 294 
PRO CA   C  N S 295 
PRO C    C  N N 296 
PRO O    O  N N 297 
PRO CB   C  N N 298 
PRO CG   C  N N 299 
PRO CD   C  N N 300 
PRO OXT  O  N N 301 
PRO H    H  N N 302 
PRO HA   H  N N 303 
PRO HB2  H  N N 304 
PRO HB3  H  N N 305 
PRO HG2  H  N N 306 
PRO HG3  H  N N 307 
PRO HD2  H  N N 308 
PRO HD3  H  N N 309 
PRO HXT  H  N N 310 
SER N    N  N N 311 
SER CA   C  N S 312 
SER C    C  N N 313 
SER O    O  N N 314 
SER CB   C  N N 315 
SER OG   O  N N 316 
SER OXT  O  N N 317 
SER H    H  N N 318 
SER H2   H  N N 319 
SER HA   H  N N 320 
SER HB2  H  N N 321 
SER HB3  H  N N 322 
SER HG   H  N N 323 
SER HXT  H  N N 324 
THR N    N  N N 325 
THR CA   C  N S 326 
THR C    C  N N 327 
THR O    O  N N 328 
THR CB   C  N R 329 
THR OG1  O  N N 330 
THR CG2  C  N N 331 
THR OXT  O  N N 332 
THR H    H  N N 333 
THR H2   H  N N 334 
THR HA   H  N N 335 
THR HB   H  N N 336 
THR HG1  H  N N 337 
THR HG21 H  N N 338 
THR HG22 H  N N 339 
THR HG23 H  N N 340 
THR HXT  H  N N 341 
TRP N    N  N N 342 
TRP CA   C  N S 343 
TRP C    C  N N 344 
TRP O    O  N N 345 
TRP CB   C  N N 346 
TRP CG   C  Y N 347 
TRP CD1  C  Y N 348 
TRP CD2  C  Y N 349 
TRP NE1  N  Y N 350 
TRP CE2  C  Y N 351 
TRP CE3  C  Y N 352 
TRP CZ2  C  Y N 353 
TRP CZ3  C  Y N 354 
TRP CH2  C  Y N 355 
TRP OXT  O  N N 356 
TRP H    H  N N 357 
TRP H2   H  N N 358 
TRP HA   H  N N 359 
TRP HB2  H  N N 360 
TRP HB3  H  N N 361 
TRP HD1  H  N N 362 
TRP HE1  H  N N 363 
TRP HE3  H  N N 364 
TRP HZ2  H  N N 365 
TRP HZ3  H  N N 366 
TRP HH2  H  N N 367 
TRP HXT  H  N N 368 
TRS C    C  N N 369 
TRS C1   C  N N 370 
TRS C2   C  N N 371 
TRS C3   C  N N 372 
TRS N    N  N N 373 
TRS O1   O  N N 374 
TRS O2   O  N N 375 
TRS O3   O  N N 376 
TRS H11  H  N N 377 
TRS H12  H  N N 378 
TRS H21  H  N N 379 
TRS H22  H  N N 380 
TRS H31  H  N N 381 
TRS H32  H  N N 382 
TRS HN1  H  N N 383 
TRS HN2  H  N N 384 
TRS HN3  H  N N 385 
TRS HO1  H  N N 386 
TRS HO2  H  N N 387 
TRS HO3  H  N N 388 
TYR N    N  N N 389 
TYR CA   C  N S 390 
TYR C    C  N N 391 
TYR O    O  N N 392 
TYR CB   C  N N 393 
TYR CG   C  Y N 394 
TYR CD1  C  Y N 395 
TYR CD2  C  Y N 396 
TYR CE1  C  Y N 397 
TYR CE2  C  Y N 398 
TYR CZ   C  Y N 399 
TYR OH   O  N N 400 
TYR OXT  O  N N 401 
TYR H    H  N N 402 
TYR H2   H  N N 403 
TYR HA   H  N N 404 
TYR HB2  H  N N 405 
TYR HB3  H  N N 406 
TYR HD1  H  N N 407 
TYR HD2  H  N N 408 
TYR HE1  H  N N 409 
TYR HE2  H  N N 410 
TYR HH   H  N N 411 
TYR HXT  H  N N 412 
VAL N    N  N N 413 
VAL CA   C  N S 414 
VAL C    C  N N 415 
VAL O    O  N N 416 
VAL CB   C  N N 417 
VAL CG1  C  N N 418 
VAL CG2  C  N N 419 
VAL OXT  O  N N 420 
VAL H    H  N N 421 
VAL H2   H  N N 422 
VAL HA   H  N N 423 
VAL HB   H  N N 424 
VAL HG11 H  N N 425 
VAL HG12 H  N N 426 
VAL HG13 H  N N 427 
VAL HG21 H  N N 428 
VAL HG22 H  N N 429 
VAL HG23 H  N N 430 
VAL HXT  H  N N 431 
# 
loop_
_chem_comp_bond.comp_id 
_chem_comp_bond.atom_id_1 
_chem_comp_bond.atom_id_2 
_chem_comp_bond.value_order 
_chem_comp_bond.pdbx_aromatic_flag 
_chem_comp_bond.pdbx_stereo_config 
_chem_comp_bond.pdbx_ordinal 
4AA OAB CAH  sing N N 1   
4AA OAB HAB  sing N N 2   
4AA CAH OAC  doub N N 3   
4AA CAH CAL  sing N N 4   
4AA CAL CAG  doub Y N 5   
4AA CAL CAI  sing Y N 6   
4AA CAG CAF  sing Y N 7   
4AA CAG HAG  sing N N 8   
4AA CAF CAJ  doub Y N 9   
4AA CAF HAF  sing N N 10  
4AA CAJ CLAE sing N N 11  
4AA CAJ CAK  sing Y N 12  
4AA CAK OAD  sing N N 13  
4AA CAK CAI  doub Y N 14  
4AA OAD HAD  sing N N 15  
4AA CAI NAA  sing N N 16  
4AA NAA HAA1 sing N N 17  
4AA NAA HAA2 sing N N 18  
ALA N   CA   sing N N 19  
ALA N   H    sing N N 20  
ALA N   H2   sing N N 21  
ALA CA  C    sing N N 22  
ALA CA  CB   sing N N 23  
ALA CA  HA   sing N N 24  
ALA C   O    doub N N 25  
ALA C   OXT  sing N N 26  
ALA CB  HB1  sing N N 27  
ALA CB  HB2  sing N N 28  
ALA CB  HB3  sing N N 29  
ALA OXT HXT  sing N N 30  
ARG N   CA   sing N N 31  
ARG N   H    sing N N 32  
ARG N   H2   sing N N 33  
ARG CA  C    sing N N 34  
ARG CA  CB   sing N N 35  
ARG CA  HA   sing N N 36  
ARG C   O    doub N N 37  
ARG C   OXT  sing N N 38  
ARG CB  CG   sing N N 39  
ARG CB  HB2  sing N N 40  
ARG CB  HB3  sing N N 41  
ARG CG  CD   sing N N 42  
ARG CG  HG2  sing N N 43  
ARG CG  HG3  sing N N 44  
ARG CD  NE   sing N N 45  
ARG CD  HD2  sing N N 46  
ARG CD  HD3  sing N N 47  
ARG NE  CZ   sing N N 48  
ARG NE  HE   sing N N 49  
ARG CZ  NH1  sing N N 50  
ARG CZ  NH2  doub N N 51  
ARG NH1 HH11 sing N N 52  
ARG NH1 HH12 sing N N 53  
ARG NH2 HH21 sing N N 54  
ARG NH2 HH22 sing N N 55  
ARG OXT HXT  sing N N 56  
ASN N   CA   sing N N 57  
ASN N   H    sing N N 58  
ASN N   H2   sing N N 59  
ASN CA  C    sing N N 60  
ASN CA  CB   sing N N 61  
ASN CA  HA   sing N N 62  
ASN C   O    doub N N 63  
ASN C   OXT  sing N N 64  
ASN CB  CG   sing N N 65  
ASN CB  HB2  sing N N 66  
ASN CB  HB3  sing N N 67  
ASN CG  OD1  doub N N 68  
ASN CG  ND2  sing N N 69  
ASN ND2 HD21 sing N N 70  
ASN ND2 HD22 sing N N 71  
ASN OXT HXT  sing N N 72  
ASP N   CA   sing N N 73  
ASP N   H    sing N N 74  
ASP N   H2   sing N N 75  
ASP CA  C    sing N N 76  
ASP CA  CB   sing N N 77  
ASP CA  HA   sing N N 78  
ASP C   O    doub N N 79  
ASP C   OXT  sing N N 80  
ASP CB  CG   sing N N 81  
ASP CB  HB2  sing N N 82  
ASP CB  HB3  sing N N 83  
ASP CG  OD1  doub N N 84  
ASP CG  OD2  sing N N 85  
ASP OD2 HD2  sing N N 86  
ASP OXT HXT  sing N N 87  
CYS N   CA   sing N N 88  
CYS N   H    sing N N 89  
CYS N   H2   sing N N 90  
CYS CA  C    sing N N 91  
CYS CA  CB   sing N N 92  
CYS CA  HA   sing N N 93  
CYS C   O    doub N N 94  
CYS C   OXT  sing N N 95  
CYS CB  SG   sing N N 96  
CYS CB  HB2  sing N N 97  
CYS CB  HB3  sing N N 98  
CYS SG  HG   sing N N 99  
CYS OXT HXT  sing N N 100 
GLN N   CA   sing N N 101 
GLN N   H    sing N N 102 
GLN N   H2   sing N N 103 
GLN CA  C    sing N N 104 
GLN CA  CB   sing N N 105 
GLN CA  HA   sing N N 106 
GLN C   O    doub N N 107 
GLN C   OXT  sing N N 108 
GLN CB  CG   sing N N 109 
GLN CB  HB2  sing N N 110 
GLN CB  HB3  sing N N 111 
GLN CG  CD   sing N N 112 
GLN CG  HG2  sing N N 113 
GLN CG  HG3  sing N N 114 
GLN CD  OE1  doub N N 115 
GLN CD  NE2  sing N N 116 
GLN NE2 HE21 sing N N 117 
GLN NE2 HE22 sing N N 118 
GLN OXT HXT  sing N N 119 
GLU N   CA   sing N N 120 
GLU N   H    sing N N 121 
GLU N   H2   sing N N 122 
GLU CA  C    sing N N 123 
GLU CA  CB   sing N N 124 
GLU CA  HA   sing N N 125 
GLU C   O    doub N N 126 
GLU C   OXT  sing N N 127 
GLU CB  CG   sing N N 128 
GLU CB  HB2  sing N N 129 
GLU CB  HB3  sing N N 130 
GLU CG  CD   sing N N 131 
GLU CG  HG2  sing N N 132 
GLU CG  HG3  sing N N 133 
GLU CD  OE1  doub N N 134 
GLU CD  OE2  sing N N 135 
GLU OE2 HE2  sing N N 136 
GLU OXT HXT  sing N N 137 
GLY N   CA   sing N N 138 
GLY N   H    sing N N 139 
GLY N   H2   sing N N 140 
GLY CA  C    sing N N 141 
GLY CA  HA2  sing N N 142 
GLY CA  HA3  sing N N 143 
GLY C   O    doub N N 144 
GLY C   OXT  sing N N 145 
GLY OXT HXT  sing N N 146 
HIS N   CA   sing N N 147 
HIS N   H    sing N N 148 
HIS N   H2   sing N N 149 
HIS CA  C    sing N N 150 
HIS CA  CB   sing N N 151 
HIS CA  HA   sing N N 152 
HIS C   O    doub N N 153 
HIS C   OXT  sing N N 154 
HIS CB  CG   sing N N 155 
HIS CB  HB2  sing N N 156 
HIS CB  HB3  sing N N 157 
HIS CG  ND1  sing Y N 158 
HIS CG  CD2  doub Y N 159 
HIS ND1 CE1  doub Y N 160 
HIS ND1 HD1  sing N N 161 
HIS CD2 NE2  sing Y N 162 
HIS CD2 HD2  sing N N 163 
HIS CE1 NE2  sing Y N 164 
HIS CE1 HE1  sing N N 165 
HIS NE2 HE2  sing N N 166 
HIS OXT HXT  sing N N 167 
HOH O   H1   sing N N 168 
HOH O   H2   sing N N 169 
ILE N   CA   sing N N 170 
ILE N   H    sing N N 171 
ILE N   H2   sing N N 172 
ILE CA  C    sing N N 173 
ILE CA  CB   sing N N 174 
ILE CA  HA   sing N N 175 
ILE C   O    doub N N 176 
ILE C   OXT  sing N N 177 
ILE CB  CG1  sing N N 178 
ILE CB  CG2  sing N N 179 
ILE CB  HB   sing N N 180 
ILE CG1 CD1  sing N N 181 
ILE CG1 HG12 sing N N 182 
ILE CG1 HG13 sing N N 183 
ILE CG2 HG21 sing N N 184 
ILE CG2 HG22 sing N N 185 
ILE CG2 HG23 sing N N 186 
ILE CD1 HD11 sing N N 187 
ILE CD1 HD12 sing N N 188 
ILE CD1 HD13 sing N N 189 
ILE OXT HXT  sing N N 190 
LEU N   CA   sing N N 191 
LEU N   H    sing N N 192 
LEU N   H2   sing N N 193 
LEU CA  C    sing N N 194 
LEU CA  CB   sing N N 195 
LEU CA  HA   sing N N 196 
LEU C   O    doub N N 197 
LEU C   OXT  sing N N 198 
LEU CB  CG   sing N N 199 
LEU CB  HB2  sing N N 200 
LEU CB  HB3  sing N N 201 
LEU CG  CD1  sing N N 202 
LEU CG  CD2  sing N N 203 
LEU CG  HG   sing N N 204 
LEU CD1 HD11 sing N N 205 
LEU CD1 HD12 sing N N 206 
LEU CD1 HD13 sing N N 207 
LEU CD2 HD21 sing N N 208 
LEU CD2 HD22 sing N N 209 
LEU CD2 HD23 sing N N 210 
LEU OXT HXT  sing N N 211 
LYS N   CA   sing N N 212 
LYS N   H    sing N N 213 
LYS N   H2   sing N N 214 
LYS CA  C    sing N N 215 
LYS CA  CB   sing N N 216 
LYS CA  HA   sing N N 217 
LYS C   O    doub N N 218 
LYS C   OXT  sing N N 219 
LYS CB  CG   sing N N 220 
LYS CB  HB2  sing N N 221 
LYS CB  HB3  sing N N 222 
LYS CG  CD   sing N N 223 
LYS CG  HG2  sing N N 224 
LYS CG  HG3  sing N N 225 
LYS CD  CE   sing N N 226 
LYS CD  HD2  sing N N 227 
LYS CD  HD3  sing N N 228 
LYS CE  NZ   sing N N 229 
LYS CE  HE2  sing N N 230 
LYS CE  HE3  sing N N 231 
LYS NZ  HZ1  sing N N 232 
LYS NZ  HZ2  sing N N 233 
LYS NZ  HZ3  sing N N 234 
LYS OXT HXT  sing N N 235 
MET N   CA   sing N N 236 
MET N   H    sing N N 237 
MET N   H2   sing N N 238 
MET CA  C    sing N N 239 
MET CA  CB   sing N N 240 
MET CA  HA   sing N N 241 
MET C   O    doub N N 242 
MET C   OXT  sing N N 243 
MET CB  CG   sing N N 244 
MET CB  HB2  sing N N 245 
MET CB  HB3  sing N N 246 
MET CG  SD   sing N N 247 
MET CG  HG2  sing N N 248 
MET CG  HG3  sing N N 249 
MET SD  CE   sing N N 250 
MET CE  HE1  sing N N 251 
MET CE  HE2  sing N N 252 
MET CE  HE3  sing N N 253 
MET OXT HXT  sing N N 254 
OXY O1  O2   doub N N 255 
PHE N   CA   sing N N 256 
PHE N   H    sing N N 257 
PHE N   H2   sing N N 258 
PHE CA  C    sing N N 259 
PHE CA  CB   sing N N 260 
PHE CA  HA   sing N N 261 
PHE C   O    doub N N 262 
PHE C   OXT  sing N N 263 
PHE CB  CG   sing N N 264 
PHE CB  HB2  sing N N 265 
PHE CB  HB3  sing N N 266 
PHE CG  CD1  doub Y N 267 
PHE CG  CD2  sing Y N 268 
PHE CD1 CE1  sing Y N 269 
PHE CD1 HD1  sing N N 270 
PHE CD2 CE2  doub Y N 271 
PHE CD2 HD2  sing N N 272 
PHE CE1 CZ   doub Y N 273 
PHE CE1 HE1  sing N N 274 
PHE CE2 CZ   sing Y N 275 
PHE CE2 HE2  sing N N 276 
PHE CZ  HZ   sing N N 277 
PHE OXT HXT  sing N N 278 
PRO N   CA   sing N N 279 
PRO N   CD   sing N N 280 
PRO N   H    sing N N 281 
PRO CA  C    sing N N 282 
PRO CA  CB   sing N N 283 
PRO CA  HA   sing N N 284 
PRO C   O    doub N N 285 
PRO C   OXT  sing N N 286 
PRO CB  CG   sing N N 287 
PRO CB  HB2  sing N N 288 
PRO CB  HB3  sing N N 289 
PRO CG  CD   sing N N 290 
PRO CG  HG2  sing N N 291 
PRO CG  HG3  sing N N 292 
PRO CD  HD2  sing N N 293 
PRO CD  HD3  sing N N 294 
PRO OXT HXT  sing N N 295 
SER N   CA   sing N N 296 
SER N   H    sing N N 297 
SER N   H2   sing N N 298 
SER CA  C    sing N N 299 
SER CA  CB   sing N N 300 
SER CA  HA   sing N N 301 
SER C   O    doub N N 302 
SER C   OXT  sing N N 303 
SER CB  OG   sing N N 304 
SER CB  HB2  sing N N 305 
SER CB  HB3  sing N N 306 
SER OG  HG   sing N N 307 
SER OXT HXT  sing N N 308 
THR N   CA   sing N N 309 
THR N   H    sing N N 310 
THR N   H2   sing N N 311 
THR CA  C    sing N N 312 
THR CA  CB   sing N N 313 
THR CA  HA   sing N N 314 
THR C   O    doub N N 315 
THR C   OXT  sing N N 316 
THR CB  OG1  sing N N 317 
THR CB  CG2  sing N N 318 
THR CB  HB   sing N N 319 
THR OG1 HG1  sing N N 320 
THR CG2 HG21 sing N N 321 
THR CG2 HG22 sing N N 322 
THR CG2 HG23 sing N N 323 
THR OXT HXT  sing N N 324 
TRP N   CA   sing N N 325 
TRP N   H    sing N N 326 
TRP N   H2   sing N N 327 
TRP CA  C    sing N N 328 
TRP CA  CB   sing N N 329 
TRP CA  HA   sing N N 330 
TRP C   O    doub N N 331 
TRP C   OXT  sing N N 332 
TRP CB  CG   sing N N 333 
TRP CB  HB2  sing N N 334 
TRP CB  HB3  sing N N 335 
TRP CG  CD1  doub Y N 336 
TRP CG  CD2  sing Y N 337 
TRP CD1 NE1  sing Y N 338 
TRP CD1 HD1  sing N N 339 
TRP CD2 CE2  doub Y N 340 
TRP CD2 CE3  sing Y N 341 
TRP NE1 CE2  sing Y N 342 
TRP NE1 HE1  sing N N 343 
TRP CE2 CZ2  sing Y N 344 
TRP CE3 CZ3  doub Y N 345 
TRP CE3 HE3  sing N N 346 
TRP CZ2 CH2  doub Y N 347 
TRP CZ2 HZ2  sing N N 348 
TRP CZ3 CH2  sing Y N 349 
TRP CZ3 HZ3  sing N N 350 
TRP CH2 HH2  sing N N 351 
TRP OXT HXT  sing N N 352 
TRS C   C1   sing N N 353 
TRS C   C2   sing N N 354 
TRS C   C3   sing N N 355 
TRS C   N    sing N N 356 
TRS C1  O1   sing N N 357 
TRS C1  H11  sing N N 358 
TRS C1  H12  sing N N 359 
TRS C2  O2   sing N N 360 
TRS C2  H21  sing N N 361 
TRS C2  H22  sing N N 362 
TRS C3  O3   sing N N 363 
TRS C3  H31  sing N N 364 
TRS C3  H32  sing N N 365 
TRS N   HN1  sing N N 366 
TRS N   HN2  sing N N 367 
TRS N   HN3  sing N N 368 
TRS O1  HO1  sing N N 369 
TRS O2  HO2  sing N N 370 
TRS O3  HO3  sing N N 371 
TYR N   CA   sing N N 372 
TYR N   H    sing N N 373 
TYR N   H2   sing N N 374 
TYR CA  C    sing N N 375 
TYR CA  CB   sing N N 376 
TYR CA  HA   sing N N 377 
TYR C   O    doub N N 378 
TYR C   OXT  sing N N 379 
TYR CB  CG   sing N N 380 
TYR CB  HB2  sing N N 381 
TYR CB  HB3  sing N N 382 
TYR CG  CD1  doub Y N 383 
TYR CG  CD2  sing Y N 384 
TYR CD1 CE1  sing Y N 385 
TYR CD1 HD1  sing N N 386 
TYR CD2 CE2  doub Y N 387 
TYR CD2 HD2  sing N N 388 
TYR CE1 CZ   doub Y N 389 
TYR CE1 HE1  sing N N 390 
TYR CE2 CZ   sing Y N 391 
TYR CE2 HE2  sing N N 392 
TYR CZ  OH   sing N N 393 
TYR OH  HH   sing N N 394 
TYR OXT HXT  sing N N 395 
VAL N   CA   sing N N 396 
VAL N   H    sing N N 397 
VAL N   H2   sing N N 398 
VAL CA  C    sing N N 399 
VAL CA  CB   sing N N 400 
VAL CA  HA   sing N N 401 
VAL C   O    doub N N 402 
VAL C   OXT  sing N N 403 
VAL CB  CG1  sing N N 404 
VAL CB  CG2  sing N N 405 
VAL CB  HB   sing N N 406 
VAL CG1 HG11 sing N N 407 
VAL CG1 HG12 sing N N 408 
VAL CG1 HG13 sing N N 409 
VAL CG2 HG21 sing N N 410 
VAL CG2 HG22 sing N N 411 
VAL CG2 HG23 sing N N 412 
VAL OXT HXT  sing N N 413 
# 
_atom_sites.entry_id                    1YFW 
_atom_sites.fract_transf_matrix[1][1]   -0.01935117 
_atom_sites.fract_transf_matrix[1][2]   -0.00077337 
_atom_sites.fract_transf_matrix[1][3]   0.00430832 
_atom_sites.fract_transf_matrix[2][1]   -0.00885717 
_atom_sites.fract_transf_matrix[2][2]   -0.01753876 
_atom_sites.fract_transf_matrix[2][3]   0.00275105 
_atom_sites.fract_transf_matrix[3][1]   0.00092976 
_atom_sites.fract_transf_matrix[3][2]   0.00019088 
_atom_sites.fract_transf_matrix[3][3]   0.00421034 
_atom_sites.fract_transf_vector[1]      0.393565 
_atom_sites.fract_transf_vector[2]      0.468373 
_atom_sites.fract_transf_vector[3]      0.017624 
# 
loop_
_atom_type.symbol 
C  
CL 
FE 
N  
O  
S  
# 
loop_
_atom_site.group_PDB 
_atom_site.id 
_atom_site.type_symbol 
_atom_site.label_atom_id 
_atom_site.label_alt_id 
_atom_site.label_comp_id 
_atom_site.label_asym_id 
_atom_site.label_entity_id 
_atom_site.label_seq_id 
_atom_site.pdbx_PDB_ins_code 
_atom_site.Cartn_x 
_atom_site.Cartn_y 
_atom_site.Cartn_z 
_atom_site.occupancy 
_atom_site.B_iso_or_equiv 
_atom_site.pdbx_formal_charge 
_atom_site.auth_seq_id 
_atom_site.auth_comp_id 
_atom_site.auth_asym_id 
_atom_site.auth_atom_id 
_atom_site.pdbx_PDB_model_num 
ATOM   1    N  N    . MET A 1 1   ? -17.262 -6.386  26.655  1.00 71.29 ? 1   MET A N    1 
ATOM   2    C  CA   . MET A 1 1   ? -17.033 -7.707  26.003  1.00 71.14 ? 1   MET A CA   1 
ATOM   3    C  C    . MET A 1 1   ? -15.925 -7.618  24.952  1.00 68.10 ? 1   MET A C    1 
ATOM   4    O  O    . MET A 1 1   ? -15.614 -6.530  24.457  1.00 67.25 ? 1   MET A O    1 
ATOM   5    C  CB   . MET A 1 1   ? -18.339 -8.215  25.365  1.00 74.13 ? 1   MET A CB   1 
ATOM   6    C  CG   . MET A 1 1   ? -18.907 -7.334  24.256  1.00 78.08 ? 1   MET A CG   1 
ATOM   7    S  SD   . MET A 1 1   ? -18.637 -8.005  22.584  1.00 84.10 ? 1   MET A SD   1 
ATOM   8    C  CE   . MET A 1 1   ? -20.338 -8.459  22.092  1.00 82.02 ? 1   MET A CE   1 
ATOM   9    N  N    . LEU A 1 2   ? -15.330 -8.764  24.627  1.00 64.41 ? 2   LEU A N    1 
ATOM   10   C  CA   . LEU A 1 2   ? -14.254 -8.819  23.642  1.00 60.48 ? 2   LEU A CA   1 
ATOM   11   C  C    . LEU A 1 2   ? -14.800 -8.742  22.220  1.00 57.67 ? 2   LEU A C    1 
ATOM   12   O  O    . LEU A 1 2   ? -14.908 -9.745  21.517  1.00 56.67 ? 2   LEU A O    1 
ATOM   13   C  CB   . LEU A 1 2   ? -13.429 -10.096 23.829  1.00 60.35 ? 2   LEU A CB   1 
ATOM   14   C  CG   . LEU A 1 2   ? -12.794 -10.263 25.216  1.00 61.30 ? 2   LEU A CG   1 
ATOM   15   C  CD1  . LEU A 1 2   ? -11.856 -11.467 25.229  1.00 59.80 ? 2   LEU A CD1  1 
ATOM   16   C  CD2  . LEU A 1 2   ? -12.032 -8.995  25.573  1.00 60.62 ? 2   LEU A CD2  1 
ATOM   17   N  N    . THR A 1 3   ? -15.138 -7.527  21.814  1.00 54.44 ? 3   THR A N    1 
ATOM   18   C  CA   . THR A 1 3   ? -15.683 -7.248  20.496  1.00 52.97 ? 3   THR A CA   1 
ATOM   19   C  C    . THR A 1 3   ? -14.908 -7.908  19.346  1.00 52.43 ? 3   THR A C    1 
ATOM   20   O  O    . THR A 1 3   ? -15.486 -8.205  18.296  1.00 51.20 ? 3   THR A O    1 
ATOM   21   C  CB   . THR A 1 3   ? -15.706 -5.720  20.250  1.00 53.88 ? 3   THR A CB   1 
ATOM   22   O  OG1  . THR A 1 3   ? -16.358 -5.069  21.345  1.00 56.98 ? 3   THR A OG1  1 
ATOM   23   C  CG2  . THR A 1 3   ? -16.445 -5.386  18.973  1.00 54.11 ? 3   THR A CG2  1 
ATOM   24   N  N    . TYR A 1 4   ? -13.608 -8.139  19.533  1.00 50.71 ? 4   TYR A N    1 
ATOM   25   C  CA   . TYR A 1 4   ? -12.799 -8.719  18.460  1.00 49.46 ? 4   TYR A CA   1 
ATOM   26   C  C    . TYR A 1 4   ? -12.384 -10.161 18.681  1.00 48.92 ? 4   TYR A C    1 
ATOM   27   O  O    . TYR A 1 4   ? -11.470 -10.658 18.021  1.00 50.43 ? 4   TYR A O    1 
ATOM   28   C  CB   . TYR A 1 4   ? -11.555 -7.862  18.218  1.00 48.03 ? 4   TYR A CB   1 
ATOM   29   C  CG   . TYR A 1 4   ? -11.859 -6.389  18.097  1.00 46.77 ? 4   TYR A CG   1 
ATOM   30   C  CD1  . TYR A 1 4   ? -12.641 -5.901  17.057  1.00 46.99 ? 4   TYR A CD1  1 
ATOM   31   C  CD2  . TYR A 1 4   ? -11.380 -5.486  19.042  1.00 48.05 ? 4   TYR A CD2  1 
ATOM   32   C  CE1  . TYR A 1 4   ? -12.940 -4.545  16.962  1.00 47.43 ? 4   TYR A CE1  1 
ATOM   33   C  CE2  . TYR A 1 4   ? -11.668 -4.135  18.957  1.00 45.59 ? 4   TYR A CE2  1 
ATOM   34   C  CZ   . TYR A 1 4   ? -12.446 -3.668  17.919  1.00 47.43 ? 4   TYR A CZ   1 
ATOM   35   O  OH   . TYR A 1 4   ? -12.709 -2.319  17.837  1.00 49.68 ? 4   TYR A OH   1 
ATOM   36   N  N    . GLY A 1 5   ? -13.059 -10.835 19.601  1.00 47.60 ? 5   GLY A N    1 
ATOM   37   C  CA   . GLY A 1 5   ? -12.739 -12.220 19.872  1.00 46.13 ? 5   GLY A CA   1 
ATOM   38   C  C    . GLY A 1 5   ? -11.534 -12.441 20.761  1.00 46.23 ? 5   GLY A C    1 
ATOM   39   O  O    . GLY A 1 5   ? -10.887 -11.501 21.226  1.00 47.51 ? 5   GLY A O    1 
ATOM   40   N  N    . ALA A 1 6   ? -11.235 -13.709 20.997  1.00 44.26 ? 6   ALA A N    1 
ATOM   41   C  CA   . ALA A 1 6   ? -10.126 -14.103 21.843  1.00 43.49 ? 6   ALA A CA   1 
ATOM   42   C  C    . ALA A 1 6   ? -8.811  -14.176 21.067  1.00 44.23 ? 6   ALA A C    1 
ATOM   43   O  O    . ALA A 1 6   ? -8.789  -14.091 19.836  1.00 41.00 ? 6   ALA A O    1 
ATOM   44   C  CB   . ALA A 1 6   ? -10.428 -15.465 22.468  1.00 43.73 ? 6   ALA A CB   1 
ATOM   45   N  N    . PRO A 1 7   ? -7.694  -14.334 21.788  1.00 41.37 ? 7   PRO A N    1 
ATOM   46   C  CA   . PRO A 1 7   ? -6.390  -14.427 21.127  1.00 43.95 ? 7   PRO A CA   1 
ATOM   47   C  C    . PRO A 1 7   ? -6.343  -15.676 20.245  1.00 44.08 ? 7   PRO A C    1 
ATOM   48   O  O    . PRO A 1 7   ? -7.032  -16.659 20.512  1.00 44.02 ? 7   PRO A O    1 
ATOM   49   C  CB   . PRO A 1 7   ? -5.416  -14.536 22.295  1.00 43.42 ? 7   PRO A CB   1 
ATOM   50   C  CG   . PRO A 1 7   ? -6.139  -13.827 23.412  1.00 43.72 ? 7   PRO A CG   1 
ATOM   51   C  CD   . PRO A 1 7   ? -7.543  -14.321 23.249  1.00 40.73 ? 7   PRO A CD   1 
ATOM   52   N  N    . PHE A 1 8   ? -5.528  -15.636 19.198  1.00 43.97 ? 8   PHE A N    1 
ATOM   53   C  CA   . PHE A 1 8   ? -5.380  -16.785 18.314  1.00 45.32 ? 8   PHE A CA   1 
ATOM   54   C  C    . PHE A 1 8   ? -3.987  -16.783 17.673  1.00 46.01 ? 8   PHE A C    1 
ATOM   55   O  O    . PHE A 1 8   ? -3.360  -15.725 17.522  1.00 43.82 ? 8   PHE A O    1 
ATOM   56   C  CB   . PHE A 1 8   ? -6.488  -16.786 17.258  1.00 42.94 ? 8   PHE A CB   1 
ATOM   57   C  CG   . PHE A 1 8   ? -6.476  -15.587 16.348  1.00 44.79 ? 8   PHE A CG   1 
ATOM   58   C  CD1  . PHE A 1 8   ? -5.660  -15.560 15.220  1.00 42.74 ? 8   PHE A CD1  1 
ATOM   59   C  CD2  . PHE A 1 8   ? -7.290  -14.490 16.615  1.00 43.30 ? 8   PHE A CD2  1 
ATOM   60   C  CE1  . PHE A 1 8   ? -5.654  -14.461 14.369  1.00 42.95 ? 8   PHE A CE1  1 
ATOM   61   C  CE2  . PHE A 1 8   ? -7.291  -13.385 15.769  1.00 45.95 ? 8   PHE A CE2  1 
ATOM   62   C  CZ   . PHE A 1 8   ? -6.467  -13.373 14.639  1.00 43.49 ? 8   PHE A CZ   1 
ATOM   63   N  N    . ASN A 1 9   ? -3.504  -17.975 17.322  1.00 46.06 ? 9   ASN A N    1 
ATOM   64   C  CA   . ASN A 1 9   ? -2.183  -18.127 16.731  1.00 43.85 ? 9   ASN A CA   1 
ATOM   65   C  C    . ASN A 1 9   ? -2.136  -17.411 15.388  1.00 44.52 ? 9   ASN A C    1 
ATOM   66   O  O    . ASN A 1 9   ? -2.931  -17.694 14.488  1.00 46.16 ? 9   ASN A O    1 
ATOM   67   C  CB   . ASN A 1 9   ? -1.844  -19.616 16.584  1.00 43.29 ? 9   ASN A CB   1 
ATOM   68   C  CG   . ASN A 1 9   ? -0.382  -19.847 16.241  1.00 43.36 ? 9   ASN A CG   1 
ATOM   69   O  OD1  . ASN A 1 9   ? -0.022  -19.949 15.073  1.00 49.62 ? 9   ASN A OD1  1 
ATOM   70   N  ND2  . ASN A 1 9   ? 0.469   -19.906 17.259  1.00 42.74 ? 9   ASN A ND2  1 
ATOM   71   N  N    . PHE A 1 10  ? -1.202  -16.474 15.256  1.00 41.60 ? 10  PHE A N    1 
ATOM   72   C  CA   . PHE A 1 10  ? -1.097  -15.692 14.023  1.00 41.16 ? 10  PHE A CA   1 
ATOM   73   C  C    . PHE A 1 10  ? -0.487  -16.439 12.837  1.00 39.82 ? 10  PHE A C    1 
ATOM   74   O  O    . PHE A 1 10  ? -0.960  -16.314 11.703  1.00 38.33 ? 10  PHE A O    1 
ATOM   75   C  CB   . PHE A 1 10  ? -0.315  -14.403 14.306  1.00 42.33 ? 10  PHE A CB   1 
ATOM   76   C  CG   . PHE A 1 10  ? -0.510  -13.323 13.272  1.00 42.89 ? 10  PHE A CG   1 
ATOM   77   C  CD1  . PHE A 1 10  ? -1.667  -13.274 12.504  1.00 41.45 ? 10  PHE A CD1  1 
ATOM   78   C  CD2  . PHE A 1 10  ? 0.452   -12.326 13.102  1.00 44.19 ? 10  PHE A CD2  1 
ATOM   79   C  CE1  . PHE A 1 10  ? -1.872  -12.253 11.581  1.00 42.44 ? 10  PHE A CE1  1 
ATOM   80   C  CE2  . PHE A 1 10  ? 0.257   -11.301 12.183  1.00 43.02 ? 10  PHE A CE2  1 
ATOM   81   C  CZ   . PHE A 1 10  ? -0.906  -11.266 11.423  1.00 44.27 ? 10  PHE A CZ   1 
ATOM   82   N  N    . PRO A 1 11  ? 0.583   -17.211 13.074  1.00 40.04 ? 11  PRO A N    1 
ATOM   83   C  CA   . PRO A 1 11  ? 1.213   -17.956 11.980  1.00 42.12 ? 11  PRO A CA   1 
ATOM   84   C  C    . PRO A 1 11  ? 0.202   -18.867 11.303  1.00 43.31 ? 11  PRO A C    1 
ATOM   85   O  O    . PRO A 1 11  ? 0.108   -18.920 10.078  1.00 44.53 ? 11  PRO A O    1 
ATOM   86   C  CB   . PRO A 1 11  ? 2.306   -18.742 12.692  1.00 41.53 ? 11  PRO A CB   1 
ATOM   87   C  CG   . PRO A 1 11  ? 2.706   -17.812 13.795  1.00 40.71 ? 11  PRO A CG   1 
ATOM   88   C  CD   . PRO A 1 11  ? 1.378   -17.319 14.309  1.00 40.41 ? 11  PRO A CD   1 
ATOM   89   N  N    . ARG A 1 12  ? -0.554  -19.587 12.122  1.00 45.93 ? 12  ARG A N    1 
ATOM   90   C  CA   . ARG A 1 12  ? -1.575  -20.491 11.623  1.00 48.13 ? 12  ARG A CA   1 
ATOM   91   C  C    . ARG A 1 12  ? -2.599  -19.695 10.824  1.00 47.10 ? 12  ARG A C    1 
ATOM   92   O  O    . ARG A 1 12  ? -2.993  -20.086 9.726   1.00 48.64 ? 12  ARG A O    1 
ATOM   93   C  CB   . ARG A 1 12  ? -2.248  -21.205 12.796  1.00 51.98 ? 12  ARG A CB   1 
ATOM   94   C  CG   . ARG A 1 12  ? -3.516  -21.953 12.436  1.00 56.54 ? 12  ARG A CG   1 
ATOM   95   C  CD   . ARG A 1 12  ? -4.096  -22.644 13.660  1.00 60.93 ? 12  ARG A CD   1 
ATOM   96   N  NE   . ARG A 1 12  ? -5.363  -23.303 13.363  1.00 64.90 ? 12  ARG A NE   1 
ATOM   97   C  CZ   . ARG A 1 12  ? -6.104  -23.938 14.265  1.00 65.93 ? 12  ARG A CZ   1 
ATOM   98   N  NH1  . ARG A 1 12  ? -5.705  -24.000 15.529  1.00 66.25 ? 12  ARG A NH1  1 
ATOM   99   N  NH2  . ARG A 1 12  ? -7.243  -24.511 13.902  1.00 65.54 ? 12  ARG A NH2  1 
ATOM   100  N  N    . TRP A 1 13  ? -3.033  -18.567 11.373  1.00 45.28 ? 13  TRP A N    1 
ATOM   101  C  CA   . TRP A 1 13  ? -4.002  -17.738 10.658  1.00 43.82 ? 13  TRP A CA   1 
ATOM   102  C  C    . TRP A 1 13  ? -3.441  -17.397 9.278   1.00 44.12 ? 13  TRP A C    1 
ATOM   103  O  O    . TRP A 1 13  ? -4.128  -17.529 8.262   1.00 43.67 ? 13  TRP A O    1 
ATOM   104  C  CB   . TRP A 1 13  ? -4.263  -16.442 11.421  1.00 42.55 ? 13  TRP A CB   1 
ATOM   105  C  CG   . TRP A 1 13  ? -5.334  -15.589 10.810  1.00 41.56 ? 13  TRP A CG   1 
ATOM   106  C  CD1  . TRP A 1 13  ? -6.680  -15.665 11.050  1.00 42.95 ? 13  TRP A CD1  1 
ATOM   107  C  CD2  . TRP A 1 13  ? -5.155  -14.525 9.868   1.00 41.58 ? 13  TRP A CD2  1 
ATOM   108  N  NE1  . TRP A 1 13  ? -7.350  -14.707 10.320  1.00 41.25 ? 13  TRP A NE1  1 
ATOM   109  C  CE2  . TRP A 1 13  ? -6.437  -13.994 9.586   1.00 42.03 ? 13  TRP A CE2  1 
ATOM   110  C  CE3  . TRP A 1 13  ? -4.041  -13.968 9.237   1.00 43.30 ? 13  TRP A CE3  1 
ATOM   111  C  CZ2  . TRP A 1 13  ? -6.629  -12.933 8.702   1.00 42.61 ? 13  TRP A CZ2  1 
ATOM   112  C  CZ3  . TRP A 1 13  ? -4.232  -12.910 8.355   1.00 42.97 ? 13  TRP A CZ3  1 
ATOM   113  C  CH2  . TRP A 1 13  ? -5.518  -12.404 8.097   1.00 45.46 ? 13  TRP A CH2  1 
ATOM   114  N  N    . ILE A 1 14  ? -2.188  -16.950 9.242   1.00 44.59 ? 14  ILE A N    1 
ATOM   115  C  CA   . ILE A 1 14  ? -1.573  -16.593 7.967   1.00 46.30 ? 14  ILE A CA   1 
ATOM   116  C  C    . ILE A 1 14  ? -1.515  -17.793 7.017   1.00 47.57 ? 14  ILE A C    1 
ATOM   117  O  O    . ILE A 1 14  ? -1.825  -17.657 5.832   1.00 47.92 ? 14  ILE A O    1 
ATOM   118  C  CB   . ILE A 1 14  ? -0.160  -16.008 8.169   1.00 43.98 ? 14  ILE A CB   1 
ATOM   119  C  CG1  . ILE A 1 14  ? -0.245  -14.742 9.032   1.00 44.12 ? 14  ILE A CG1  1 
ATOM   120  C  CG2  . ILE A 1 14  ? 0.449   -15.647 6.818   1.00 45.40 ? 14  ILE A CG2  1 
ATOM   121  C  CD1  . ILE A 1 14  ? 1.103   -14.094 9.353   1.00 41.39 ? 14  ILE A CD1  1 
ATOM   122  N  N    . ASP A 1 15  ? -1.134  -18.960 7.532   1.00 49.96 ? 15  ASP A N    1 
ATOM   123  C  CA   . ASP A 1 15  ? -1.069  -20.167 6.704   1.00 52.99 ? 15  ASP A CA   1 
ATOM   124  C  C    . ASP A 1 15  ? -2.427  -20.471 6.082   1.00 53.63 ? 15  ASP A C    1 
ATOM   125  O  O    . ASP A 1 15  ? -2.521  -20.785 4.902   1.00 55.04 ? 15  ASP A O    1 
ATOM   126  C  CB   . ASP A 1 15  ? -0.637  -21.392 7.521   1.00 52.35 ? 15  ASP A CB   1 
ATOM   127  C  CG   . ASP A 1 15  ? 0.804   -21.323 7.976   1.00 54.99 ? 15  ASP A CG   1 
ATOM   128  O  OD1  . ASP A 1 15  ? 1.621   -20.675 7.291   1.00 56.88 ? 15  ASP A OD1  1 
ATOM   129  O  OD2  . ASP A 1 15  ? 1.130   -21.936 9.016   1.00 57.77 ? 15  ASP A OD2  1 
ATOM   130  N  N    . GLU A 1 16  ? -3.481  -20.370 6.883   1.00 55.46 ? 16  GLU A N    1 
ATOM   131  C  CA   . GLU A 1 16  ? -4.826  -20.663 6.407   1.00 56.54 ? 16  GLU A CA   1 
ATOM   132  C  C    . GLU A 1 16  ? -5.432  -19.642 5.461   1.00 55.88 ? 16  GLU A C    1 
ATOM   133  O  O    . GLU A 1 16  ? -6.426  -19.925 4.802   1.00 56.96 ? 16  GLU A O    1 
ATOM   134  C  CB   . GLU A 1 16  ? -5.763  -20.867 7.594   1.00 57.80 ? 16  GLU A CB   1 
ATOM   135  C  CG   . GLU A 1 16  ? -5.459  -22.124 8.377   1.00 62.41 ? 16  GLU A CG   1 
ATOM   136  C  CD   . GLU A 1 16  ? -6.319  -22.267 9.618   1.00 65.25 ? 16  GLU A CD   1 
ATOM   137  O  OE1  . GLU A 1 16  ? -6.181  -23.298 10.315  1.00 65.36 ? 16  GLU A OE1  1 
ATOM   138  O  OE2  . GLU A 1 16  ? -7.124  -21.346 9.897   1.00 67.82 ? 16  GLU A OE2  1 
ATOM   139  N  N    . HIS A 1 17  ? -4.856  -18.450 5.392   1.00 55.16 ? 17  HIS A N    1 
ATOM   140  C  CA   . HIS A 1 17  ? -5.396  -17.437 4.493   1.00 54.29 ? 17  HIS A CA   1 
ATOM   141  C  C    . HIS A 1 17  ? -4.400  -17.061 3.407   1.00 54.77 ? 17  HIS A C    1 
ATOM   142  O  O    . HIS A 1 17  ? -4.648  -16.151 2.621   1.00 53.93 ? 17  HIS A O    1 
ATOM   143  C  CB   . HIS A 1 17  ? -5.780  -16.180 5.267   1.00 53.25 ? 17  HIS A CB   1 
ATOM   144  C  CG   . HIS A 1 17  ? -6.883  -16.389 6.251   1.00 56.28 ? 17  HIS A CG   1 
ATOM   145  N  ND1  . HIS A 1 17  ? -6.694  -17.031 7.456   1.00 55.58 ? 17  HIS A ND1  1 
ATOM   146  C  CD2  . HIS A 1 17  ? -8.195  -16.054 6.204   1.00 55.72 ? 17  HIS A CD2  1 
ATOM   147  C  CE1  . HIS A 1 17  ? -7.842  -17.082 8.109   1.00 56.89 ? 17  HIS A CE1  1 
ATOM   148  N  NE2  . HIS A 1 17  ? -8.768  -16.496 7.370   1.00 56.88 ? 17  HIS A NE2  1 
ATOM   149  N  N    . ALA A 1 18  ? -3.270  -17.760 3.372   1.00 55.59 ? 18  ALA A N    1 
ATOM   150  C  CA   . ALA A 1 18  ? -2.230  -17.483 2.391   1.00 57.03 ? 18  ALA A CA   1 
ATOM   151  C  C    . ALA A 1 18  ? -2.795  -17.390 0.980   1.00 58.32 ? 18  ALA A C    1 
ATOM   152  O  O    . ALA A 1 18  ? -2.410  -16.513 0.202   1.00 57.23 ? 18  ALA A O    1 
ATOM   153  C  CB   . ALA A 1 18  ? -1.153  -18.561 2.458   1.00 57.73 ? 18  ALA A CB   1 
ATOM   154  N  N    . HIS A 1 19  ? -3.728  -18.280 0.661   1.00 59.77 ? 19  HIS A N    1 
ATOM   155  C  CA   . HIS A 1 19  ? -4.330  -18.303 -0.661  1.00 62.23 ? 19  HIS A CA   1 
ATOM   156  C  C    . HIS A 1 19  ? -5.217  -17.097 -0.988  1.00 62.86 ? 19  HIS A C    1 
ATOM   157  O  O    . HIS A 1 19  ? -5.548  -16.866 -2.146  1.00 64.10 ? 19  HIS A O    1 
ATOM   158  C  CB   . HIS A 1 19  ? -5.114  -19.607 -0.843  1.00 63.98 ? 19  HIS A CB   1 
ATOM   159  C  CG   . HIS A 1 19  ? -6.322  -19.720 0.034   1.00 66.49 ? 19  HIS A CG   1 
ATOM   160  N  ND1  . HIS A 1 19  ? -7.498  -19.048 -0.224  1.00 66.71 ? 19  HIS A ND1  1 
ATOM   161  C  CD2  . HIS A 1 19  ? -6.532  -20.423 1.173   1.00 67.08 ? 19  HIS A CD2  1 
ATOM   162  C  CE1  . HIS A 1 19  ? -8.381  -19.332 0.717   1.00 66.76 ? 19  HIS A CE1  1 
ATOM   163  N  NE2  . HIS A 1 19  ? -7.820  -20.164 1.576   1.00 68.09 ? 19  HIS A NE2  1 
ATOM   164  N  N    . LEU A 1 20  ? -5.584  -16.312 0.018   1.00 64.20 ? 20  LEU A N    1 
ATOM   165  C  CA   . LEU A 1 20  ? -6.437  -15.142 -0.214  1.00 64.35 ? 20  LEU A CA   1 
ATOM   166  C  C    . LEU A 1 20  ? -5.670  -13.838 -0.457  1.00 64.09 ? 20  LEU A C    1 
ATOM   167  O  O    . LEU A 1 20  ? -6.264  -12.822 -0.820  1.00 64.14 ? 20  LEU A O    1 
ATOM   168  C  CB   . LEU A 1 20  ? -7.402  -14.947 0.959   1.00 65.79 ? 20  LEU A CB   1 
ATOM   169  C  CG   . LEU A 1 20  ? -8.474  -16.020 1.163   1.00 67.56 ? 20  LEU A CG   1 
ATOM   170  C  CD1  . LEU A 1 20  ? -9.242  -15.717 2.436   1.00 68.75 ? 20  LEU A CD1  1 
ATOM   171  C  CD2  . LEU A 1 20  ? -9.425  -16.061 -0.039  1.00 68.24 ? 20  LEU A CD2  1 
ATOM   172  N  N    . LEU A 1 21  ? -4.360  -13.859 -0.246  1.00 63.78 ? 21  LEU A N    1 
ATOM   173  C  CA   . LEU A 1 21  ? -3.544  -12.669 -0.465  1.00 63.93 ? 21  LEU A CA   1 
ATOM   174  C  C    . LEU A 1 21  ? -3.272  -12.563 -1.964  1.00 66.06 ? 21  LEU A C    1 
ATOM   175  O  O    . LEU A 1 21  ? -2.369  -13.223 -2.491  1.00 67.24 ? 21  LEU A O    1 
ATOM   176  C  CB   . LEU A 1 21  ? -2.232  -12.791 0.305   1.00 61.17 ? 21  LEU A CB   1 
ATOM   177  C  CG   . LEU A 1 21  ? -2.410  -13.057 1.800   1.00 60.08 ? 21  LEU A CG   1 
ATOM   178  C  CD1  . LEU A 1 21  ? -1.060  -13.227 2.461   1.00 60.83 ? 21  LEU A CD1  1 
ATOM   179  C  CD2  . LEU A 1 21  ? -3.177  -11.914 2.428   1.00 57.54 ? 21  LEU A CD2  1 
ATOM   180  N  N    . LYS A 1 22  ? -4.055  -11.737 -2.652  1.00 65.86 ? 22  LYS A N    1 
ATOM   181  C  CA   . LYS A 1 22  ? -3.899  -11.593 -4.094  1.00 65.51 ? 22  LYS A CA   1 
ATOM   182  C  C    . LYS A 1 22  ? -3.722  -10.157 -4.581  1.00 64.16 ? 22  LYS A C    1 
ATOM   183  O  O    . LYS A 1 22  ? -4.142  -9.206  -3.918  1.00 63.59 ? 22  LYS A O    1 
ATOM   184  C  CB   . LYS A 1 22  ? -5.104  -12.217 -4.804  1.00 67.96 ? 22  LYS A CB   1 
ATOM   185  C  CG   . LYS A 1 22  ? -5.382  -13.656 -4.396  1.00 70.96 ? 22  LYS A CG   1 
ATOM   186  C  CD   . LYS A 1 22  ? -5.988  -14.455 -5.540  1.00 72.26 ? 22  LYS A CD   1 
ATOM   187  C  CE   . LYS A 1 22  ? -5.059  -14.440 -6.748  1.00 74.28 ? 22  LYS A CE   1 
ATOM   188  N  NZ   . LYS A 1 22  ? -3.656  -14.750 -6.352  1.00 74.30 ? 22  LYS A NZ   1 
ATOM   189  N  N    . PRO A 1 23  ? -3.091  -9.991  -5.758  1.00 63.30 ? 23  PRO A N    1 
ATOM   190  C  CA   . PRO A 1 23  ? -2.826  -8.700  -6.401  1.00 61.39 ? 23  PRO A CA   1 
ATOM   191  C  C    . PRO A 1 23  ? -4.133  -7.954  -6.641  1.00 60.26 ? 23  PRO A C    1 
ATOM   192  O  O    . PRO A 1 23  ? -5.204  -8.559  -6.656  1.00 60.63 ? 23  PRO A O    1 
ATOM   193  C  CB   . PRO A 1 23  ? -2.161  -9.101  -7.713  1.00 61.98 ? 23  PRO A CB   1 
ATOM   194  C  CG   . PRO A 1 23  ? -1.446  -10.358 -7.357  1.00 64.41 ? 23  PRO A CG   1 
ATOM   195  C  CD   . PRO A 1 23  ? -2.486  -11.088 -6.540  1.00 63.58 ? 23  PRO A CD   1 
ATOM   196  N  N    . PRO A 1 24  ? -4.063  -6.627  -6.840  1.00 58.79 ? 24  PRO A N    1 
ATOM   197  C  CA   . PRO A 1 24  ? -2.824  -5.837  -6.844  1.00 57.09 ? 24  PRO A CA   1 
ATOM   198  C  C    . PRO A 1 24  ? -2.247  -5.515  -5.457  1.00 56.08 ? 24  PRO A C    1 
ATOM   199  O  O    . PRO A 1 24  ? -1.039  -5.373  -5.307  1.00 55.28 ? 24  PRO A O    1 
ATOM   200  C  CB   . PRO A 1 24  ? -3.229  -4.574  -7.607  1.00 56.79 ? 24  PRO A CB   1 
ATOM   201  C  CG   . PRO A 1 24  ? -4.667  -4.394  -7.196  1.00 55.55 ? 24  PRO A CG   1 
ATOM   202  C  CD   . PRO A 1 24  ? -5.212  -5.811  -7.277  1.00 56.58 ? 24  PRO A CD   1 
ATOM   203  N  N    . VAL A 1 25  ? -3.106  -5.414  -4.447  1.00 55.10 ? 25  VAL A N    1 
ATOM   204  C  CA   . VAL A 1 25  ? -2.641  -5.072  -3.108  1.00 53.40 ? 25  VAL A CA   1 
ATOM   205  C  C    . VAL A 1 25  ? -2.080  -6.233  -2.283  1.00 52.27 ? 25  VAL A C    1 
ATOM   206  O  O    . VAL A 1 25  ? -1.078  -6.061  -1.593  1.00 51.92 ? 25  VAL A O    1 
ATOM   207  C  CB   . VAL A 1 25  ? -3.751  -4.383  -2.285  1.00 52.64 ? 25  VAL A CB   1 
ATOM   208  C  CG1  . VAL A 1 25  ? -3.147  -3.799  -1.010  1.00 53.98 ? 25  VAL A CG1  1 
ATOM   209  C  CG2  . VAL A 1 25  ? -4.424  -3.290  -3.109  1.00 52.39 ? 25  VAL A CG2  1 
ATOM   210  N  N    . GLY A 1 26  ? -2.717  -7.400  -2.345  1.00 51.26 ? 26  GLY A N    1 
ATOM   211  C  CA   . GLY A 1 26  ? -2.246  -8.544  -1.582  1.00 52.88 ? 26  GLY A CA   1 
ATOM   212  C  C    . GLY A 1 26  ? -2.689  -8.426  -0.136  1.00 54.26 ? 26  GLY A C    1 
ATOM   213  O  O    . GLY A 1 26  ? -2.164  -9.093  0.755   1.00 54.73 ? 26  GLY A O    1 
ATOM   214  N  N    . ASN A 1 27  ? -3.684  -7.564  0.058   1.00 55.96 ? 27  ASN A N    1 
ATOM   215  C  CA   . ASN A 1 27  ? -4.298  -7.225  1.342   1.00 55.79 ? 27  ASN A CA   1 
ATOM   216  C  C    . ASN A 1 27  ? -5.220  -8.253  2.001   1.00 54.61 ? 27  ASN A C    1 
ATOM   217  O  O    . ASN A 1 27  ? -5.870  -9.040  1.329   1.00 52.88 ? 27  ASN A O    1 
ATOM   218  C  CB   . ASN A 1 27  ? -5.100  -5.935  1.155   1.00 56.54 ? 27  ASN A CB   1 
ATOM   219  C  CG   . ASN A 1 27  ? -4.438  -4.755  1.783   1.00 59.41 ? 27  ASN A CG   1 
ATOM   220  O  OD1  . ASN A 1 27  ? -3.288  -4.841  2.210   1.00 64.13 ? 27  ASN A OD1  1 
ATOM   221  N  ND2  . ASN A 1 27  ? -5.147  -3.632  1.844   1.00 57.63 ? 27  ASN A ND2  1 
ATOM   222  N  N    . ARG A 1 28  ? -5.283  -8.205  3.330   1.00 54.22 ? 28  ARG A N    1 
ATOM   223  C  CA   . ARG A 1 28  ? -6.160  -9.070  4.120   1.00 52.59 ? 28  ARG A CA   1 
ATOM   224  C  C    . ARG A 1 28  ? -6.256  -8.531  5.545   1.00 49.80 ? 28  ARG A C    1 
ATOM   225  O  O    . ARG A 1 28  ? -5.314  -8.652  6.323   1.00 47.86 ? 28  ARG A O    1 
ATOM   226  C  CB   . ARG A 1 28  ? -5.641  -10.504 4.151   1.00 56.54 ? 28  ARG A CB   1 
ATOM   227  C  CG   . ARG A 1 28  ? -6.510  -11.463 4.961   1.00 57.81 ? 28  ARG A CG   1 
ATOM   228  C  CD   . ARG A 1 28  ? -7.911  -11.569 4.390   1.00 61.52 ? 28  ARG A CD   1 
ATOM   229  N  NE   . ARG A 1 28  ? -8.698  -12.612 5.045   1.00 64.04 ? 28  ARG A NE   1 
ATOM   230  C  CZ   . ARG A 1 28  ? -9.881  -13.047 4.610   1.00 66.82 ? 28  ARG A CZ   1 
ATOM   231  N  NH1  . ARG A 1 28  ? -10.431 -12.535 3.511   1.00 65.61 ? 28  ARG A NH1  1 
ATOM   232  N  NH2  . ARG A 1 28  ? -10.520 -14.002 5.276   1.00 68.19 ? 28  ARG A NH2  1 
ATOM   233  N  N    . GLN A 1 29  ? -7.401  -7.939  5.878   1.00 48.07 ? 29  GLN A N    1 
ATOM   234  C  CA   . GLN A 1 29  ? -7.631  -7.360  7.201   1.00 47.51 ? 29  GLN A CA   1 
ATOM   235  C  C    . GLN A 1 29  ? -7.983  -8.420  8.247   1.00 46.63 ? 29  GLN A C    1 
ATOM   236  O  O    . GLN A 1 29  ? -8.847  -9.259  8.016   1.00 46.82 ? 29  GLN A O    1 
ATOM   237  C  CB   . GLN A 1 29  ? -8.752  -6.322  7.112   1.00 47.22 ? 29  GLN A CB   1 
ATOM   238  C  CG   . GLN A 1 29  ? -8.796  -5.381  8.298   1.00 50.80 ? 29  GLN A CG   1 
ATOM   239  C  CD   . GLN A 1 29  ? -9.714  -4.199  8.077   1.00 51.17 ? 29  GLN A CD   1 
ATOM   240  O  OE1  . GLN A 1 29  ? -9.723  -3.600  7.002   1.00 50.34 ? 29  GLN A OE1  1 
ATOM   241  N  NE2  . GLN A 1 29  ? -10.477 -3.840  9.104   1.00 53.15 ? 29  GLN A NE2  1 
ATOM   242  N  N    . VAL A 1 30  ? -7.330  -8.366  9.405   1.00 44.60 ? 30  VAL A N    1 
ATOM   243  C  CA   . VAL A 1 30  ? -7.572  -9.350  10.454  1.00 44.43 ? 30  VAL A CA   1 
ATOM   244  C  C    . VAL A 1 30  ? -8.894  -9.187  11.201  1.00 46.42 ? 30  VAL A C    1 
ATOM   245  O  O    . VAL A 1 30  ? -9.666  -10.137 11.320  1.00 46.96 ? 30  VAL A O    1 
ATOM   246  C  CB   . VAL A 1 30  ? -6.430  -9.342  11.486  1.00 43.49 ? 30  VAL A CB   1 
ATOM   247  C  CG1  . VAL A 1 30  ? -6.674  -10.408 12.529  1.00 41.83 ? 30  VAL A CG1  1 
ATOM   248  C  CG2  . VAL A 1 30  ? -5.087  -9.561  10.784  1.00 43.33 ? 30  VAL A CG2  1 
ATOM   249  N  N    . TRP A 1 31  ? -9.145  -7.991  11.718  1.00 46.51 ? 31  TRP A N    1 
ATOM   250  C  CA   . TRP A 1 31  ? -10.368 -7.715  12.461  1.00 47.28 ? 31  TRP A CA   1 
ATOM   251  C  C    . TRP A 1 31  ? -11.151 -6.631  11.747  1.00 48.50 ? 31  TRP A C    1 
ATOM   252  O  O    . TRP A 1 31  ? -10.572 -5.696  11.200  1.00 50.66 ? 31  TRP A O    1 
ATOM   253  C  CB   . TRP A 1 31  ? -10.038 -7.240  13.885  1.00 42.38 ? 31  TRP A CB   1 
ATOM   254  C  CG   . TRP A 1 31  ? -9.367  -8.261  14.743  1.00 41.52 ? 31  TRP A CG   1 
ATOM   255  C  CD1  . TRP A 1 31  ? -9.947  -9.345  15.336  1.00 40.72 ? 31  TRP A CD1  1 
ATOM   256  C  CD2  . TRP A 1 31  ? -7.985  -8.290  15.122  1.00 39.54 ? 31  TRP A CD2  1 
ATOM   257  N  NE1  . TRP A 1 31  ? -9.018  -10.041 16.064  1.00 40.05 ? 31  TRP A NE1  1 
ATOM   258  C  CE2  . TRP A 1 31  ? -7.803  -9.418  15.950  1.00 39.00 ? 31  TRP A CE2  1 
ATOM   259  C  CE3  . TRP A 1 31  ? -6.879  -7.472  14.839  1.00 36.73 ? 31  TRP A CE3  1 
ATOM   260  C  CZ2  . TRP A 1 31  ? -6.562  -9.754  16.502  1.00 39.79 ? 31  TRP A CZ2  1 
ATOM   261  C  CZ3  . TRP A 1 31  ? -5.644  -7.806  15.386  1.00 37.30 ? 31  TRP A CZ3  1 
ATOM   262  C  CH2  . TRP A 1 31  ? -5.496  -8.938  16.210  1.00 39.56 ? 31  TRP A CH2  1 
ATOM   263  N  N    . GLN A 1 32  ? -12.472 -6.751  11.762  1.00 50.04 ? 32  GLN A N    1 
ATOM   264  C  CA   . GLN A 1 32  ? -13.327 -5.774  11.111  1.00 51.97 ? 32  GLN A CA   1 
ATOM   265  C  C    . GLN A 1 32  ? -13.808 -4.682  12.051  1.00 52.59 ? 32  GLN A C    1 
ATOM   266  O  O    . GLN A 1 32  ? -13.959 -4.900  13.253  1.00 52.62 ? 32  GLN A O    1 
ATOM   267  C  CB   . GLN A 1 32  ? -14.550 -6.466  10.503  1.00 53.74 ? 32  GLN A CB   1 
ATOM   268  C  CG   . GLN A 1 32  ? -14.236 -7.359  9.324   1.00 54.63 ? 32  GLN A CG   1 
ATOM   269  C  CD   . GLN A 1 32  ? -13.666 -6.580  8.162   1.00 57.06 ? 32  GLN A CD   1 
ATOM   270  O  OE1  . GLN A 1 32  ? -14.247 -5.586  7.728   1.00 57.67 ? 32  GLN A OE1  1 
ATOM   271  N  NE2  . GLN A 1 32  ? -12.526 -7.032  7.643   1.00 57.48 ? 32  GLN A NE2  1 
ATOM   272  N  N    . ASP A 1 33  ? -14.037 -3.502  11.483  1.00 53.44 ? 33  ASP A N    1 
ATOM   273  C  CA   . ASP A 1 33  ? -14.555 -2.360  12.222  1.00 54.91 ? 33  ASP A CA   1 
ATOM   274  C  C    . ASP A 1 33  ? -13.810 -1.956  13.492  1.00 53.48 ? 33  ASP A C    1 
ATOM   275  O  O    . ASP A 1 33  ? -14.433 -1.630  14.503  1.00 54.28 ? 33  ASP A O    1 
ATOM   276  C  CB   . ASP A 1 33  ? -16.021 -2.616  12.574  1.00 58.40 ? 33  ASP A CB   1 
ATOM   277  C  CG   . ASP A 1 33  ? -16.850 -3.028  11.371  1.00 61.13 ? 33  ASP A CG   1 
ATOM   278  O  OD1  . ASP A 1 33  ? -16.789 -2.332  10.328  1.00 63.32 ? 33  ASP A OD1  1 
ATOM   279  O  OD2  . ASP A 1 33  ? -17.567 -4.046  11.476  1.00 62.13 ? 33  ASP A OD2  1 
ATOM   280  N  N    . SER A 1 34  ? -12.487 -1.960  13.448  1.00 51.17 ? 34  SER A N    1 
ATOM   281  C  CA   . SER A 1 34  ? -11.696 -1.577  14.611  1.00 47.76 ? 34  SER A CA   1 
ATOM   282  C  C    . SER A 1 34  ? -11.005 -0.253  14.323  1.00 46.41 ? 34  SER A C    1 
ATOM   283  O  O    . SER A 1 34  ? -10.971 0.188   13.181  1.00 46.49 ? 34  SER A O    1 
ATOM   284  C  CB   . SER A 1 34  ? -10.659 -2.658  14.906  1.00 48.00 ? 34  SER A CB   1 
ATOM   285  O  OG   . SER A 1 34  ? -9.922  -2.970  13.739  1.00 47.25 ? 34  SER A OG   1 
ATOM   286  N  N    . ASP A 1 35  ? -10.471 0.394   15.356  1.00 44.78 ? 35  ASP A N    1 
ATOM   287  C  CA   . ASP A 1 35  ? -9.774  1.659   15.156  1.00 43.20 ? 35  ASP A CA   1 
ATOM   288  C  C    . ASP A 1 35  ? -8.415  1.334   14.532  1.00 42.04 ? 35  ASP A C    1 
ATOM   289  O  O    . ASP A 1 35  ? -7.960  2.027   13.624  1.00 41.40 ? 35  ASP A O    1 
ATOM   290  C  CB   . ASP A 1 35  ? -9.566  2.389   16.481  1.00 43.22 ? 35  ASP A CB   1 
ATOM   291  C  CG   . ASP A 1 35  ? -8.900  3.737   16.297  1.00 42.71 ? 35  ASP A CG   1 
ATOM   292  O  OD1  . ASP A 1 35  ? -8.069  4.105   17.148  1.00 46.16 ? 35  ASP A OD1  1 
ATOM   293  O  OD2  . ASP A 1 35  ? -9.210  4.433   15.310  1.00 42.86 ? 35  ASP A OD2  1 
ATOM   294  N  N    . PHE A 1 36  ? -7.769  0.284   15.039  1.00 40.43 ? 36  PHE A N    1 
ATOM   295  C  CA   . PHE A 1 36  ? -6.489  -0.156  14.494  1.00 40.42 ? 36  PHE A CA   1 
ATOM   296  C  C    . PHE A 1 36  ? -6.806  -1.061  13.300  1.00 41.44 ? 36  PHE A C    1 
ATOM   297  O  O    . PHE A 1 36  ? -7.458  -2.099  13.453  1.00 42.13 ? 36  PHE A O    1 
ATOM   298  C  CB   . PHE A 1 36  ? -5.686  -0.983  15.504  1.00 39.60 ? 36  PHE A CB   1 
ATOM   299  C  CG   . PHE A 1 36  ? -5.119  -0.197  16.662  1.00 42.68 ? 36  PHE A CG   1 
ATOM   300  C  CD1  . PHE A 1 36  ? -4.254  -0.811  17.566  1.00 43.75 ? 36  PHE A CD1  1 
ATOM   301  C  CD2  . PHE A 1 36  ? -5.460  1.132   16.879  1.00 45.50 ? 36  PHE A CD2  1 
ATOM   302  C  CE1  . PHE A 1 36  ? -3.741  -0.123  18.656  1.00 40.12 ? 36  PHE A CE1  1 
ATOM   303  C  CE2  . PHE A 1 36  ? -4.948  1.824   17.975  1.00 45.21 ? 36  PHE A CE2  1 
ATOM   304  C  CZ   . PHE A 1 36  ? -4.085  1.190   18.861  1.00 41.51 ? 36  PHE A CZ   1 
ATOM   305  N  N    . ILE A 1 37  ? -6.364  -0.666  12.116  1.00 38.75 ? 37  ILE A N    1 
ATOM   306  C  CA   . ILE A 1 37  ? -6.578  -1.473  10.933  1.00 39.25 ? 37  ILE A CA   1 
ATOM   307  C  C    . ILE A 1 37  ? -5.345  -2.361  10.854  1.00 39.94 ? 37  ILE A C    1 
ATOM   308  O  O    . ILE A 1 37  ? -4.239  -1.889  10.559  1.00 38.29 ? 37  ILE A O    1 
ATOM   309  C  CB   . ILE A 1 37  ? -6.717  -0.582  9.691   1.00 38.63 ? 37  ILE A CB   1 
ATOM   310  C  CG1  . ILE A 1 37  ? -7.899  0.363   9.893   1.00 39.08 ? 37  ILE A CG1  1 
ATOM   311  C  CG2  . ILE A 1 37  ? -6.976  -1.419  8.452   1.00 40.29 ? 37  ILE A CG2  1 
ATOM   312  C  CD1  . ILE A 1 37  ? -8.092  1.341   8.784   1.00 38.75 ? 37  ILE A CD1  1 
ATOM   313  N  N    . VAL A 1 38  ? -5.545  -3.639  11.172  1.00 39.65 ? 38  VAL A N    1 
ATOM   314  C  CA   . VAL A 1 38  ? -4.482  -4.634  11.194  1.00 39.39 ? 38  VAL A CA   1 
ATOM   315  C  C    . VAL A 1 38  ? -4.629  -5.532  9.983   1.00 41.97 ? 38  VAL A C    1 
ATOM   316  O  O    . VAL A 1 38  ? -5.666  -6.185  9.796   1.00 41.64 ? 38  VAL A O    1 
ATOM   317  C  CB   . VAL A 1 38  ? -4.558  -5.501  12.461  1.00 39.93 ? 38  VAL A CB   1 
ATOM   318  C  CG1  . VAL A 1 38  ? -3.435  -6.537  12.458  1.00 40.02 ? 38  VAL A CG1  1 
ATOM   319  C  CG2  . VAL A 1 38  ? -4.467  -4.623  13.697  1.00 40.42 ? 38  VAL A CG2  1 
ATOM   320  N  N    . THR A 1 39  ? -3.585  -5.567  9.163   1.00 41.54 ? 39  THR A N    1 
ATOM   321  C  CA   . THR A 1 39  ? -3.614  -6.361  7.953   1.00 41.34 ? 39  THR A CA   1 
ATOM   322  C  C    . THR A 1 39  ? -2.350  -7.160  7.739   1.00 41.90 ? 39  THR A C    1 
ATOM   323  O  O    . THR A 1 39  ? -1.315  -6.940  8.372   1.00 38.91 ? 39  THR A O    1 
ATOM   324  C  CB   . THR A 1 39  ? -3.764  -5.477  6.716   1.00 42.58 ? 39  THR A CB   1 
ATOM   325  O  OG1  . THR A 1 39  ? -2.542  -4.750  6.517   1.00 44.43 ? 39  THR A OG1  1 
ATOM   326  C  CG2  . THR A 1 39  ? -4.911  -4.497  6.884   1.00 37.88 ? 39  THR A CG2  1 
ATOM   327  N  N    . VAL A 1 40  ? -2.461  -8.105  6.826   1.00 42.07 ? 40  VAL A N    1 
ATOM   328  C  CA   . VAL A 1 40  ? -1.335  -8.921  6.436   1.00 42.83 ? 40  VAL A CA   1 
ATOM   329  C  C    . VAL A 1 40  ? -1.298  -8.709  4.939   1.00 40.24 ? 40  VAL A C    1 
ATOM   330  O  O    . VAL A 1 40  ? -2.342  -8.708  4.287   1.00 39.18 ? 40  VAL A O    1 
ATOM   331  C  CB   . VAL A 1 40  ? -1.560  -10.383 6.759   1.00 43.20 ? 40  VAL A CB   1 
ATOM   332  C  CG1  . VAL A 1 40  ? -0.389  -11.214 6.229   1.00 45.33 ? 40  VAL A CG1  1 
ATOM   333  C  CG2  . VAL A 1 40  ? -1.678  -10.541 8.269   1.00 44.95 ? 40  VAL A CG2  1 
ATOM   334  N  N    . VAL A 1 41  ? -0.105  -8.487  4.403   1.00 40.49 ? 41  VAL A N    1 
ATOM   335  C  CA   . VAL A 1 41  ? 0.044   -8.255  2.974   1.00 40.34 ? 41  VAL A CA   1 
ATOM   336  C  C    . VAL A 1 41  ? 1.056   -9.239  2.433   1.00 41.05 ? 41  VAL A C    1 
ATOM   337  O  O    . VAL A 1 41  ? 2.144   -9.381  2.982   1.00 41.63 ? 41  VAL A O    1 
ATOM   338  C  CB   . VAL A 1 41  ? 0.535   -6.817  2.692   1.00 39.84 ? 41  VAL A CB   1 
ATOM   339  C  CG1  . VAL A 1 41  ? 0.317   -6.463  1.217   1.00 39.00 ? 41  VAL A CG1  1 
ATOM   340  C  CG2  . VAL A 1 41  ? -0.187  -5.841  3.593   1.00 39.43 ? 41  VAL A CG2  1 
ATOM   341  N  N    . GLY A 1 42  ? 0.691   -9.924  1.357   1.00 42.03 ? 42  GLY A N    1 
ATOM   342  C  CA   . GLY A 1 42  ? 1.593   -10.895 0.772   1.00 44.47 ? 42  GLY A CA   1 
ATOM   343  C  C    . GLY A 1 42  ? 1.909   -10.542 -0.664  1.00 46.24 ? 42  GLY A C    1 
ATOM   344  O  O    . GLY A 1 42  ? 1.450   -9.521  -1.175  1.00 46.48 ? 42  GLY A O    1 
ATOM   345  N  N    . GLY A 1 43  ? 2.692   -11.386 -1.321  1.00 47.27 ? 43  GLY A N    1 
ATOM   346  C  CA   . GLY A 1 43  ? 3.036   -11.118 -2.702  1.00 46.42 ? 43  GLY A CA   1 
ATOM   347  C  C    . GLY A 1 43  ? 2.682   -12.278 -3.602  1.00 46.73 ? 43  GLY A C    1 
ATOM   348  O  O    . GLY A 1 43  ? 2.179   -13.290 -3.124  1.00 48.15 ? 43  GLY A O    1 
ATOM   349  N  N    . PRO A 1 44  ? 2.913   -12.156 -4.920  1.00 46.38 ? 44  PRO A N    1 
ATOM   350  C  CA   . PRO A 1 44  ? 3.486   -10.963 -5.560  1.00 46.70 ? 44  PRO A CA   1 
ATOM   351  C  C    . PRO A 1 44  ? 2.406   -9.899  -5.691  1.00 46.31 ? 44  PRO A C    1 
ATOM   352  O  O    . PRO A 1 44  ? 1.277   -10.211 -6.063  1.00 48.07 ? 44  PRO A O    1 
ATOM   353  C  CB   . PRO A 1 44  ? 3.922   -11.475 -6.937  1.00 44.61 ? 44  PRO A CB   1 
ATOM   354  C  CG   . PRO A 1 44  ? 4.020   -12.961 -6.759  1.00 47.59 ? 44  PRO A CG   1 
ATOM   355  C  CD   . PRO A 1 44  ? 2.845   -13.265 -5.880  1.00 46.62 ? 44  PRO A CD   1 
ATOM   356  N  N    . ASN A 1 45  ? 2.729   -8.649  -5.393  1.00 47.56 ? 45  ASN A N    1 
ATOM   357  C  CA   . ASN A 1 45  ? 1.718   -7.604  -5.520  1.00 50.32 ? 45  ASN A CA   1 
ATOM   358  C  C    . ASN A 1 45  ? 1.966   -6.810  -6.799  1.00 52.29 ? 45  ASN A C    1 
ATOM   359  O  O    . ASN A 1 45  ? 2.857   -7.144  -7.577  1.00 52.32 ? 45  ASN A O    1 
ATOM   360  C  CB   . ASN A 1 45  ? 1.743   -6.684  -4.293  1.00 48.63 ? 45  ASN A CB   1 
ATOM   361  C  CG   . ASN A 1 45  ? 2.954   -5.769  -4.266  1.00 50.96 ? 45  ASN A CG   1 
ATOM   362  O  OD1  . ASN A 1 45  ? 3.993   -6.065  -4.865  1.00 51.20 ? 45  ASN A OD1  1 
ATOM   363  N  ND2  . ASN A 1 45  ? 2.832   -4.654  -3.549  1.00 48.85 ? 45  ASN A ND2  1 
ATOM   364  N  N    . HIS A 1 46  ? 1.165   -5.778  -7.034  1.00 53.13 ? 46  HIS A N    1 
ATOM   365  C  CA   . HIS A 1 46  ? 1.349   -4.950  -8.215  1.00 54.37 ? 46  HIS A CA   1 
ATOM   366  C  C    . HIS A 1 46  ? 0.958   -3.523  -7.895  1.00 54.07 ? 46  HIS A C    1 
ATOM   367  O  O    . HIS A 1 46  ? -0.224  -3.169  -7.938  1.00 53.12 ? 46  HIS A O    1 
ATOM   368  C  CB   . HIS A 1 46  ? 0.520   -5.475  -9.386  1.00 57.87 ? 46  HIS A CB   1 
ATOM   369  C  CG   . HIS A 1 46  ? 0.746   -4.720  -10.657 1.00 61.42 ? 46  HIS A CG   1 
ATOM   370  N  ND1  . HIS A 1 46  ? -0.139  -3.776  -11.131 1.00 63.15 ? 46  HIS A ND1  1 
ATOM   371  C  CD2  . HIS A 1 46  ? 1.793   -4.720  -11.517 1.00 61.79 ? 46  HIS A CD2  1 
ATOM   372  C  CE1  . HIS A 1 46  ? 0.352   -3.226  -12.227 1.00 64.35 ? 46  HIS A CE1  1 
ATOM   373  N  NE2  . HIS A 1 46  ? 1.524   -3.781  -12.483 1.00 64.62 ? 46  HIS A NE2  1 
ATOM   374  N  N    . ARG A 1 47  ? 1.966   -2.715  -7.572  1.00 53.07 ? 47  ARG A N    1 
ATOM   375  C  CA   . ARG A 1 47  ? 1.776   -1.316  -7.204  1.00 51.81 ? 47  ARG A CA   1 
ATOM   376  C  C    . ARG A 1 47  ? 2.722   -0.399  -7.984  1.00 51.23 ? 47  ARG A C    1 
ATOM   377  O  O    . ARG A 1 47  ? 3.930   -0.633  -8.026  1.00 52.70 ? 47  ARG A O    1 
ATOM   378  C  CB   . ARG A 1 47  ? 2.045   -1.130  -5.705  1.00 51.64 ? 47  ARG A CB   1 
ATOM   379  C  CG   . ARG A 1 47  ? 1.273   -2.070  -4.765  1.00 51.58 ? 47  ARG A CG   1 
ATOM   380  C  CD   . ARG A 1 47  ? -0.208  -1.724  -4.687  1.00 50.97 ? 47  ARG A CD   1 
ATOM   381  N  NE   . ARG A 1 47  ? -0.448  -0.391  -4.137  1.00 48.76 ? 47  ARG A NE   1 
ATOM   382  C  CZ   . ARG A 1 47  ? -0.475  -0.097  -2.838  1.00 50.03 ? 47  ARG A CZ   1 
ATOM   383  N  NH1  . ARG A 1 47  ? -0.272  -1.045  -1.928  1.00 47.76 ? 47  ARG A NH1  1 
ATOM   384  N  NH2  . ARG A 1 47  ? -0.729  1.146   -2.450  1.00 48.30 ? 47  ARG A NH2  1 
ATOM   385  N  N    . THR A 1 48  ? 2.161   0.644   -8.591  1.00 49.79 ? 48  THR A N    1 
ATOM   386  C  CA   . THR A 1 48  ? 2.936   1.625   -9.344  1.00 48.02 ? 48  THR A CA   1 
ATOM   387  C  C    . THR A 1 48  ? 2.667   2.983   -8.719  1.00 47.25 ? 48  THR A C    1 
ATOM   388  O  O    . THR A 1 48  ? 3.319   3.977   -9.041  1.00 47.82 ? 48  THR A O    1 
ATOM   389  C  CB   . THR A 1 48  ? 2.518   1.662   -10.831 1.00 50.21 ? 48  THR A CB   1 
ATOM   390  O  OG1  . THR A 1 48  ? 1.109   1.936   -10.936 1.00 50.43 ? 48  THR A OG1  1 
ATOM   391  C  CG2  . THR A 1 48  ? 2.819   0.333   -11.492 1.00 49.96 ? 48  THR A CG2  1 
ATOM   392  N  N    . ASP A 1 49  ? 1.708   2.990   -7.798  1.00 45.80 ? 49  ASP A N    1 
ATOM   393  C  CA   . ASP A 1 49  ? 1.261   4.179   -7.076  1.00 45.53 ? 49  ASP A CA   1 
ATOM   394  C  C    . ASP A 1 49  ? 2.043   4.451   -5.792  1.00 44.66 ? 49  ASP A C    1 
ATOM   395  O  O    . ASP A 1 49  ? 2.570   3.530   -5.167  1.00 44.52 ? 49  ASP A O    1 
ATOM   396  C  CB   . ASP A 1 49  ? -0.204  3.989   -6.687  1.00 46.36 ? 49  ASP A CB   1 
ATOM   397  C  CG   . ASP A 1 49  ? -0.376  2.966   -5.562  1.00 45.80 ? 49  ASP A CG   1 
ATOM   398  O  OD1  . ASP A 1 49  ? -0.395  3.376   -4.386  1.00 45.66 ? 49  ASP A OD1  1 
ATOM   399  O  OD2  . ASP A 1 49  ? -0.464  1.751   -5.848  1.00 45.94 ? 49  ASP A OD2  1 
ATOM   400  N  N    . TYR A 1 50  ? 2.100   5.720   -5.400  1.00 44.29 ? 50  TYR A N    1 
ATOM   401  C  CA   . TYR A 1 50  ? 2.749   6.120   -4.156  1.00 45.29 ? 50  TYR A CA   1 
ATOM   402  C  C    . TYR A 1 50  ? 1.613   6.538   -3.237  1.00 44.17 ? 50  TYR A C    1 
ATOM   403  O  O    . TYR A 1 50  ? 0.773   7.359   -3.614  1.00 44.70 ? 50  TYR A O    1 
ATOM   404  C  CB   . TYR A 1 50  ? 3.692   7.306   -4.371  1.00 46.28 ? 50  TYR A CB   1 
ATOM   405  C  CG   . TYR A 1 50  ? 5.014   6.905   -4.963  1.00 48.03 ? 50  TYR A CG   1 
ATOM   406  C  CD1  . TYR A 1 50  ? 6.118   6.676   -4.148  1.00 46.62 ? 50  TYR A CD1  1 
ATOM   407  C  CD2  . TYR A 1 50  ? 5.154   6.714   -6.342  1.00 46.71 ? 50  TYR A CD2  1 
ATOM   408  C  CE1  . TYR A 1 50  ? 7.332   6.269   -4.684  1.00 47.35 ? 50  TYR A CE1  1 
ATOM   409  C  CE2  . TYR A 1 50  ? 6.371   6.302   -6.889  1.00 47.63 ? 50  TYR A CE2  1 
ATOM   410  C  CZ   . TYR A 1 50  ? 7.454   6.082   -6.050  1.00 47.99 ? 50  TYR A CZ   1 
ATOM   411  O  OH   . TYR A 1 50  ? 8.658   5.665   -6.566  1.00 48.20 ? 50  TYR A OH   1 
ATOM   412  N  N    . HIS A 1 51  ? 1.580   5.957   -2.044  1.00 43.32 ? 51  HIS A N    1 
ATOM   413  C  CA   . HIS A 1 51  ? 0.541   6.253   -1.076  1.00 42.63 ? 51  HIS A CA   1 
ATOM   414  C  C    . HIS A 1 51  ? 0.965   7.403   -0.186  1.00 44.41 ? 51  HIS A C    1 
ATOM   415  O  O    . HIS A 1 51  ? 2.113   7.477   0.256   1.00 44.52 ? 51  HIS A O    1 
ATOM   416  C  CB   . HIS A 1 51  ? 0.249   5.021   -0.207  1.00 42.10 ? 51  HIS A CB   1 
ATOM   417  C  CG   . HIS A 1 51  ? -0.897  5.204   0.747   1.00 43.64 ? 51  HIS A CG   1 
ATOM   418  N  ND1  . HIS A 1 51  ? -1.085  4.397   1.850   1.00 44.48 ? 51  HIS A ND1  1 
ATOM   419  C  CD2  . HIS A 1 51  ? -1.928  6.083   0.751   1.00 44.94 ? 51  HIS A CD2  1 
ATOM   420  C  CE1  . HIS A 1 51  ? -2.176  4.770   2.494   1.00 42.31 ? 51  HIS A CE1  1 
ATOM   421  N  NE2  . HIS A 1 51  ? -2.709  5.792   1.847   1.00 46.06 ? 51  HIS A NE2  1 
ATOM   422  N  N    . ASP A 1 52  ? 0.036   8.316   0.051   1.00 44.68 ? 52  ASP A N    1 
ATOM   423  C  CA   . ASP A 1 52  ? 0.290   9.449   0.922   1.00 44.69 ? 52  ASP A CA   1 
ATOM   424  C  C    . ASP A 1 52  ? -0.724  9.280   2.047   1.00 44.91 ? 52  ASP A C    1 
ATOM   425  O  O    . ASP A 1 52  ? -1.872  9.705   1.945   1.00 44.52 ? 52  ASP A O    1 
ATOM   426  C  CB   . ASP A 1 52  ? 0.089   10.750  0.146   1.00 46.41 ? 52  ASP A CB   1 
ATOM   427  C  CG   . ASP A 1 52  ? -0.091  11.946  1.041   1.00 47.51 ? 52  ASP A CG   1 
ATOM   428  O  OD1  . ASP A 1 52  ? 0.417   11.945  2.180   1.00 49.57 ? 52  ASP A OD1  1 
ATOM   429  O  OD2  . ASP A 1 52  ? -0.745  12.905  0.588   1.00 52.92 ? 52  ASP A OD2  1 
ATOM   430  N  N    . ASP A 1 53  ? -0.283  8.615   3.112   1.00 43.51 ? 53  ASP A N    1 
ATOM   431  C  CA   . ASP A 1 53  ? -1.115  8.321   4.266   1.00 41.24 ? 53  ASP A CA   1 
ATOM   432  C  C    . ASP A 1 53  ? -1.020  9.448   5.286   1.00 41.57 ? 53  ASP A C    1 
ATOM   433  O  O    . ASP A 1 53  ? 0.065   9.793   5.738   1.00 43.31 ? 53  ASP A O    1 
ATOM   434  C  CB   . ASP A 1 53  ? -0.656  6.983   4.862   1.00 42.17 ? 53  ASP A CB   1 
ATOM   435  C  CG   . ASP A 1 53  ? -1.622  6.426   5.882   1.00 42.13 ? 53  ASP A CG   1 
ATOM   436  O  OD1  . ASP A 1 53  ? -1.612  5.191   6.082   1.00 41.05 ? 53  ASP A OD1  1 
ATOM   437  O  OD2  . ASP A 1 53  ? -2.379  7.209   6.487   1.00 41.15 ? 53  ASP A OD2  1 
ATOM   438  N  N    . PRO A 1 54  ? -2.161  10.049  5.655   1.00 40.70 ? 54  PRO A N    1 
ATOM   439  C  CA   . PRO A 1 54  ? -2.174  11.145  6.624   1.00 41.06 ? 54  PRO A CA   1 
ATOM   440  C  C    . PRO A 1 54  ? -1.769  10.697  8.023   1.00 41.31 ? 54  PRO A C    1 
ATOM   441  O  O    . PRO A 1 54  ? -1.524  11.527  8.896   1.00 41.18 ? 54  PRO A O    1 
ATOM   442  C  CB   . PRO A 1 54  ? -3.620  11.628  6.572   1.00 40.32 ? 54  PRO A CB   1 
ATOM   443  C  CG   . PRO A 1 54  ? -4.363  10.340  6.355   1.00 41.08 ? 54  PRO A CG   1 
ATOM   444  C  CD   . PRO A 1 54  ? -3.535  9.699   5.254   1.00 40.01 ? 54  PRO A CD   1 
ATOM   445  N  N    . LEU A 1 55  ? -1.691  9.384   8.223   1.00 41.63 ? 55  LEU A N    1 
ATOM   446  C  CA   . LEU A 1 55  ? -1.316  8.821   9.519   1.00 41.24 ? 55  LEU A CA   1 
ATOM   447  C  C    . LEU A 1 55  ? -0.123  7.873   9.391   1.00 41.11 ? 55  LEU A C    1 
ATOM   448  O  O    . LEU A 1 55  ? 0.289   7.518   8.283   1.00 41.52 ? 55  LEU A O    1 
ATOM   449  C  CB   . LEU A 1 55  ? -2.523  8.091   10.122  1.00 41.19 ? 55  LEU A CB   1 
ATOM   450  C  CG   . LEU A 1 55  ? -3.736  8.993   10.436  1.00 43.08 ? 55  LEU A CG   1 
ATOM   451  C  CD1  . LEU A 1 55  ? -4.962  8.149   10.780  1.00 41.77 ? 55  LEU A CD1  1 
ATOM   452  C  CD2  . LEU A 1 55  ? -3.397  9.920   11.588  1.00 40.93 ? 55  LEU A CD2  1 
ATOM   453  N  N    . GLU A 1 56  ? 0.425   7.462   10.526  1.00 40.37 ? 56  GLU A N    1 
ATOM   454  C  CA   . GLU A 1 56  ? 1.575   6.556   10.558  1.00 40.49 ? 56  GLU A CA   1 
ATOM   455  C  C    . GLU A 1 56  ? 1.197   5.150   10.136  1.00 39.97 ? 56  GLU A C    1 
ATOM   456  O  O    . GLU A 1 56  ? 0.035   4.748   10.244  1.00 40.22 ? 56  GLU A O    1 
ATOM   457  C  CB   . GLU A 1 56  ? 2.167   6.488   11.973  1.00 39.47 ? 56  GLU A CB   1 
ATOM   458  C  CG   . GLU A 1 56  ? 2.891   7.738   12.417  1.00 41.57 ? 56  GLU A CG   1 
ATOM   459  C  CD   . GLU A 1 56  ? 3.288   7.721   13.880  1.00 42.40 ? 56  GLU A CD   1 
ATOM   460  O  OE1  . GLU A 1 56  ? 3.347   6.627   14.489  1.00 43.21 ? 56  GLU A OE1  1 
ATOM   461  O  OE2  . GLU A 1 56  ? 3.554   8.813   14.426  1.00 44.12 ? 56  GLU A OE2  1 
ATOM   462  N  N    . GLU A 1 57  ? 2.188   4.410   9.650   1.00 37.53 ? 57  GLU A N    1 
ATOM   463  C  CA   . GLU A 1 57  ? 1.994   3.029   9.251   1.00 37.18 ? 57  GLU A CA   1 
ATOM   464  C  C    . GLU A 1 57  ? 3.103   2.208   9.904   1.00 37.65 ? 57  GLU A C    1 
ATOM   465  O  O    . GLU A 1 57  ? 4.268   2.585   9.848   1.00 36.84 ? 57  GLU A O    1 
ATOM   466  C  CB   . GLU A 1 57  ? 2.070   2.878   7.727   1.00 40.75 ? 57  GLU A CB   1 
ATOM   467  C  CG   . GLU A 1 57  ? 1.012   3.664   6.955   1.00 41.59 ? 57  GLU A CG   1 
ATOM   468  C  CD   . GLU A 1 57  ? 0.861   3.209   5.513   1.00 44.43 ? 57  GLU A CD   1 
ATOM   469  O  OE1  . GLU A 1 57  ? -0.029  3.745   4.823   1.00 46.87 ? 57  GLU A OE1  1 
ATOM   470  O  OE2  . GLU A 1 57  ? 1.616   2.319   5.059   1.00 44.54 ? 57  GLU A OE2  1 
ATOM   471  N  N    . PHE A 1 58  ? 2.727   1.105   10.548  1.00 38.02 ? 58  PHE A N    1 
ATOM   472  C  CA   . PHE A 1 58  ? 3.684   0.208   11.196  1.00 34.54 ? 58  PHE A CA   1 
ATOM   473  C  C    . PHE A 1 58  ? 3.818   -1.054  10.349  1.00 36.39 ? 58  PHE A C    1 
ATOM   474  O  O    . PHE A 1 58  ? 2.815   -1.641  9.892   1.00 35.51 ? 58  PHE A O    1 
ATOM   475  C  CB   . PHE A 1 58  ? 3.208   -0.170  12.593  1.00 32.89 ? 58  PHE A CB   1 
ATOM   476  C  CG   . PHE A 1 58  ? 3.984   -1.301  13.219  1.00 33.64 ? 58  PHE A CG   1 
ATOM   477  C  CD1  . PHE A 1 58  ? 5.209   -1.072  13.845  1.00 35.24 ? 58  PHE A CD1  1 
ATOM   478  C  CD2  . PHE A 1 58  ? 3.502   -2.602  13.155  1.00 32.72 ? 58  PHE A CD2  1 
ATOM   479  C  CE1  . PHE A 1 58  ? 5.946   -2.131  14.401  1.00 35.38 ? 58  PHE A CE1  1 
ATOM   480  C  CE2  . PHE A 1 58  ? 4.229   -3.667  13.705  1.00 34.48 ? 58  PHE A CE2  1 
ATOM   481  C  CZ   . PHE A 1 58  ? 5.456   -3.426  14.331  1.00 34.59 ? 58  PHE A CZ   1 
ATOM   482  N  N    . PHE A 1 59  ? 5.056   -1.473  10.139  1.00 33.43 ? 59  PHE A N    1 
ATOM   483  C  CA   . PHE A 1 59  ? 5.322   -2.649  9.338   1.00 34.15 ? 59  PHE A CA   1 
ATOM   484  C  C    . PHE A 1 59  ? 6.142   -3.672  10.106  1.00 34.42 ? 59  PHE A C    1 
ATOM   485  O  O    . PHE A 1 59  ? 6.973   -3.331  10.940  1.00 33.99 ? 59  PHE A O    1 
ATOM   486  C  CB   . PHE A 1 59  ? 6.126   -2.278  8.089   1.00 35.31 ? 59  PHE A CB   1 
ATOM   487  C  CG   . PHE A 1 59  ? 5.424   -1.352  7.145   1.00 37.23 ? 59  PHE A CG   1 
ATOM   488  C  CD1  . PHE A 1 59  ? 4.819   -1.849  5.989   1.00 39.55 ? 59  PHE A CD1  1 
ATOM   489  C  CD2  . PHE A 1 59  ? 5.434   0.023   7.364   1.00 37.28 ? 59  PHE A CD2  1 
ATOM   490  C  CE1  . PHE A 1 59  ? 4.238   -0.981  5.057   1.00 40.99 ? 59  PHE A CE1  1 
ATOM   491  C  CE2  . PHE A 1 59  ? 4.865   0.897   6.450   1.00 34.64 ? 59  PHE A CE2  1 
ATOM   492  C  CZ   . PHE A 1 59  ? 4.266   0.396   5.289   1.00 40.32 ? 59  PHE A CZ   1 
ATOM   493  N  N    . TYR A 1 60  ? 5.909   -4.939  9.812   1.00 33.90 ? 60  TYR A N    1 
ATOM   494  C  CA   . TYR A 1 60  ? 6.688   -5.997  10.421  1.00 36.02 ? 60  TYR A CA   1 
ATOM   495  C  C    . TYR A 1 60  ? 6.661   -7.134  9.427   1.00 37.11 ? 60  TYR A C    1 
ATOM   496  O  O    . TYR A 1 60  ? 5.686   -7.892  9.354   1.00 36.60 ? 60  TYR A O    1 
ATOM   497  C  CB   . TYR A 1 60  ? 6.101   -6.410  11.767  1.00 40.23 ? 60  TYR A CB   1 
ATOM   498  C  CG   . TYR A 1 60  ? 6.937   -7.426  12.504  1.00 41.42 ? 60  TYR A CG   1 
ATOM   499  C  CD1  . TYR A 1 60  ? 8.230   -7.738  12.084  1.00 43.36 ? 60  TYR A CD1  1 
ATOM   500  C  CD2  . TYR A 1 60  ? 6.438   -8.082  13.624  1.00 42.98 ? 60  TYR A CD2  1 
ATOM   501  C  CE1  . TYR A 1 60  ? 9.007   -8.686  12.765  1.00 46.41 ? 60  TYR A CE1  1 
ATOM   502  C  CE2  . TYR A 1 60  ? 7.198   -9.021  14.310  1.00 45.99 ? 60  TYR A CE2  1 
ATOM   503  C  CZ   . TYR A 1 60  ? 8.479   -9.320  13.876  1.00 47.18 ? 60  TYR A CZ   1 
ATOM   504  O  OH   . TYR A 1 60  ? 9.218   -10.260 14.546  1.00 47.13 ? 60  TYR A OH   1 
ATOM   505  N  N    . GLN A 1 61  ? 7.722   -7.218  8.631   1.00 37.46 ? 61  GLN A N    1 
ATOM   506  C  CA   . GLN A 1 61  ? 7.836   -8.246  7.602   1.00 39.80 ? 61  GLN A CA   1 
ATOM   507  C  C    . GLN A 1 61  ? 8.060   -9.569  8.309   1.00 40.69 ? 61  GLN A C    1 
ATOM   508  O  O    . GLN A 1 61  ? 9.164   -9.869  8.748   1.00 43.78 ? 61  GLN A O    1 
ATOM   509  C  CB   . GLN A 1 61  ? 9.009   -7.934  6.656   1.00 37.33 ? 61  GLN A CB   1 
ATOM   510  C  CG   . GLN A 1 61  ? 9.022   -8.788  5.399   1.00 34.97 ? 61  GLN A CG   1 
ATOM   511  C  CD   . GLN A 1 61  ? 7.832   -8.506  4.482   1.00 39.39 ? 61  GLN A CD   1 
ATOM   512  O  OE1  . GLN A 1 61  ? 7.274   -9.417  3.876   1.00 41.49 ? 61  GLN A OE1  1 
ATOM   513  N  NE2  . GLN A 1 61  ? 7.452   -7.238  4.371   1.00 35.81 ? 61  GLN A NE2  1 
ATOM   514  N  N    . LEU A 1 62  ? 6.998   -10.355 8.417   1.00 42.78 ? 62  LEU A N    1 
ATOM   515  C  CA   . LEU A 1 62  ? 7.057   -11.641 9.105   1.00 43.88 ? 62  LEU A CA   1 
ATOM   516  C  C    . LEU A 1 62  ? 7.650   -12.753 8.266   1.00 44.30 ? 62  LEU A C    1 
ATOM   517  O  O    . LEU A 1 62  ? 8.385   -13.583 8.779   1.00 44.85 ? 62  LEU A O    1 
ATOM   518  C  CB   . LEU A 1 62  ? 5.658   -12.059 9.548   1.00 44.05 ? 62  LEU A CB   1 
ATOM   519  C  CG   . LEU A 1 62  ? 4.913   -11.049 10.422  1.00 46.61 ? 62  LEU A CG   1 
ATOM   520  C  CD1  . LEU A 1 62  ? 3.507   -11.555 10.697  1.00 50.10 ? 62  LEU A CD1  1 
ATOM   521  C  CD2  . LEU A 1 62  ? 5.657   -10.831 11.698  1.00 44.45 ? 62  LEU A CD2  1 
ATOM   522  N  N    . ARG A 1 63  ? 7.300   -12.785 6.983   1.00 43.11 ? 63  ARG A N    1 
ATOM   523  C  CA   . ARG A 1 63  ? 7.804   -13.812 6.089   1.00 44.30 ? 63  ARG A CA   1 
ATOM   524  C  C    . ARG A 1 63  ? 8.298   -13.199 4.790   1.00 45.34 ? 63  ARG A C    1 
ATOM   525  O  O    . ARG A 1 63  ? 7.672   -12.282 4.250   1.00 45.31 ? 63  ARG A O    1 
ATOM   526  C  CB   . ARG A 1 63  ? 6.704   -14.827 5.774   1.00 43.10 ? 63  ARG A CB   1 
ATOM   527  C  CG   . ARG A 1 63  ? 6.165   -15.540 6.997   1.00 45.91 ? 63  ARG A CG   1 
ATOM   528  C  CD   . ARG A 1 63  ? 5.002   -16.442 6.650   1.00 45.27 ? 63  ARG A CD   1 
ATOM   529  N  NE   . ARG A 1 63  ? 4.431   -17.055 7.844   1.00 46.56 ? 63  ARG A NE   1 
ATOM   530  C  CZ   . ARG A 1 63  ? 3.495   -17.999 7.825   1.00 46.20 ? 63  ARG A CZ   1 
ATOM   531  N  NH1  . ARG A 1 63  ? 3.021   -18.446 6.669   1.00 43.38 ? 63  ARG A NH1  1 
ATOM   532  N  NH2  . ARG A 1 63  ? 3.024   -18.490 8.967   1.00 45.12 ? 63  ARG A NH2  1 
ATOM   533  N  N    . GLY A 1 64  ? 9.428   -13.710 4.302   1.00 46.69 ? 64  GLY A N    1 
ATOM   534  C  CA   . GLY A 1 64  ? 9.991   -13.238 3.051   1.00 45.63 ? 64  GLY A CA   1 
ATOM   535  C  C    . GLY A 1 64  ? 10.482  -11.810 3.100   1.00 45.70 ? 64  GLY A C    1 
ATOM   536  O  O    . GLY A 1 64  ? 10.533  -11.204 4.162   1.00 46.99 ? 64  GLY A O    1 
ATOM   537  N  N    . ASN A 1 65  ? 10.829  -11.264 1.939   1.00 46.47 ? 65  ASN A N    1 
ATOM   538  C  CA   . ASN A 1 65  ? 11.341  -9.903  1.860   1.00 45.24 ? 65  ASN A CA   1 
ATOM   539  C  C    . ASN A 1 65  ? 10.503  -9.044  0.934   1.00 42.77 ? 65  ASN A C    1 
ATOM   540  O  O    . ASN A 1 65  ? 9.817   -9.549  0.057   1.00 43.37 ? 65  ASN A O    1 
ATOM   541  C  CB   . ASN A 1 65  ? 12.777  -9.922  1.333   1.00 46.98 ? 65  ASN A CB   1 
ATOM   542  C  CG   . ASN A 1 65  ? 13.641  -10.941 2.042   1.00 47.79 ? 65  ASN A CG   1 
ATOM   543  O  OD1  . ASN A 1 65  ? 14.119  -10.706 3.150   1.00 47.83 ? 65  ASN A OD1  1 
ATOM   544  N  ND2  . ASN A 1 65  ? 13.837  -12.095 1.403   1.00 47.96 ? 65  ASN A ND2  1 
ATOM   545  N  N    . ALA A 1 66  ? 10.594  -7.736  1.127   1.00 41.10 ? 66  ALA A N    1 
ATOM   546  C  CA   . ALA A 1 66  ? 9.878   -6.776  0.306   1.00 41.39 ? 66  ALA A CA   1 
ATOM   547  C  C    . ALA A 1 66  ? 10.637  -5.465  0.436   1.00 41.90 ? 66  ALA A C    1 
ATOM   548  O  O    . ALA A 1 66  ? 11.658  -5.406  1.109   1.00 41.28 ? 66  ALA A O    1 
ATOM   549  C  CB   . ALA A 1 66  ? 8.463   -6.612  0.822   1.00 38.21 ? 66  ALA A CB   1 
ATOM   550  N  N    . TYR A 1 67  ? 10.162  -4.417  -0.226  1.00 43.62 ? 67  TYR A N    1 
ATOM   551  C  CA   . TYR A 1 67  ? 10.805  -3.111  -0.092  1.00 43.64 ? 67  TYR A CA   1 
ATOM   552  C  C    . TYR A 1 67  ? 9.807   -2.016  -0.391  1.00 44.72 ? 67  TYR A C    1 
ATOM   553  O  O    . TYR A 1 67  ? 8.752   -2.256  -0.984  1.00 46.02 ? 67  TYR A O    1 
ATOM   554  C  CB   . TYR A 1 67  ? 12.047  -2.961  -0.998  1.00 41.50 ? 67  TYR A CB   1 
ATOM   555  C  CG   . TYR A 1 67  ? 11.828  -3.137  -2.487  1.00 41.82 ? 67  TYR A CG   1 
ATOM   556  C  CD1  . TYR A 1 67  ? 11.678  -4.406  -3.045  1.00 38.47 ? 67  TYR A CD1  1 
ATOM   557  C  CD2  . TYR A 1 67  ? 11.786  -2.028  -3.345  1.00 42.32 ? 67  TYR A CD2  1 
ATOM   558  C  CE1  . TYR A 1 67  ? 11.492  -4.574  -4.414  1.00 42.88 ? 67  TYR A CE1  1 
ATOM   559  C  CE2  . TYR A 1 67  ? 11.600  -2.182  -4.725  1.00 41.01 ? 67  TYR A CE2  1 
ATOM   560  C  CZ   . TYR A 1 67  ? 11.455  -3.459  -5.247  1.00 42.11 ? 67  TYR A CZ   1 
ATOM   561  O  OH   . TYR A 1 67  ? 11.289  -3.635  -6.594  1.00 42.61 ? 67  TYR A OH   1 
ATOM   562  N  N    . LEU A 1 68  ? 10.136  -0.810  0.046   1.00 44.87 ? 68  LEU A N    1 
ATOM   563  C  CA   . LEU A 1 68  ? 9.272   0.324   -0.179  1.00 45.03 ? 68  LEU A CA   1 
ATOM   564  C  C    . LEU A 1 68  ? 9.969   1.348   -1.048  1.00 44.60 ? 68  LEU A C    1 
ATOM   565  O  O    . LEU A 1 68  ? 11.057  1.811   -0.716  1.00 44.54 ? 68  LEU A O    1 
ATOM   566  C  CB   . LEU A 1 68  ? 8.902   0.983   1.149   1.00 45.32 ? 68  LEU A CB   1 
ATOM   567  C  CG   . LEU A 1 68  ? 8.151   0.131   2.176   1.00 46.53 ? 68  LEU A CG   1 
ATOM   568  C  CD1  . LEU A 1 68  ? 7.939   0.929   3.434   1.00 44.03 ? 68  LEU A CD1  1 
ATOM   569  C  CD2  . LEU A 1 68  ? 6.818   -0.309  1.595   1.00 48.75 ? 68  LEU A CD2  1 
ATOM   570  N  N    . ASN A 1 69  ? 9.362   1.675   -2.179  1.00 43.84 ? 69  ASN A N    1 
ATOM   571  C  CA   . ASN A 1 69  ? 9.925   2.714   -3.019  1.00 45.18 ? 69  ASN A CA   1 
ATOM   572  C  C    . ASN A 1 69  ? 9.418   3.974   -2.325  1.00 45.38 ? 69  ASN A C    1 
ATOM   573  O  O    . ASN A 1 69  ? 8.231   4.083   -2.018  1.00 45.30 ? 69  ASN A O    1 
ATOM   574  C  CB   . ASN A 1 69  ? 9.391   2.623   -4.452  1.00 44.45 ? 69  ASN A CB   1 
ATOM   575  C  CG   . ASN A 1 69  ? 10.139  1.603   -5.291  1.00 46.35 ? 69  ASN A CG   1 
ATOM   576  O  OD1  . ASN A 1 69  ? 11.336  1.383   -5.093  1.00 50.51 ? 69  ASN A OD1  1 
ATOM   577  N  ND2  . ASN A 1 69  ? 9.446   0.990   -6.243  1.00 47.36 ? 69  ASN A ND2  1 
ATOM   578  N  N    . LEU A 1 70  ? 10.319  4.903   -2.041  1.00 46.61 ? 70  LEU A N    1 
ATOM   579  C  CA   . LEU A 1 70  ? 9.947   6.129   -1.349  1.00 49.12 ? 70  LEU A CA   1 
ATOM   580  C  C    . LEU A 1 70  ? 10.411  7.376   -2.081  1.00 53.25 ? 70  LEU A C    1 
ATOM   581  O  O    . LEU A 1 70  ? 11.176  7.313   -3.041  1.00 51.73 ? 70  LEU A O    1 
ATOM   582  C  CB   . LEU A 1 70  ? 10.583  6.166   0.045   1.00 47.81 ? 70  LEU A CB   1 
ATOM   583  C  CG   . LEU A 1 70  ? 10.512  4.965   0.990   1.00 45.78 ? 70  LEU A CG   1 
ATOM   584  C  CD1  . LEU A 1 70  ? 11.565  5.127   2.082   1.00 47.38 ? 70  LEU A CD1  1 
ATOM   585  C  CD2  . LEU A 1 70  ? 9.127   4.845   1.586   1.00 45.06 ? 70  LEU A CD2  1 
ATOM   586  N  N    . TRP A 1 71  ? 9.917   8.508   -1.597  1.00 59.51 ? 71  TRP A N    1 
ATOM   587  C  CA   . TRP A 1 71  ? 10.286  9.832   -2.074  1.00 64.22 ? 71  TRP A CA   1 
ATOM   588  C  C    . TRP A 1 71  ? 10.691  10.508  -0.759  1.00 68.16 ? 71  TRP A C    1 
ATOM   589  O  O    . TRP A 1 71  ? 9.842   10.994  -0.008  1.00 68.86 ? 71  TRP A O    1 
ATOM   590  C  CB   . TRP A 1 71  ? 9.093   10.574  -2.691  1.00 66.08 ? 71  TRP A CB   1 
ATOM   591  C  CG   . TRP A 1 71  ? 8.900   10.360  -4.176  1.00 67.55 ? 71  TRP A CG   1 
ATOM   592  C  CD1  . TRP A 1 71  ? 7.952   9.586   -4.773  1.00 69.37 ? 71  TRP A CD1  1 
ATOM   593  C  CD2  . TRP A 1 71  ? 9.673   10.941  -5.241  1.00 69.16 ? 71  TRP A CD2  1 
ATOM   594  N  NE1  . TRP A 1 71  ? 8.081   9.644   -6.146  1.00 70.00 ? 71  TRP A NE1  1 
ATOM   595  C  CE2  . TRP A 1 71  ? 9.128   10.469  -6.459  1.00 68.64 ? 71  TRP A CE2  1 
ATOM   596  C  CE3  . TRP A 1 71  ? 10.773  11.810  -5.284  1.00 70.33 ? 71  TRP A CE3  1 
ATOM   597  C  CZ2  . TRP A 1 71  ? 9.643   10.839  -7.706  1.00 68.17 ? 71  TRP A CZ2  1 
ATOM   598  C  CZ3  . TRP A 1 71  ? 11.287  12.179  -6.529  1.00 69.48 ? 71  TRP A CZ3  1 
ATOM   599  C  CH2  . TRP A 1 71  ? 10.718  11.691  -7.721  1.00 69.08 ? 71  TRP A CH2  1 
ATOM   600  N  N    . VAL A 1 72  ? 11.984  10.487  -0.454  1.00 70.97 ? 72  VAL A N    1 
ATOM   601  C  CA   . VAL A 1 72  ? 12.476  11.099  0.775   1.00 75.12 ? 72  VAL A CA   1 
ATOM   602  C  C    . VAL A 1 72  ? 13.202  12.388  0.426   1.00 77.32 ? 72  VAL A C    1 
ATOM   603  O  O    . VAL A 1 72  ? 14.181  12.370  -0.320  1.00 78.30 ? 72  VAL A O    1 
ATOM   604  C  CB   . VAL A 1 72  ? 13.450  10.157  1.532   1.00 75.55 ? 72  VAL A CB   1 
ATOM   605  C  CG1  . VAL A 1 72  ? 13.967  10.843  2.792   1.00 75.50 ? 72  VAL A CG1  1 
ATOM   606  C  CG2  . VAL A 1 72  ? 12.744  8.856   1.892   1.00 75.15 ? 72  VAL A CG2  1 
ATOM   607  N  N    . ASP A 1 73  ? 12.713  13.504  0.963   1.00 79.37 ? 73  ASP A N    1 
ATOM   608  C  CA   . ASP A 1 73  ? 13.307  14.813  0.701   1.00 81.41 ? 73  ASP A CA   1 
ATOM   609  C  C    . ASP A 1 73  ? 13.485  15.050  -0.807  1.00 80.85 ? 73  ASP A C    1 
ATOM   610  O  O    . ASP A 1 73  ? 14.547  15.486  -1.260  1.00 80.71 ? 73  ASP A O    1 
ATOM   611  C  CB   . ASP A 1 73  ? 14.655  14.932  1.424   1.00 82.68 ? 73  ASP A CB   1 
ATOM   612  C  CG   . ASP A 1 73  ? 15.194  16.355  1.435   1.00 85.23 ? 73  ASP A CG   1 
ATOM   613  O  OD1  . ASP A 1 73  ? 16.249  16.580  2.064   1.00 86.72 ? 73  ASP A OD1  1 
ATOM   614  O  OD2  . ASP A 1 73  ? 14.570  17.246  0.819   1.00 85.67 ? 73  ASP A OD2  1 
ATOM   615  N  N    . GLY A 1 74  ? 12.440  14.744  -1.574  1.00 80.70 ? 74  GLY A N    1 
ATOM   616  C  CA   . GLY A 1 74  ? 12.468  14.936  -3.014  1.00 79.82 ? 74  GLY A CA   1 
ATOM   617  C  C    . GLY A 1 74  ? 13.303  13.961  -3.828  1.00 79.70 ? 74  GLY A C    1 
ATOM   618  O  O    . GLY A 1 74  ? 13.588  14.224  -4.998  1.00 79.71 ? 74  GLY A O    1 
ATOM   619  N  N    . ARG A 1 75  ? 13.690  12.835  -3.233  1.00 78.44 ? 75  ARG A N    1 
ATOM   620  C  CA   . ARG A 1 75  ? 14.503  11.850  -3.947  1.00 77.55 ? 75  ARG A CA   1 
ATOM   621  C  C    . ARG A 1 75  ? 13.931  10.436  -3.881  1.00 76.16 ? 75  ARG A C    1 
ATOM   622  O  O    . ARG A 1 75  ? 13.500  9.979   -2.823  1.00 75.91 ? 75  ARG A O    1 
ATOM   623  C  CB   . ARG A 1 75  ? 15.934  11.855  -3.397  1.00 78.13 ? 75  ARG A CB   1 
ATOM   624  N  N    . ARG A 1 76  ? 13.933  9.747   -5.018  1.00 74.59 ? 76  ARG A N    1 
ATOM   625  C  CA   . ARG A 1 76  ? 13.430  8.383   -5.080  1.00 73.31 ? 76  ARG A CA   1 
ATOM   626  C  C    . ARG A 1 76  ? 14.357  7.468   -4.295  1.00 71.76 ? 76  ARG A C    1 
ATOM   627  O  O    . ARG A 1 76  ? 15.444  7.128   -4.755  1.00 72.60 ? 76  ARG A O    1 
ATOM   628  C  CB   . ARG A 1 76  ? 13.356  7.910   -6.529  1.00 74.81 ? 76  ARG A CB   1 
ATOM   629  C  CG   . ARG A 1 76  ? 12.310  8.625   -7.359  1.00 77.05 ? 76  ARG A CG   1 
ATOM   630  C  CD   . ARG A 1 76  ? 12.272  8.075   -8.775  1.00 78.59 ? 76  ARG A CD   1 
ATOM   631  N  NE   . ARG A 1 76  ? 11.050  8.458   -9.479  1.00 80.43 ? 76  ARG A NE   1 
ATOM   632  C  CZ   . ARG A 1 76  ? 10.741  8.058   -10.711 1.00 81.91 ? 76  ARG A CZ   1 
ATOM   633  N  NH1  . ARG A 1 76  ? 11.565  7.261   -11.384 1.00 82.01 ? 76  ARG A NH1  1 
ATOM   634  N  NH2  . ARG A 1 76  ? 9.602   8.445   -11.269 1.00 82.68 ? 76  ARG A NH2  1 
ATOM   635  N  N    . GLU A 1 77  ? 13.927  7.075   -3.103  1.00 69.57 ? 77  GLU A N    1 
ATOM   636  C  CA   . GLU A 1 77  ? 14.732  6.203   -2.259  1.00 67.35 ? 77  GLU A CA   1 
ATOM   637  C  C    . GLU A 1 77  ? 14.111  4.818   -2.162  1.00 64.25 ? 77  GLU A C    1 
ATOM   638  O  O    . GLU A 1 77  ? 13.020  4.571   -2.674  1.00 62.27 ? 77  GLU A O    1 
ATOM   639  C  CB   . GLU A 1 77  ? 14.861  6.801   -0.859  1.00 69.46 ? 77  GLU A CB   1 
ATOM   640  C  CG   . GLU A 1 77  ? 15.402  8.225   -0.835  1.00 73.99 ? 77  GLU A CG   1 
ATOM   641  C  CD   . GLU A 1 77  ? 16.874  8.309   -1.217  1.00 77.20 ? 77  GLU A CD   1 
ATOM   642  O  OE1  . GLU A 1 77  ? 17.708  7.711   -0.499  1.00 78.34 ? 77  GLU A OE1  1 
ATOM   643  O  OE2  . GLU A 1 77  ? 17.195  8.974   -2.230  1.00 78.90 ? 77  GLU A OE2  1 
ATOM   644  N  N    . ARG A 1 78  ? 14.826  3.910   -1.513  1.00 61.34 ? 78  ARG A N    1 
ATOM   645  C  CA   . ARG A 1 78  ? 14.339  2.552   -1.338  1.00 58.93 ? 78  ARG A CA   1 
ATOM   646  C  C    . ARG A 1 78  ? 14.627  2.055   0.067   1.00 57.58 ? 78  ARG A C    1 
ATOM   647  O  O    . ARG A 1 78  ? 15.760  2.122   0.542   1.00 58.55 ? 78  ARG A O    1 
ATOM   648  C  CB   . ARG A 1 78  ? 14.975  1.610   -2.364  1.00 57.32 ? 78  ARG A CB   1 
ATOM   649  C  CG   . ARG A 1 78  ? 14.943  0.150   -1.949  1.00 57.72 ? 78  ARG A CG   1 
ATOM   650  C  CD   . ARG A 1 78  ? 15.262  -0.781  -3.105  1.00 58.73 ? 78  ARG A CD   1 
ATOM   651  N  NE   . ARG A 1 78  ? 15.294  -2.180  -2.680  1.00 58.05 ? 78  ARG A NE   1 
ATOM   652  C  CZ   . ARG A 1 78  ? 15.216  -3.221  -3.506  1.00 57.58 ? 78  ARG A CZ   1 
ATOM   653  N  NH1  . ARG A 1 78  ? 15.097  -3.033  -4.814  1.00 58.33 ? 78  ARG A NH1  1 
ATOM   654  N  NH2  . ARG A 1 78  ? 15.261  -4.456  -3.020  1.00 56.87 ? 78  ARG A NH2  1 
ATOM   655  N  N    . ALA A 1 79  ? 13.586  1.582   0.738   1.00 55.18 ? 79  ALA A N    1 
ATOM   656  C  CA   . ALA A 1 79  ? 13.723  1.050   2.083   1.00 52.90 ? 79  ALA A CA   1 
ATOM   657  C  C    . ALA A 1 79  ? 13.367  -0.434  2.016   1.00 52.03 ? 79  ALA A C    1 
ATOM   658  O  O    . ALA A 1 79  ? 12.224  -0.797  1.754   1.00 49.76 ? 79  ALA A O    1 
ATOM   659  C  CB   . ALA A 1 79  ? 12.788  1.786   3.041   1.00 53.07 ? 79  ALA A CB   1 
ATOM   660  N  N    . ASP A 1 80  ? 14.361  -1.288  2.231   1.00 51.61 ? 80  ASP A N    1 
ATOM   661  C  CA   . ASP A 1 80  ? 14.153  -2.728  2.195   1.00 51.13 ? 80  ASP A CA   1 
ATOM   662  C  C    . ASP A 1 80  ? 13.485  -3.269  3.457   1.00 48.46 ? 80  ASP A C    1 
ATOM   663  O  O    . ASP A 1 80  ? 13.846  -2.891  4.563   1.00 47.99 ? 80  ASP A O    1 
ATOM   664  C  CB   . ASP A 1 80  ? 15.495  -3.434  2.005   1.00 54.30 ? 80  ASP A CB   1 
ATOM   665  C  CG   . ASP A 1 80  ? 15.986  -3.365  0.578   1.00 58.60 ? 80  ASP A CG   1 
ATOM   666  O  OD1  . ASP A 1 80  ? 15.626  -4.259  -0.223  1.00 60.14 ? 80  ASP A OD1  1 
ATOM   667  O  OD2  . ASP A 1 80  ? 16.719  -2.408  0.254   1.00 62.92 ? 80  ASP A OD2  1 
ATOM   668  N  N    . LEU A 1 81  ? 12.499  -4.143  3.286   1.00 45.69 ? 81  LEU A N    1 
ATOM   669  C  CA   . LEU A 1 81  ? 11.838  -4.762  4.435   1.00 45.01 ? 81  LEU A CA   1 
ATOM   670  C  C    . LEU A 1 81  ? 12.270  -6.222  4.418   1.00 43.66 ? 81  LEU A C    1 
ATOM   671  O  O    . LEU A 1 81  ? 11.589  -7.079  3.858   1.00 40.94 ? 81  LEU A O    1 
ATOM   672  C  CB   . LEU A 1 81  ? 10.309  -4.673  4.334   1.00 43.94 ? 81  LEU A CB   1 
ATOM   673  C  CG   . LEU A 1 81  ? 9.674   -3.280  4.457   1.00 46.69 ? 81  LEU A CG   1 
ATOM   674  C  CD1  . LEU A 1 81  ? 8.157   -3.407  4.347   1.00 43.67 ? 81  LEU A CD1  1 
ATOM   675  C  CD2  . LEU A 1 81  ? 10.056  -2.635  5.776   1.00 43.07 ? 81  LEU A CD2  1 
ATOM   676  N  N    . LYS A 1 82  ? 13.426  -6.487  5.012   1.00 43.33 ? 82  LYS A N    1 
ATOM   677  C  CA   . LYS A 1 82  ? 13.963  -7.832  5.072   1.00 46.75 ? 82  LYS A CA   1 
ATOM   678  C  C    . LYS A 1 82  ? 13.178  -8.592  6.120   1.00 45.07 ? 82  LYS A C    1 
ATOM   679  O  O    . LYS A 1 82  ? 12.781  -8.026  7.131   1.00 45.01 ? 82  LYS A O    1 
ATOM   680  C  CB   . LYS A 1 82  ? 15.439  -7.793  5.466   1.00 49.41 ? 82  LYS A CB   1 
ATOM   681  C  CG   . LYS A 1 82  ? 16.287  -6.903  4.572   1.00 55.77 ? 82  LYS A CG   1 
ATOM   682  C  CD   . LYS A 1 82  ? 17.211  -7.718  3.684   1.00 61.12 ? 82  LYS A CD   1 
ATOM   683  C  CE   . LYS A 1 82  ? 16.438  -8.709  2.814   1.00 63.59 ? 82  LYS A CE   1 
ATOM   684  N  NZ   . LYS A 1 82  ? 17.357  -9.599  2.043   1.00 62.85 ? 82  LYS A NZ   1 
ATOM   685  N  N    . GLU A 1 83  ? 12.941  -9.871  5.862   1.00 45.69 ? 83  GLU A N    1 
ATOM   686  C  CA   . GLU A 1 83  ? 12.213  -10.691 6.810   1.00 44.90 ? 83  GLU A CA   1 
ATOM   687  C  C    . GLU A 1 83  ? 12.744  -10.430 8.203   1.00 45.97 ? 83  GLU A C    1 
ATOM   688  O  O    . GLU A 1 83  ? 13.961  -10.495 8.437   1.00 45.85 ? 83  GLU A O    1 
ATOM   689  C  CB   . GLU A 1 83  ? 12.387  -12.161 6.468   1.00 43.69 ? 83  GLU A CB   1 
ATOM   690  C  CG   . GLU A 1 83  ? 11.745  -13.080 7.462   1.00 47.11 ? 83  GLU A CG   1 
ATOM   691  C  CD   . GLU A 1 83  ? 11.794  -14.513 7.010   1.00 49.12 ? 83  GLU A CD   1 
ATOM   692  O  OE1  . GLU A 1 83  ? 11.174  -14.828 5.965   1.00 49.58 ? 83  GLU A OE1  1 
ATOM   693  O  OE2  . GLU A 1 83  ? 12.458  -15.319 7.699   1.00 52.34 ? 83  GLU A OE2  1 
ATOM   694  N  N    . GLY A 1 84  ? 11.836  -10.122 9.128   1.00 44.15 ? 84  GLY A N    1 
ATOM   695  C  CA   . GLY A 1 84  ? 12.244  -9.860  10.494  1.00 42.73 ? 84  GLY A CA   1 
ATOM   696  C  C    . GLY A 1 84  ? 12.321  -8.386  10.837  1.00 41.43 ? 84  GLY A C    1 
ATOM   697  O  O    . GLY A 1 84  ? 12.357  -8.040  12.006  1.00 40.63 ? 84  GLY A O    1 
ATOM   698  N  N    . ASP A 1 85  ? 12.354  -7.517  9.826   1.00 41.16 ? 85  ASP A N    1 
ATOM   699  C  CA   . ASP A 1 85  ? 12.426  -6.071  10.068  1.00 40.98 ? 85  ASP A CA   1 
ATOM   700  C  C    . ASP A 1 85  ? 11.077  -5.467  10.455  1.00 40.35 ? 85  ASP A C    1 
ATOM   701  O  O    . ASP A 1 85  ? 10.027  -5.930  10.012  1.00 37.42 ? 85  ASP A O    1 
ATOM   702  C  CB   . ASP A 1 85  ? 12.877  -5.315  8.802   1.00 42.34 ? 85  ASP A CB   1 
ATOM   703  C  CG   . ASP A 1 85  ? 14.331  -5.567  8.421   1.00 44.31 ? 85  ASP A CG   1 
ATOM   704  O  OD1  . ASP A 1 85  ? 14.734  -5.083  7.340   1.00 50.63 ? 85  ASP A OD1  1 
ATOM   705  O  OD2  . ASP A 1 85  ? 15.072  -6.225  9.173   1.00 43.24 ? 85  ASP A OD2  1 
ATOM   706  N  N    . ILE A 1 86  ? 11.127  -4.437  11.293  1.00 40.14 ? 86  ILE A N    1 
ATOM   707  C  CA   . ILE A 1 86  ? 9.941   -3.672  11.670  1.00 41.30 ? 86  ILE A CA   1 
ATOM   708  C  C    . ILE A 1 86  ? 10.291  -2.258  11.210  1.00 40.95 ? 86  ILE A C    1 
ATOM   709  O  O    . ILE A 1 86  ? 11.477  -1.918  11.071  1.00 40.30 ? 86  ILE A O    1 
ATOM   710  C  CB   . ILE A 1 86  ? 9.668   -3.634  13.182  1.00 39.41 ? 86  ILE A CB   1 
ATOM   711  C  CG1  . ILE A 1 86  ? 10.917  -3.205  13.938  1.00 38.60 ? 86  ILE A CG1  1 
ATOM   712  C  CG2  . ILE A 1 86  ? 9.164   -4.977  13.642  1.00 40.31 ? 86  ILE A CG2  1 
ATOM   713  C  CD1  . ILE A 1 86  ? 10.636  -2.913  15.400  1.00 40.44 ? 86  ILE A CD1  1 
ATOM   714  N  N    . PHE A 1 87  ? 9.275   -1.432  11.002  1.00 39.70 ? 87  PHE A N    1 
ATOM   715  C  CA   . PHE A 1 87  ? 9.492   -0.079  10.510  1.00 39.49 ? 87  PHE A CA   1 
ATOM   716  C  C    . PHE A 1 87  ? 8.260   0.772   10.798  1.00 41.33 ? 87  PHE A C    1 
ATOM   717  O  O    . PHE A 1 87  ? 7.131   0.281   10.713  1.00 40.25 ? 87  PHE A O    1 
ATOM   718  C  CB   . PHE A 1 87  ? 9.730   -0.175  8.998   1.00 39.45 ? 87  PHE A CB   1 
ATOM   719  C  CG   . PHE A 1 87  ? 9.839   1.143   8.295   1.00 39.71 ? 87  PHE A CG   1 
ATOM   720  C  CD1  . PHE A 1 87  ? 10.828  2.059   8.645   1.00 40.55 ? 87  PHE A CD1  1 
ATOM   721  C  CD2  . PHE A 1 87  ? 8.996   1.435   7.225   1.00 41.03 ? 87  PHE A CD2  1 
ATOM   722  C  CE1  . PHE A 1 87  ? 10.979  3.241   7.939   1.00 41.28 ? 87  PHE A CE1  1 
ATOM   723  C  CE2  . PHE A 1 87  ? 9.135   2.620   6.509   1.00 39.62 ? 87  PHE A CE2  1 
ATOM   724  C  CZ   . PHE A 1 87  ? 10.131  3.527   6.865   1.00 43.35 ? 87  PHE A CZ   1 
ATOM   725  N  N    . LEU A 1 88  ? 8.481   2.037   11.153  1.00 39.77 ? 88  LEU A N    1 
ATOM   726  C  CA   . LEU A 1 88  ? 7.388   2.961   11.419  1.00 38.12 ? 88  LEU A CA   1 
ATOM   727  C  C    . LEU A 1 88  ? 7.539   4.091   10.403  1.00 39.84 ? 88  LEU A C    1 
ATOM   728  O  O    . LEU A 1 88  ? 8.571   4.756   10.366  1.00 40.48 ? 88  LEU A O    1 
ATOM   729  C  CB   . LEU A 1 88  ? 7.482   3.511   12.844  1.00 37.59 ? 88  LEU A CB   1 
ATOM   730  C  CG   . LEU A 1 88  ? 6.279   4.340   13.321  1.00 35.97 ? 88  LEU A CG   1 
ATOM   731  C  CD1  . LEU A 1 88  ? 5.015   3.482   13.301  1.00 37.58 ? 88  LEU A CD1  1 
ATOM   732  C  CD2  . LEU A 1 88  ? 6.540   4.862   14.720  1.00 36.29 ? 88  LEU A CD2  1 
ATOM   733  N  N    . LEU A 1 89  ? 6.520   4.295   9.569   1.00 40.31 ? 89  LEU A N    1 
ATOM   734  C  CA   . LEU A 1 89  ? 6.556   5.332   8.539   1.00 39.90 ? 89  LEU A CA   1 
ATOM   735  C  C    . LEU A 1 89  ? 5.822   6.580   9.014   1.00 40.96 ? 89  LEU A C    1 
ATOM   736  O  O    . LEU A 1 89  ? 4.659   6.506   9.387   1.00 39.56 ? 89  LEU A O    1 
ATOM   737  C  CB   . LEU A 1 89  ? 5.908   4.809   7.258   1.00 41.36 ? 89  LEU A CB   1 
ATOM   738  C  CG   . LEU A 1 89  ? 5.863   5.691   6.000   1.00 42.51 ? 89  LEU A CG   1 
ATOM   739  C  CD1  . LEU A 1 89  ? 7.274   5.938   5.444   1.00 40.60 ? 89  LEU A CD1  1 
ATOM   740  C  CD2  . LEU A 1 89  ? 5.035   4.987   4.952   1.00 39.49 ? 89  LEU A CD2  1 
ATOM   741  N  N    . PRO A 1 90  ? 6.495   7.749   8.999   1.00 41.07 ? 90  PRO A N    1 
ATOM   742  C  CA   . PRO A 1 90  ? 5.862   8.994   9.440   1.00 41.23 ? 90  PRO A CA   1 
ATOM   743  C  C    . PRO A 1 90  ? 4.682   9.330   8.532   1.00 41.01 ? 90  PRO A C    1 
ATOM   744  O  O    . PRO A 1 90  ? 4.563   8.804   7.428   1.00 41.27 ? 90  PRO A O    1 
ATOM   745  C  CB   . PRO A 1 90  ? 6.987   10.028  9.311   1.00 40.58 ? 90  PRO A CB   1 
ATOM   746  C  CG   . PRO A 1 90  ? 8.233   9.221   9.322   1.00 40.30 ? 90  PRO A CG   1 
ATOM   747  C  CD   . PRO A 1 90  ? 7.865   8.007   8.527   1.00 40.96 ? 90  PRO A CD   1 
ATOM   748  N  N    . PRO A 1 91  ? 3.792   10.215  8.981   1.00 40.76 ? 91  PRO A N    1 
ATOM   749  C  CA   . PRO A 1 91  ? 2.665   10.532  8.098   1.00 42.08 ? 91  PRO A CA   1 
ATOM   750  C  C    . PRO A 1 91  ? 3.137   11.234  6.820   1.00 42.17 ? 91  PRO A C    1 
ATOM   751  O  O    . PRO A 1 91  ? 4.148   11.935  6.828   1.00 43.55 ? 91  PRO A O    1 
ATOM   752  C  CB   . PRO A 1 91  ? 1.805   11.457  8.955   1.00 41.01 ? 91  PRO A CB   1 
ATOM   753  C  CG   . PRO A 1 91  ? 2.185   11.103  10.368  1.00 41.50 ? 91  PRO A CG   1 
ATOM   754  C  CD   . PRO A 1 91  ? 3.680   10.925  10.264  1.00 40.95 ? 91  PRO A CD   1 
ATOM   755  N  N    . HIS A 1 92  ? 2.419   11.013  5.723   1.00 43.67 ? 92  HIS A N    1 
ATOM   756  C  CA   . HIS A 1 92  ? 2.699   11.663  4.441   1.00 44.20 ? 92  HIS A CA   1 
ATOM   757  C  C    . HIS A 1 92  ? 3.937   11.287  3.633   1.00 44.25 ? 92  HIS A C    1 
ATOM   758  O  O    . HIS A 1 92  ? 4.080   11.750  2.503   1.00 45.12 ? 92  HIS A O    1 
ATOM   759  C  CB   . HIS A 1 92  ? 2.663   13.191  4.620   1.00 45.10 ? 92  HIS A CB   1 
ATOM   760  C  CG   . HIS A 1 92  ? 1.345   13.711  5.112   1.00 44.67 ? 92  HIS A CG   1 
ATOM   761  N  ND1  . HIS A 1 92  ? 0.163   13.506  4.433   1.00 48.37 ? 92  HIS A ND1  1 
ATOM   762  C  CD2  . HIS A 1 92  ? 1.019   14.401  6.231   1.00 45.73 ? 92  HIS A CD2  1 
ATOM   763  C  CE1  . HIS A 1 92  ? -0.833  14.044  5.111   1.00 45.15 ? 92  HIS A CE1  1 
ATOM   764  N  NE2  . HIS A 1 92  ? -0.340  14.595  6.206   1.00 47.30 ? 92  HIS A NE2  1 
ATOM   765  N  N    . VAL A 1 93  ? 4.839   10.472  4.173   1.00 43.79 ? 93  VAL A N    1 
ATOM   766  C  CA   . VAL A 1 93  ? 6.002   10.074  3.374   1.00 41.42 ? 93  VAL A CA   1 
ATOM   767  C  C    . VAL A 1 93  ? 5.454   9.182   2.260   1.00 42.17 ? 93  VAL A C    1 
ATOM   768  O  O    . VAL A 1 93  ? 4.830   8.157   2.530   1.00 43.39 ? 93  VAL A O    1 
ATOM   769  C  CB   . VAL A 1 93  ? 7.047   9.270   4.190   1.00 39.67 ? 93  VAL A CB   1 
ATOM   770  C  CG1  . VAL A 1 93  ? 8.147   8.775   3.264   1.00 40.04 ? 93  VAL A CG1  1 
ATOM   771  C  CG2  . VAL A 1 93  ? 7.649   10.133  5.284   1.00 40.31 ? 93  VAL A CG2  1 
ATOM   772  N  N    . ARG A 1 94  ? 5.676   9.575   1.011   1.00 42.47 ? 94  ARG A N    1 
ATOM   773  C  CA   . ARG A 1 94  ? 5.167   8.819   -0.129  1.00 44.26 ? 94  ARG A CA   1 
ATOM   774  C  C    . ARG A 1 94  ? 5.855   7.466   -0.226  1.00 44.41 ? 94  ARG A C    1 
ATOM   775  O  O    . ARG A 1 94  ? 7.078   7.370   -0.108  1.00 44.32 ? 94  ARG A O    1 
ATOM   776  C  CB   . ARG A 1 94  ? 5.372   9.617   -1.413  1.00 43.93 ? 94  ARG A CB   1 
ATOM   777  C  CG   . ARG A 1 94  ? 4.884   11.070  -1.322  1.00 46.15 ? 94  ARG A CG   1 
ATOM   778  C  CD   . ARG A 1 94  ? 3.400   11.176  -1.023  1.00 48.07 ? 94  ARG A CD   1 
ATOM   779  N  NE   . ARG A 1 94  ? 2.855   12.481  -1.410  1.00 49.87 ? 94  ARG A NE   1 
ATOM   780  C  CZ   . ARG A 1 94  ? 2.831   13.563  -0.635  1.00 50.45 ? 94  ARG A CZ   1 
ATOM   781  N  NH1  . ARG A 1 94  ? 3.315   13.526  0.604   1.00 48.55 ? 94  ARG A NH1  1 
ATOM   782  N  NH2  . ARG A 1 94  ? 2.327   14.697  -1.108  1.00 49.44 ? 94  ARG A NH2  1 
ATOM   783  N  N    . HIS A 1 95  ? 5.070   6.420   -0.454  1.00 43.25 ? 95  HIS A N    1 
ATOM   784  C  CA   . HIS A 1 95  ? 5.628   5.078   -0.514  1.00 43.80 ? 95  HIS A CA   1 
ATOM   785  C  C    . HIS A 1 95  ? 4.852   4.166   -1.438  1.00 43.32 ? 95  HIS A C    1 
ATOM   786  O  O    . HIS A 1 95  ? 3.621   4.231   -1.505  1.00 42.41 ? 95  HIS A O    1 
ATOM   787  C  CB   . HIS A 1 95  ? 5.648   4.466   0.891   1.00 41.25 ? 95  HIS A CB   1 
ATOM   788  C  CG   . HIS A 1 95  ? 4.312   4.479   1.561   1.00 41.92 ? 95  HIS A CG   1 
ATOM   789  N  ND1  . HIS A 1 95  ? 3.768   5.618   2.109   1.00 41.53 ? 95  HIS A ND1  1 
ATOM   790  C  CD2  . HIS A 1 95  ? 3.380   3.506   1.713   1.00 41.41 ? 95  HIS A CD2  1 
ATOM   791  C  CE1  . HIS A 1 95  ? 2.558   5.350   2.569   1.00 42.22 ? 95  HIS A CE1  1 
ATOM   792  N  NE2  . HIS A 1 95  ? 2.299   4.077   2.339   1.00 39.97 ? 95  HIS A NE2  1 
ATOM   793  N  N    . SER A 1 96  ? 5.588   3.300   -2.128  1.00 43.20 ? 96  SER A N    1 
ATOM   794  C  CA   . SER A 1 96  ? 5.016   2.342   -3.063  1.00 42.88 ? 96  SER A CA   1 
ATOM   795  C  C    . SER A 1 96  ? 5.541   0.958   -2.689  1.00 43.55 ? 96  SER A C    1 
ATOM   796  O  O    . SER A 1 96  ? 6.673   0.602   -3.027  1.00 44.06 ? 96  SER A O    1 
ATOM   797  C  CB   . SER A 1 96  ? 5.442   2.692   -4.485  1.00 40.29 ? 96  SER A CB   1 
ATOM   798  O  OG   . SER A 1 96  ? 4.750   1.897   -5.423  1.00 40.69 ? 96  SER A OG   1 
ATOM   799  N  N    . PRO A 1 97  ? 4.719   0.154   -1.996  1.00 44.03 ? 97  PRO A N    1 
ATOM   800  C  CA   . PRO A 1 97  ? 5.097   -1.196  -1.557  1.00 42.85 ? 97  PRO A CA   1 
ATOM   801  C  C    . PRO A 1 97  ? 5.351   -2.193  -2.668  1.00 41.39 ? 97  PRO A C    1 
ATOM   802  O  O    . PRO A 1 97  ? 4.479   -2.456  -3.480  1.00 41.29 ? 97  PRO A O    1 
ATOM   803  C  CB   . PRO A 1 97  ? 3.923   -1.617  -0.673  1.00 44.64 ? 97  PRO A CB   1 
ATOM   804  C  CG   . PRO A 1 97  ? 3.353   -0.285  -0.198  1.00 45.48 ? 97  PRO A CG   1 
ATOM   805  C  CD   . PRO A 1 97  ? 3.397   0.522   -1.461  1.00 42.82 ? 97  PRO A CD   1 
ATOM   806  N  N    . GLN A 1 98  ? 6.553   -2.750  -2.698  1.00 41.31 ? 98  GLN A N    1 
ATOM   807  C  CA   . GLN A 1 98  ? 6.905   -3.739  -3.708  1.00 41.80 ? 98  GLN A CA   1 
ATOM   808  C  C    . GLN A 1 98  ? 7.104   -5.050  -2.972  1.00 41.13 ? 98  GLN A C    1 
ATOM   809  O  O    . GLN A 1 98  ? 8.010   -5.186  -2.159  1.00 41.83 ? 98  GLN A O    1 
ATOM   810  C  CB   . GLN A 1 98  ? 8.191   -3.342  -4.437  1.00 41.61 ? 98  GLN A CB   1 
ATOM   811  C  CG   . GLN A 1 98  ? 8.105   -2.026  -5.179  1.00 41.64 ? 98  GLN A CG   1 
ATOM   812  C  CD   . GLN A 1 98  ? 6.899   -1.949  -6.089  1.00 42.68 ? 98  GLN A CD   1 
ATOM   813  O  OE1  . GLN A 1 98  ? 6.567   -2.908  -6.787  1.00 44.27 ? 98  GLN A OE1  1 
ATOM   814  N  NE2  . GLN A 1 98  ? 6.242   -0.799  -6.101  1.00 41.51 ? 98  GLN A NE2  1 
ATOM   815  N  N    . ARG A 1 99  ? 6.236   -6.007  -3.255  1.00 42.28 ? 99  ARG A N    1 
ATOM   816  C  CA   . ARG A 1 99  ? 6.289   -7.297  -2.594  1.00 43.49 ? 99  ARG A CA   1 
ATOM   817  C  C    . ARG A 1 99  ? 6.273   -8.348  -3.684  1.00 44.35 ? 99  ARG A C    1 
ATOM   818  O  O    . ARG A 1 99  ? 5.238   -8.925  -3.995  1.00 43.90 ? 99  ARG A O    1 
ATOM   819  C  CB   . ARG A 1 99  ? 5.079   -7.432  -1.676  1.00 42.14 ? 99  ARG A CB   1 
ATOM   820  C  CG   . ARG A 1 99  ? 4.972   -6.266  -0.684  1.00 41.51 ? 99  ARG A CG   1 
ATOM   821  C  CD   . ARG A 1 99  ? 3.703   -6.328  0.149   1.00 40.04 ? 99  ARG A CD   1 
ATOM   822  N  NE   . ARG A 1 99  ? 3.717   -5.317  1.199   1.00 40.72 ? 99  ARG A NE   1 
ATOM   823  C  CZ   . ARG A 1 99  ? 4.549   -5.330  2.233   1.00 41.58 ? 99  ARG A CZ   1 
ATOM   824  N  NH1  . ARG A 1 99  ? 5.437   -6.312  2.364   1.00 37.98 ? 99  ARG A NH1  1 
ATOM   825  N  NH2  . ARG A 1 99  ? 4.506   -4.351  3.125   1.00 41.03 ? 99  ARG A NH2  1 
ATOM   826  N  N    . PRO A 1 100 ? 7.446   -8.619  -4.269  1.00 45.93 ? 100 PRO A N    1 
ATOM   827  C  CA   . PRO A 1 100 ? 7.594   -9.594  -5.347  1.00 47.24 ? 100 PRO A CA   1 
ATOM   828  C  C    . PRO A 1 100 ? 7.589   -11.073 -5.001  1.00 48.48 ? 100 PRO A C    1 
ATOM   829  O  O    . PRO A 1 100 ? 7.377   -11.895 -5.888  1.00 48.79 ? 100 PRO A O    1 
ATOM   830  C  CB   . PRO A 1 100 ? 8.904   -9.168  -6.001  1.00 46.92 ? 100 PRO A CB   1 
ATOM   831  C  CG   . PRO A 1 100 ? 9.723   -8.761  -4.830  1.00 46.39 ? 100 PRO A CG   1 
ATOM   832  C  CD   . PRO A 1 100 ? 8.740   -7.988  -3.952  1.00 46.90 ? 100 PRO A CD   1 
ATOM   833  N  N    . GLU A 1 101 ? 7.808   -11.451 -3.746  1.00 49.47 ? 101 GLU A N    1 
ATOM   834  C  CA   . GLU A 1 101 ? 7.826   -12.887 -3.497  1.00 50.98 ? 101 GLU A CA   1 
ATOM   835  C  C    . GLU A 1 101 ? 6.579   -13.568 -2.951  1.00 49.53 ? 101 GLU A C    1 
ATOM   836  O  O    . GLU A 1 101 ? 5.932   -13.092 -2.025  1.00 51.88 ? 101 GLU A O    1 
ATOM   837  C  CB   . GLU A 1 101 ? 9.057   -13.277 -2.670  1.00 52.66 ? 101 GLU A CB   1 
ATOM   838  C  CG   . GLU A 1 101 ? 9.281   -12.567 -1.368  1.00 55.69 ? 101 GLU A CG   1 
ATOM   839  C  CD   . GLU A 1 101 ? 10.649  -12.916 -0.777  1.00 58.45 ? 101 GLU A CD   1 
ATOM   840  O  OE1  . GLU A 1 101 ? 11.672  -12.411 -1.293  1.00 57.28 ? 101 GLU A OE1  1 
ATOM   841  O  OE2  . GLU A 1 101 ? 10.706  -13.710 0.191   1.00 59.54 ? 101 GLU A OE2  1 
ATOM   842  N  N    . ALA A 1 102 ? 6.249   -14.695 -3.572  1.00 47.92 ? 102 ALA A N    1 
ATOM   843  C  CA   . ALA A 1 102 ? 5.100   -15.501 -3.193  1.00 46.55 ? 102 ALA A CA   1 
ATOM   844  C  C    . ALA A 1 102 ? 5.342   -16.054 -1.800  1.00 45.78 ? 102 ALA A C    1 
ATOM   845  O  O    . ALA A 1 102 ? 6.488   -16.220 -1.394  1.00 45.65 ? 102 ALA A O    1 
ATOM   846  C  CB   . ALA A 1 102 ? 4.919   -16.635 -4.179  1.00 47.72 ? 102 ALA A CB   1 
ATOM   847  N  N    . GLY A 1 103 ? 4.266   -16.324 -1.068  1.00 45.14 ? 103 GLY A N    1 
ATOM   848  C  CA   . GLY A 1 103 ? 4.407   -16.844 0.282   1.00 44.08 ? 103 GLY A CA   1 
ATOM   849  C  C    . GLY A 1 103 ? 4.960   -15.816 1.249   1.00 43.61 ? 103 GLY A C    1 
ATOM   850  O  O    . GLY A 1 103 ? 5.349   -16.140 2.364   1.00 46.39 ? 103 GLY A O    1 
ATOM   851  N  N    . SER A 1 104 ? 4.988   -14.564 0.818   1.00 43.01 ? 104 SER A N    1 
ATOM   852  C  CA   . SER A 1 104 ? 5.499   -13.479 1.642   1.00 42.94 ? 104 SER A CA   1 
ATOM   853  C  C    . SER A 1 104 ? 4.385   -12.980 2.556   1.00 41.23 ? 104 SER A C    1 
ATOM   854  O  O    . SER A 1 104 ? 3.217   -13.111 2.217   1.00 43.05 ? 104 SER A O    1 
ATOM   855  C  CB   . SER A 1 104 ? 5.965   -12.336 0.740   1.00 41.57 ? 104 SER A CB   1 
ATOM   856  O  OG   . SER A 1 104 ? 6.788   -11.469 1.478   1.00 49.82 ? 104 SER A OG   1 
ATOM   857  N  N    . ALA A 1 105 ? 4.740   -12.408 3.703   1.00 41.00 ? 105 ALA A N    1 
ATOM   858  C  CA   . ALA A 1 105 ? 3.731   -11.892 4.633   1.00 40.38 ? 105 ALA A CA   1 
ATOM   859  C  C    . ALA A 1 105 ? 4.277   -10.774 5.510   1.00 39.86 ? 105 ALA A C    1 
ATOM   860  O  O    . ALA A 1 105 ? 5.276   -10.935 6.202   1.00 41.29 ? 105 ALA A O    1 
ATOM   861  C  CB   . ALA A 1 105 ? 3.193   -13.013 5.509   1.00 39.61 ? 105 ALA A CB   1 
ATOM   862  N  N    . CYS A 1 106 ? 3.594   -9.636  5.482   1.00 39.56 ? 106 CYS A N    1 
ATOM   863  C  CA   . CYS A 1 106 ? 4.007   -8.488  6.266   1.00 36.89 ? 106 CYS A CA   1 
ATOM   864  C  C    . CYS A 1 106 ? 2.832   -7.970  7.080   1.00 37.86 ? 106 CYS A C    1 
ATOM   865  O  O    . CYS A 1 106 ? 1.742   -7.743  6.542   1.00 37.54 ? 106 CYS A O    1 
ATOM   866  C  CB   . CYS A 1 106 ? 4.510   -7.367  5.347   1.00 35.05 ? 106 CYS A CB   1 
ATOM   867  S  SG   . CYS A 1 106 ? 5.123   -5.906  6.206   1.00 36.67 ? 106 CYS A SG   1 
ATOM   868  N  N    . LEU A 1 107 ? 3.055   -7.797  8.380   1.00 37.02 ? 107 LEU A N    1 
ATOM   869  C  CA   . LEU A 1 107 ? 2.022   -7.269  9.250   1.00 36.57 ? 107 LEU A CA   1 
ATOM   870  C  C    . LEU A 1 107 ? 2.039   -5.753  9.037   1.00 37.43 ? 107 LEU A C    1 
ATOM   871  O  O    . LEU A 1 107 ? 3.080   -5.111  9.191   1.00 36.07 ? 107 LEU A O    1 
ATOM   872  C  CB   . LEU A 1 107 ? 2.332   -7.590  10.717  1.00 37.18 ? 107 LEU A CB   1 
ATOM   873  C  CG   . LEU A 1 107 ? 1.507   -6.825  11.763  1.00 36.67 ? 107 LEU A CG   1 
ATOM   874  C  CD1  . LEU A 1 107 ? 0.039   -7.244  11.670  1.00 37.28 ? 107 LEU A CD1  1 
ATOM   875  C  CD2  . LEU A 1 107 ? 2.046   -7.086  13.144  1.00 38.02 ? 107 LEU A CD2  1 
ATOM   876  N  N    . VAL A 1 108 ? 0.904   -5.185  8.657   1.00 36.00 ? 108 VAL A N    1 
ATOM   877  C  CA   . VAL A 1 108 ? 0.830   -3.744  8.455   1.00 37.37 ? 108 VAL A CA   1 
ATOM   878  C  C    . VAL A 1 108 ? -0.307  -3.219  9.313   1.00 39.33 ? 108 VAL A C    1 
ATOM   879  O  O    . VAL A 1 108 ? -1.451  -3.669  9.194   1.00 39.23 ? 108 VAL A O    1 
ATOM   880  C  CB   . VAL A 1 108 ? 0.566   -3.365  6.970   1.00 39.92 ? 108 VAL A CB   1 
ATOM   881  C  CG1  . VAL A 1 108 ? 0.380   -1.855  6.853   1.00 37.26 ? 108 VAL A CG1  1 
ATOM   882  C  CG2  . VAL A 1 108 ? 1.742   -3.814  6.081   1.00 37.99 ? 108 VAL A CG2  1 
ATOM   883  N  N    . ILE A 1 109 ? 0.010   -2.276  10.195  1.00 38.60 ? 109 ILE A N    1 
ATOM   884  C  CA   . ILE A 1 109 ? -0.999  -1.709  11.062  1.00 37.81 ? 109 ILE A CA   1 
ATOM   885  C  C    . ILE A 1 109 ? -1.118  -0.220  10.778  1.00 40.10 ? 109 ILE A C    1 
ATOM   886  O  O    . ILE A 1 109 ? -0.106  0.486   10.660  1.00 39.64 ? 109 ILE A O    1 
ATOM   887  C  CB   . ILE A 1 109 ? -0.639  -1.940  12.526  1.00 37.35 ? 109 ILE A CB   1 
ATOM   888  C  CG1  . ILE A 1 109 ? -0.619  -3.443  12.811  1.00 37.40 ? 109 ILE A CG1  1 
ATOM   889  C  CG2  . ILE A 1 109 ? -1.624  -1.221  13.432  1.00 36.41 ? 109 ILE A CG2  1 
ATOM   890  C  CD1  . ILE A 1 109 ? -0.199  -3.788  14.236  1.00 37.95 ? 109 ILE A CD1  1 
ATOM   891  N  N    . GLU A 1 110 ? -2.364  0.230   10.646  1.00 39.23 ? 110 GLU A N    1 
ATOM   892  C  CA   . GLU A 1 110 ? -2.678  1.623   10.360  1.00 41.64 ? 110 GLU A CA   1 
ATOM   893  C  C    . GLU A 1 110 ? -3.874  2.030   11.223  1.00 42.10 ? 110 GLU A C    1 
ATOM   894  O  O    . GLU A 1 110 ? -4.419  1.209   11.962  1.00 40.41 ? 110 GLU A O    1 
ATOM   895  C  CB   . GLU A 1 110 ? -3.028  1.797   8.873   1.00 40.73 ? 110 GLU A CB   1 
ATOM   896  C  CG   . GLU A 1 110 ? -1.981  1.242   7.925   1.00 43.58 ? 110 GLU A CG   1 
ATOM   897  C  CD   . GLU A 1 110 ? -2.196  1.640   6.462   1.00 46.39 ? 110 GLU A CD   1 
ATOM   898  O  OE1  . GLU A 1 110 ? -3.168  2.365   6.151   1.00 45.53 ? 110 GLU A OE1  1 
ATOM   899  O  OE2  . GLU A 1 110 ? -1.375  1.222   5.613   1.00 44.90 ? 110 GLU A OE2  1 
ATOM   900  N  N    . ARG A 1 111 ? -4.283  3.290   11.112  1.00 42.27 ? 111 ARG A N    1 
ATOM   901  C  CA   . ARG A 1 111 ? -5.412  3.819   11.880  1.00 45.26 ? 111 ARG A CA   1 
ATOM   902  C  C    . ARG A 1 111 ? -6.576  4.231   10.989  1.00 44.98 ? 111 ARG A C    1 
ATOM   903  O  O    . ARG A 1 111 ? -6.368  4.624   9.846   1.00 45.00 ? 111 ARG A O    1 
ATOM   904  C  CB   . ARG A 1 111 ? -4.987  5.064   12.672  1.00 46.42 ? 111 ARG A CB   1 
ATOM   905  C  CG   . ARG A 1 111 ? -4.338  4.838   14.016  1.00 47.28 ? 111 ARG A CG   1 
ATOM   906  C  CD   . ARG A 1 111 ? -4.045  6.194   14.664  1.00 47.87 ? 111 ARG A CD   1 
ATOM   907  N  NE   . ARG A 1 111 ? -5.253  7.012   14.676  1.00 46.57 ? 111 ARG A NE   1 
ATOM   908  C  CZ   . ARG A 1 111 ? -5.284  8.322   14.902  1.00 45.22 ? 111 ARG A CZ   1 
ATOM   909  N  NH1  . ARG A 1 111 ? -4.165  8.986   15.135  1.00 44.18 ? 111 ARG A NH1  1 
ATOM   910  N  NH2  . ARG A 1 111 ? -6.443  8.965   14.900  1.00 46.76 ? 111 ARG A NH2  1 
ATOM   911  N  N    . GLN A 1 112 ? -7.797  4.141   11.526  1.00 46.41 ? 112 GLN A N    1 
ATOM   912  C  CA   . GLN A 1 112 ? -9.004  4.569   10.817  1.00 47.55 ? 112 GLN A CA   1 
ATOM   913  C  C    . GLN A 1 112 ? -8.846  6.074   10.665  1.00 46.37 ? 112 GLN A C    1 
ATOM   914  O  O    . GLN A 1 112 ? -8.556  6.758   11.637  1.00 45.87 ? 112 GLN A O    1 
ATOM   915  C  CB   . GLN A 1 112 ? -10.259 4.323   11.659  1.00 50.97 ? 112 GLN A CB   1 
ATOM   916  C  CG   . GLN A 1 112 ? -10.716 2.883   11.786  1.00 58.06 ? 112 GLN A CG   1 
ATOM   917  C  CD   . GLN A 1 112 ? -11.378 2.385   10.523  1.00 62.18 ? 112 GLN A CD   1 
ATOM   918  O  OE1  . GLN A 1 112 ? -11.667 3.170   9.617   1.00 65.12 ? 112 GLN A OE1  1 
ATOM   919  N  NE2  . GLN A 1 112 ? -11.634 1.076   10.455  1.00 63.89 ? 112 GLN A NE2  1 
ATOM   920  N  N    . ARG A 1 113 ? -9.034  6.599   9.462   1.00 47.26 ? 113 ARG A N    1 
ATOM   921  C  CA   . ARG A 1 113 ? -8.895  8.035   9.267   1.00 50.50 ? 113 ARG A CA   1 
ATOM   922  C  C    . ARG A 1 113 ? -10.165 8.779   9.676   1.00 52.35 ? 113 ARG A C    1 
ATOM   923  O  O    . ARG A 1 113 ? -11.265 8.436   9.242   1.00 52.97 ? 113 ARG A O    1 
ATOM   924  C  CB   . ARG A 1 113 ? -8.580  8.365   7.804   1.00 49.66 ? 113 ARG A CB   1 
ATOM   925  C  CG   . ARG A 1 113 ? -7.144  8.120   7.357   1.00 48.19 ? 113 ARG A CG   1 
ATOM   926  C  CD   . ARG A 1 113 ? -6.782  6.660   7.409   1.00 48.75 ? 113 ARG A CD   1 
ATOM   927  N  NE   . ARG A 1 113 ? -5.939  6.243   6.290   1.00 47.07 ? 113 ARG A NE   1 
ATOM   928  C  CZ   . ARG A 1 113 ? -5.279  5.087   6.247   1.00 46.83 ? 113 ARG A CZ   1 
ATOM   929  N  NH1  . ARG A 1 113 ? -5.352  4.236   7.264   1.00 43.84 ? 113 ARG A NH1  1 
ATOM   930  N  NH2  . ARG A 1 113 ? -4.564  4.774   5.177   1.00 48.17 ? 113 ARG A NH2  1 
ATOM   931  N  N    . PRO A 1 114 ? -10.026 9.808   10.522  1.00 53.41 ? 114 PRO A N    1 
ATOM   932  C  CA   . PRO A 1 114 ? -11.192 10.578  10.954  1.00 54.57 ? 114 PRO A CA   1 
ATOM   933  C  C    . PRO A 1 114 ? -11.823 11.182  9.701   1.00 55.77 ? 114 PRO A C    1 
ATOM   934  O  O    . PRO A 1 114 ? -11.156 11.309  8.673   1.00 56.73 ? 114 PRO A O    1 
ATOM   935  C  CB   . PRO A 1 114 ? -10.583 11.658  11.845  1.00 55.10 ? 114 PRO A CB   1 
ATOM   936  C  CG   . PRO A 1 114 ? -9.339  11.021  12.360  1.00 55.85 ? 114 PRO A CG   1 
ATOM   937  C  CD   . PRO A 1 114 ? -8.799  10.324  11.146  1.00 55.09 ? 114 PRO A CD   1 
ATOM   938  N  N    . ALA A 1 115 ? -13.097 11.546  9.778   1.00 55.08 ? 115 ALA A N    1 
ATOM   939  C  CA   . ALA A 1 115 ? -13.765 12.152  8.637   1.00 55.63 ? 115 ALA A CA   1 
ATOM   940  C  C    . ALA A 1 115 ? -13.028 13.451  8.325   1.00 54.87 ? 115 ALA A C    1 
ATOM   941  O  O    . ALA A 1 115 ? -12.681 14.197  9.232   1.00 56.21 ? 115 ALA A O    1 
ATOM   942  C  CB   . ALA A 1 115 ? -15.220 12.437  8.979   1.00 55.29 ? 115 ALA A CB   1 
ATOM   943  N  N    . GLY A 1 116 ? -12.764 13.716  7.053   1.00 54.53 ? 116 GLY A N    1 
ATOM   944  C  CA   . GLY A 1 116 ? -12.069 14.945  6.707   1.00 55.18 ? 116 GLY A CA   1 
ATOM   945  C  C    . GLY A 1 116 ? -10.573 14.782  6.507   1.00 55.57 ? 116 GLY A C    1 
ATOM   946  O  O    . GLY A 1 116 ? -9.894  15.683  5.998   1.00 54.96 ? 116 GLY A O    1 
ATOM   947  N  N    . MET A 1 117 ? -10.050 13.632  6.914   1.00 54.58 ? 117 MET A N    1 
ATOM   948  C  CA   . MET A 1 117 ? -8.632  13.351  6.760   1.00 52.75 ? 117 MET A CA   1 
ATOM   949  C  C    . MET A 1 117 ? -8.536  12.391  5.591   1.00 50.15 ? 117 MET A C    1 
ATOM   950  O  O    . MET A 1 117 ? -8.919  11.226  5.698   1.00 49.47 ? 117 MET A O    1 
ATOM   951  C  CB   . MET A 1 117 ? -8.096  12.711  8.030   1.00 55.33 ? 117 MET A CB   1 
ATOM   952  C  CG   . MET A 1 117 ? -6.603  12.763  8.150   1.00 56.75 ? 117 MET A CG   1 
ATOM   953  S  SD   . MET A 1 117 ? -6.144  12.022  9.705   1.00 62.63 ? 117 MET A SD   1 
ATOM   954  C  CE   . MET A 1 117 ? -6.653  13.286  10.848  1.00 56.77 ? 117 MET A CE   1 
ATOM   955  N  N    . LEU A 1 118 ? -8.028  12.886  4.470   1.00 47.73 ? 118 LEU A N    1 
ATOM   956  C  CA   . LEU A 1 118 ? -7.948  12.075  3.270   1.00 46.59 ? 118 LEU A CA   1 
ATOM   957  C  C    . LEU A 1 118 ? -6.589  11.480  2.959   1.00 45.47 ? 118 LEU A C    1 
ATOM   958  O  O    . LEU A 1 118 ? -5.543  12.012  3.338   1.00 43.00 ? 118 LEU A O    1 
ATOM   959  C  CB   . LEU A 1 118 ? -8.410  12.885  2.047   1.00 47.19 ? 118 LEU A CB   1 
ATOM   960  C  CG   . LEU A 1 118 ? -9.691  13.719  2.169   1.00 47.89 ? 118 LEU A CG   1 
ATOM   961  C  CD1  . LEU A 1 118 ? -10.088 14.251  0.786   1.00 49.16 ? 118 LEU A CD1  1 
ATOM   962  C  CD2  . LEU A 1 118 ? -10.809 12.868  2.748   1.00 49.12 ? 118 LEU A CD2  1 
ATOM   963  N  N    . ASP A 1 119 ? -6.643  10.356  2.256   1.00 45.22 ? 119 ASP A N    1 
ATOM   964  C  CA   . ASP A 1 119 ? -5.469  9.643   1.803   1.00 44.48 ? 119 ASP A CA   1 
ATOM   965  C  C    . ASP A 1 119 ? -5.250  10.082  0.376   1.00 44.55 ? 119 ASP A C    1 
ATOM   966  O  O    . ASP A 1 119 ? -6.210  10.338  -0.352  1.00 43.76 ? 119 ASP A O    1 
ATOM   967  C  CB   . ASP A 1 119 ? -5.713  8.140   1.822   1.00 44.42 ? 119 ASP A CB   1 
ATOM   968  C  CG   . ASP A 1 119 ? -5.593  7.550   3.205   1.00 45.53 ? 119 ASP A CG   1 
ATOM   969  O  OD1  . ASP A 1 119 ? -4.638  6.779   3.433   1.00 48.15 ? 119 ASP A OD1  1 
ATOM   970  O  OD2  . ASP A 1 119 ? -6.442  7.864   4.063   1.00 45.64 ? 119 ASP A OD2  1 
ATOM   971  N  N    . GLY A 1 120 ? -3.987  10.170  -0.019  1.00 43.34 ? 120 GLY A N    1 
ATOM   972  C  CA   . GLY A 1 120 ? -3.661  10.541  -1.377  1.00 42.45 ? 120 GLY A CA   1 
ATOM   973  C  C    . GLY A 1 120 ? -2.964  9.376   -2.054  1.00 42.51 ? 120 GLY A C    1 
ATOM   974  O  O    . GLY A 1 120 ? -2.217  8.632   -1.417  1.00 43.16 ? 120 GLY A O    1 
ATOM   975  N  N    . PHE A 1 121 ? -3.239  9.194   -3.336  1.00 41.51 ? 121 PHE A N    1 
ATOM   976  C  CA   . PHE A 1 121 ? -2.612  8.147   -4.131  1.00 43.43 ? 121 PHE A CA   1 
ATOM   977  C  C    . PHE A 1 121 ? -2.035  8.858   -5.330  1.00 44.72 ? 121 PHE A C    1 
ATOM   978  O  O    . PHE A 1 121 ? -2.756  9.529   -6.063  1.00 47.44 ? 121 PHE A O    1 
ATOM   979  C  CB   . PHE A 1 121 ? -3.643  7.102   -4.525  1.00 41.41 ? 121 PHE A CB   1 
ATOM   980  C  CG   . PHE A 1 121 ? -4.061  6.240   -3.373  1.00 46.93 ? 121 PHE A CG   1 
ATOM   981  C  CD1  . PHE A 1 121 ? -3.230  5.213   -2.928  1.00 44.24 ? 121 PHE A CD1  1 
ATOM   982  C  CD2  . PHE A 1 121 ? -5.235  6.509   -2.674  1.00 44.10 ? 121 PHE A CD2  1 
ATOM   983  C  CE1  . PHE A 1 121 ? -3.563  4.465   -1.797  1.00 47.36 ? 121 PHE A CE1  1 
ATOM   984  C  CE2  . PHE A 1 121 ? -5.575  5.770   -1.547  1.00 47.00 ? 121 PHE A CE2  1 
ATOM   985  C  CZ   . PHE A 1 121 ? -4.738  4.746   -1.106  1.00 47.55 ? 121 PHE A CZ   1 
ATOM   986  N  N    . GLU A 1 122 ? -0.727  8.721   -5.516  1.00 47.29 ? 122 GLU A N    1 
ATOM   987  C  CA   . GLU A 1 122 ? -0.030  9.415   -6.591  1.00 48.84 ? 122 GLU A CA   1 
ATOM   988  C  C    . GLU A 1 122 ? 0.819   8.577   -7.533  1.00 50.61 ? 122 GLU A C    1 
ATOM   989  O  O    . GLU A 1 122 ? 1.225   7.452   -7.219  1.00 50.54 ? 122 GLU A O    1 
ATOM   990  C  CB   . GLU A 1 122 ? 0.863   10.492  -5.981  1.00 48.09 ? 122 GLU A CB   1 
ATOM   991  C  CG   . GLU A 1 122 ? 0.118   11.509  -5.159  1.00 48.37 ? 122 GLU A CG   1 
ATOM   992  C  CD   . GLU A 1 122 ? 1.047   12.388  -4.364  1.00 47.67 ? 122 GLU A CD   1 
ATOM   993  O  OE1  . GLU A 1 122 ? 0.607   13.467  -3.919  1.00 51.37 ? 122 GLU A OE1  1 
ATOM   994  O  OE2  . GLU A 1 122 ? 2.216   12.000  -4.167  1.00 50.14 ? 122 GLU A OE2  1 
ATOM   995  N  N    . TRP A 1 123 ? 1.082   9.162   -8.699  1.00 51.12 ? 123 TRP A N    1 
ATOM   996  C  CA   . TRP A 1 123 ? 1.915   8.558   -9.731  1.00 50.19 ? 123 TRP A CA   1 
ATOM   997  C  C    . TRP A 1 123 ? 2.881   9.639   -10.196 1.00 51.97 ? 123 TRP A C    1 
ATOM   998  O  O    . TRP A 1 123 ? 2.511   10.813  -10.294 1.00 52.34 ? 123 TRP A O    1 
ATOM   999  C  CB   . TRP A 1 123 ? 1.063   8.077   -10.897 1.00 48.62 ? 123 TRP A CB   1 
ATOM   1000 C  CG   . TRP A 1 123 ? 0.347   6.804   -10.617 1.00 46.59 ? 123 TRP A CG   1 
ATOM   1001 C  CD1  . TRP A 1 123 ? 0.801   5.540   -10.850 1.00 45.89 ? 123 TRP A CD1  1 
ATOM   1002 C  CD2  . TRP A 1 123 ? -0.958  6.664   -10.042 1.00 47.91 ? 123 TRP A CD2  1 
ATOM   1003 N  NE1  . TRP A 1 123 ? -0.140  4.616   -10.457 1.00 47.35 ? 123 TRP A NE1  1 
ATOM   1004 C  CE2  . TRP A 1 123 ? -1.230  5.280   -9.957  1.00 47.57 ? 123 TRP A CE2  1 
ATOM   1005 C  CE3  . TRP A 1 123 ? -1.925  7.573   -9.592  1.00 47.74 ? 123 TRP A CE3  1 
ATOM   1006 C  CZ2  . TRP A 1 123 ? -2.430  4.782   -9.438  1.00 47.28 ? 123 TRP A CZ2  1 
ATOM   1007 C  CZ3  . TRP A 1 123 ? -3.122  7.076   -9.075  1.00 46.62 ? 123 TRP A CZ3  1 
ATOM   1008 C  CH2  . TRP A 1 123 ? -3.360  5.692   -9.004  1.00 46.91 ? 123 TRP A CH2  1 
ATOM   1009 N  N    . TYR A 1 124 ? 4.122   9.239   -10.461 1.00 52.86 ? 124 TYR A N    1 
ATOM   1010 C  CA   . TYR A 1 124 ? 5.167   10.155  -10.903 1.00 53.31 ? 124 TYR A CA   1 
ATOM   1011 C  C    . TYR A 1 124 ? 5.725   9.702   -12.244 1.00 54.26 ? 124 TYR A C    1 
ATOM   1012 O  O    . TYR A 1 124 ? 5.722   8.505   -12.551 1.00 53.22 ? 124 TYR A O    1 
ATOM   1013 C  CB   . TYR A 1 124 ? 6.282   10.203  -9.857  1.00 52.95 ? 124 TYR A CB   1 
ATOM   1014 C  CG   . TYR A 1 124 ? 5.849   10.883  -8.587  1.00 53.73 ? 124 TYR A CG   1 
ATOM   1015 C  CD1  . TYR A 1 124 ? 5.945   12.267  -8.449  1.00 54.42 ? 124 TYR A CD1  1 
ATOM   1016 C  CD2  . TYR A 1 124 ? 5.282   10.155  -7.542  1.00 54.51 ? 124 TYR A CD2  1 
ATOM   1017 C  CE1  . TYR A 1 124 ? 5.486   12.910  -7.305  1.00 54.59 ? 124 TYR A CE1  1 
ATOM   1018 C  CE2  . TYR A 1 124 ? 4.818   10.788  -6.396  1.00 54.14 ? 124 TYR A CE2  1 
ATOM   1019 C  CZ   . TYR A 1 124 ? 4.926   12.165  -6.285  1.00 55.15 ? 124 TYR A CZ   1 
ATOM   1020 O  OH   . TYR A 1 124 ? 4.495   12.795  -5.141  1.00 54.25 ? 124 TYR A OH   1 
ATOM   1021 N  N    . CYS A 1 125 ? 6.197   10.662  -13.039 1.00 56.15 ? 125 CYS A N    1 
ATOM   1022 C  CA   . CYS A 1 125 ? 6.753   10.363  -14.358 1.00 59.21 ? 125 CYS A CA   1 
ATOM   1023 C  C    . CYS A 1 125 ? 8.142   9.732   -14.270 1.00 61.50 ? 125 CYS A C    1 
ATOM   1024 O  O    . CYS A 1 125 ? 9.035   10.260  -13.608 1.00 61.32 ? 125 CYS A O    1 
ATOM   1025 C  CB   . CYS A 1 125 ? 6.829   11.635  -15.206 1.00 58.42 ? 125 CYS A CB   1 
ATOM   1026 S  SG   . CYS A 1 125 ? 7.326   11.338  -16.940 1.00 59.43 ? 125 CYS A SG   1 
ATOM   1027 N  N    . ASP A 1 126 ? 8.316   8.599   -14.941 1.00 64.72 ? 126 ASP A N    1 
ATOM   1028 C  CA   . ASP A 1 126 ? 9.601   7.911   -14.945 1.00 68.34 ? 126 ASP A CA   1 
ATOM   1029 C  C    . ASP A 1 126 ? 10.619  8.669   -15.792 1.00 68.68 ? 126 ASP A C    1 
ATOM   1030 O  O    . ASP A 1 126 ? 11.794  8.308   -15.827 1.00 69.59 ? 126 ASP A O    1 
ATOM   1031 C  CB   . ASP A 1 126 ? 9.445   6.486   -15.490 1.00 71.57 ? 126 ASP A CB   1 
ATOM   1032 C  CG   . ASP A 1 126 ? 8.676   5.575   -14.544 1.00 75.50 ? 126 ASP A CG   1 
ATOM   1033 O  OD1  . ASP A 1 126 ? 9.130   5.393   -13.388 1.00 77.15 ? 126 ASP A OD1  1 
ATOM   1034 O  OD2  . ASP A 1 126 ? 7.620   5.039   -14.955 1.00 77.51 ? 126 ASP A OD2  1 
ATOM   1035 N  N    . ALA A 1 127 ? 10.162  9.720   -16.467 1.00 68.67 ? 127 ALA A N    1 
ATOM   1036 C  CA   . ALA A 1 127 ? 11.032  10.520  -17.321 1.00 68.07 ? 127 ALA A CA   1 
ATOM   1037 C  C    . ALA A 1 127 ? 11.538  11.775  -16.627 1.00 67.78 ? 127 ALA A C    1 
ATOM   1038 O  O    . ALA A 1 127 ? 12.732  11.902  -16.375 1.00 68.51 ? 127 ALA A O    1 
ATOM   1039 C  CB   . ALA A 1 127 ? 10.304  10.893  -18.603 1.00 68.38 ? 127 ALA A CB   1 
ATOM   1040 N  N    . CYS A 1 128 ? 10.644  12.706  -16.317 1.00 66.75 ? 128 CYS A N    1 
ATOM   1041 C  CA   . CYS A 1 128 ? 11.078  13.930  -15.653 1.00 66.33 ? 128 CYS A CA   1 
ATOM   1042 C  C    . CYS A 1 128 ? 10.951  13.843  -14.137 1.00 66.21 ? 128 CYS A C    1 
ATOM   1043 O  O    . CYS A 1 128 ? 11.545  14.640  -13.412 1.00 66.50 ? 128 CYS A O    1 
ATOM   1044 C  CB   . CYS A 1 128 ? 10.293  15.135  -16.174 1.00 66.66 ? 128 CYS A CB   1 
ATOM   1045 S  SG   . CYS A 1 128 ? 8.523   15.116  -15.832 1.00 65.94 ? 128 CYS A SG   1 
ATOM   1046 N  N    . GLY A 1 129 ? 10.184  12.865  -13.663 1.00 67.17 ? 129 GLY A N    1 
ATOM   1047 C  CA   . GLY A 1 129 ? 10.000  12.687  -12.232 1.00 65.27 ? 129 GLY A CA   1 
ATOM   1048 C  C    . GLY A 1 129 ? 8.876   13.530  -11.657 1.00 64.15 ? 129 GLY A C    1 
ATOM   1049 O  O    . GLY A 1 129 ? 8.553   13.428  -10.478 1.00 62.41 ? 129 GLY A O    1 
ATOM   1050 N  N    . HIS A 1 130 ? 8.269   14.356  -12.501 1.00 63.56 ? 130 HIS A N    1 
ATOM   1051 C  CA   . HIS A 1 130 ? 7.184   15.236  -12.079 1.00 63.80 ? 130 HIS A CA   1 
ATOM   1052 C  C    . HIS A 1 130 ? 5.933   14.430  -11.692 1.00 61.12 ? 130 HIS A C    1 
ATOM   1053 O  O    . HIS A 1 130 ? 5.749   13.298  -12.137 1.00 58.67 ? 130 HIS A O    1 
ATOM   1054 C  CB   . HIS A 1 130 ? 6.859   16.205  -13.229 1.00 68.65 ? 130 HIS A CB   1 
ATOM   1055 C  CG   . HIS A 1 130 ? 5.996   17.367  -12.838 1.00 73.25 ? 130 HIS A CG   1 
ATOM   1056 N  ND1  . HIS A 1 130 ? 6.453   18.406  -12.055 1.00 75.80 ? 130 HIS A ND1  1 
ATOM   1057 C  CD2  . HIS A 1 130 ? 4.708   17.664  -13.142 1.00 75.27 ? 130 HIS A CD2  1 
ATOM   1058 C  CE1  . HIS A 1 130 ? 5.486   19.293  -11.894 1.00 76.81 ? 130 HIS A CE1  1 
ATOM   1059 N  NE2  . HIS A 1 130 ? 4.416   18.867  -12.542 1.00 76.78 ? 130 HIS A NE2  1 
ATOM   1060 N  N    . LEU A 1 131 ? 5.086   15.019  -10.848 1.00 59.72 ? 131 LEU A N    1 
ATOM   1061 C  CA   . LEU A 1 131 ? 3.842   14.375  -10.435 1.00 57.83 ? 131 LEU A CA   1 
ATOM   1062 C  C    . LEU A 1 131 ? 2.928   14.293  -11.656 1.00 57.62 ? 131 LEU A C    1 
ATOM   1063 O  O    . LEU A 1 131 ? 2.706   15.288  -12.342 1.00 57.03 ? 131 LEU A O    1 
ATOM   1064 C  CB   . LEU A 1 131 ? 3.149   15.186  -9.338  1.00 56.10 ? 131 LEU A CB   1 
ATOM   1065 C  CG   . LEU A 1 131 ? 1.764   14.687  -8.912  1.00 54.86 ? 131 LEU A CG   1 
ATOM   1066 C  CD1  . LEU A 1 131 ? 1.860   13.259  -8.388  1.00 56.25 ? 131 LEU A CD1  1 
ATOM   1067 C  CD2  . LEU A 1 131 ? 1.197   15.603  -7.843  1.00 53.07 ? 131 LEU A CD2  1 
ATOM   1068 N  N    . VAL A 1 132 ? 2.399   13.106  -11.912 1.00 56.46 ? 132 VAL A N    1 
ATOM   1069 C  CA   . VAL A 1 132 ? 1.530   12.875  -13.053 1.00 55.60 ? 132 VAL A CA   1 
ATOM   1070 C  C    . VAL A 1 132 ? 0.042   12.960  -12.710 1.00 55.90 ? 132 VAL A C    1 
ATOM   1071 O  O    . VAL A 1 132 ? -0.740  13.571  -13.436 1.00 53.01 ? 132 VAL A O    1 
ATOM   1072 C  CB   . VAL A 1 132 ? 1.829   11.488  -13.656 1.00 56.39 ? 132 VAL A CB   1 
ATOM   1073 C  CG1  . VAL A 1 132 ? 0.728   11.070  -14.607 1.00 56.98 ? 132 VAL A CG1  1 
ATOM   1074 C  CG2  . VAL A 1 132 ? 3.169   11.524  -14.370 1.00 58.11 ? 132 VAL A CG2  1 
ATOM   1075 N  N    . HIS A 1 133 ? -0.343  12.348  -11.597 1.00 54.78 ? 133 HIS A N    1 
ATOM   1076 C  CA   . HIS A 1 133 ? -1.741  12.330  -11.198 1.00 53.59 ? 133 HIS A CA   1 
ATOM   1077 C  C    . HIS A 1 133 ? -1.880  12.051  -9.704  1.00 53.19 ? 133 HIS A C    1 
ATOM   1078 O  O    . HIS A 1 133 ? -1.126  11.254  -9.146  1.00 52.91 ? 133 HIS A O    1 
ATOM   1079 C  CB   . HIS A 1 133 ? -2.467  11.245  -11.994 1.00 53.53 ? 133 HIS A CB   1 
ATOM   1080 C  CG   . HIS A 1 133 ? -3.940  11.182  -11.736 1.00 56.79 ? 133 HIS A CG   1 
ATOM   1081 N  ND1  . HIS A 1 133 ? -4.788  12.239  -11.993 1.00 58.13 ? 133 HIS A ND1  1 
ATOM   1082 C  CD2  . HIS A 1 133 ? -4.715  10.187  -11.241 1.00 56.67 ? 133 HIS A CD2  1 
ATOM   1083 C  CE1  . HIS A 1 133 ? -6.022  11.898  -11.667 1.00 58.46 ? 133 HIS A CE1  1 
ATOM   1084 N  NE2  . HIS A 1 133 ? -6.006  10.659  -11.208 1.00 58.99 ? 133 HIS A NE2  1 
ATOM   1085 N  N    . ARG A 1 134 ? -2.836  12.720  -9.064  1.00 51.68 ? 134 ARG A N    1 
ATOM   1086 C  CA   . ARG A 1 134 ? -3.104  12.528  -7.645  1.00 51.94 ? 134 ARG A CA   1 
ATOM   1087 C  C    . ARG A 1 134 ? -4.604  12.421  -7.404  1.00 52.68 ? 134 ARG A C    1 
ATOM   1088 O  O    . ARG A 1 134 ? -5.395  13.164  -7.978  1.00 54.23 ? 134 ARG A O    1 
ATOM   1089 C  CB   . ARG A 1 134 ? -2.540  13.685  -6.816  1.00 51.88 ? 134 ARG A CB   1 
ATOM   1090 C  CG   . ARG A 1 134 ? -2.918  13.619  -5.337  1.00 52.18 ? 134 ARG A CG   1 
ATOM   1091 C  CD   . ARG A 1 134 ? -2.318  14.766  -4.526  1.00 51.41 ? 134 ARG A CD   1 
ATOM   1092 N  NE   . ARG A 1 134 ? -2.886  14.832  -3.177  1.00 51.81 ? 134 ARG A NE   1 
ATOM   1093 C  CZ   . ARG A 1 134 ? -2.388  14.217  -2.105  1.00 50.21 ? 134 ARG A CZ   1 
ATOM   1094 N  NH1  . ARG A 1 134 ? -1.294  13.478  -2.196  1.00 48.39 ? 134 ARG A NH1  1 
ATOM   1095 N  NH2  . ARG A 1 134 ? -2.995  14.340  -0.933  1.00 50.74 ? 134 ARG A NH2  1 
ATOM   1096 N  N    . VAL A 1 135 ? -4.986  11.482  -6.554  1.00 53.41 ? 135 VAL A N    1 
ATOM   1097 C  CA   . VAL A 1 135 ? -6.384  11.270  -6.209  1.00 51.93 ? 135 VAL A CA   1 
ATOM   1098 C  C    . VAL A 1 135 ? -6.475  11.287  -4.690  1.00 51.77 ? 135 VAL A C    1 
ATOM   1099 O  O    . VAL A 1 135 ? -5.699  10.613  -4.014  1.00 52.07 ? 135 VAL A O    1 
ATOM   1100 C  CB   . VAL A 1 135 ? -6.871  9.893   -6.695  1.00 52.65 ? 135 VAL A CB   1 
ATOM   1101 C  CG1  . VAL A 1 135 ? -8.358  9.741   -6.444  1.00 53.34 ? 135 VAL A CG1  1 
ATOM   1102 C  CG2  . VAL A 1 135 ? -6.556  9.722   -8.167  1.00 54.43 ? 135 VAL A CG2  1 
ATOM   1103 N  N    . GLU A 1 136 ? -7.394  12.075  -4.145  1.00 50.26 ? 136 GLU A N    1 
ATOM   1104 C  CA   . GLU A 1 136 ? -7.570  12.115  -2.701  1.00 49.91 ? 136 GLU A CA   1 
ATOM   1105 C  C    . GLU A 1 136 ? -8.898  11.435  -2.400  1.00 49.59 ? 136 GLU A C    1 
ATOM   1106 O  O    . GLU A 1 136 ? -9.901  11.684  -3.080  1.00 48.76 ? 136 GLU A O    1 
ATOM   1107 C  CB   . GLU A 1 136 ? -7.605  13.545  -2.181  1.00 51.85 ? 136 GLU A CB   1 
ATOM   1108 C  CG   . GLU A 1 136 ? -6.380  14.364  -2.495  1.00 55.11 ? 136 GLU A CG   1 
ATOM   1109 C  CD   . GLU A 1 136 ? -6.323  15.625  -1.661  1.00 57.36 ? 136 GLU A CD   1 
ATOM   1110 O  OE1  . GLU A 1 136 ? -7.399  16.203  -1.405  1.00 59.65 ? 136 GLU A OE1  1 
ATOM   1111 O  OE2  . GLU A 1 136 ? -5.211  16.043  -1.268  1.00 58.93 ? 136 GLU A OE2  1 
ATOM   1112 N  N    . VAL A 1 137 ? -8.906  10.579  -1.387  1.00 47.57 ? 137 VAL A N    1 
ATOM   1113 C  CA   . VAL A 1 137 ? -10.110 9.856   -1.021  1.00 48.36 ? 137 VAL A CA   1 
ATOM   1114 C  C    . VAL A 1 137 ? -10.267 9.708   0.481   1.00 50.82 ? 137 VAL A C    1 
ATOM   1115 O  O    . VAL A 1 137 ? -9.287  9.708   1.226   1.00 51.48 ? 137 VAL A O    1 
ATOM   1116 C  CB   . VAL A 1 137 ? -10.100 8.436   -1.609  1.00 48.40 ? 137 VAL A CB   1 
ATOM   1117 C  CG1  . VAL A 1 137 ? -10.073 8.487   -3.104  1.00 49.82 ? 137 VAL A CG1  1 
ATOM   1118 C  CG2  . VAL A 1 137 ? -8.879  7.678   -1.092  1.00 50.94 ? 137 VAL A CG2  1 
ATOM   1119 N  N    . GLN A 1 138 ? -11.517 9.599   0.916   1.00 52.30 ? 138 GLN A N    1 
ATOM   1120 C  CA   . GLN A 1 138 ? -11.829 9.386   2.317   1.00 54.29 ? 138 GLN A CA   1 
ATOM   1121 C  C    . GLN A 1 138 ? -11.846 7.871   2.317   1.00 55.03 ? 138 GLN A C    1 
ATOM   1122 O  O    . GLN A 1 138 ? -12.817 7.253   1.876   1.00 56.46 ? 138 GLN A O    1 
ATOM   1123 C  CB   . GLN A 1 138 ? -13.213 9.935   2.653   1.00 53.86 ? 138 GLN A CB   1 
ATOM   1124 C  CG   . GLN A 1 138 ? -13.600 9.809   4.117   1.00 54.64 ? 138 GLN A CG   1 
ATOM   1125 C  CD   . GLN A 1 138 ? -12.707 10.618  5.035   1.00 55.39 ? 138 GLN A CD   1 
ATOM   1126 O  OE1  . GLN A 1 138 ? -11.811 10.080  5.688   1.00 55.51 ? 138 GLN A OE1  1 
ATOM   1127 N  NE2  . GLN A 1 138 ? -12.944 11.920  5.086   1.00 54.26 ? 138 GLN A NE2  1 
ATOM   1128 N  N    . LEU A 1 139 ? -10.750 7.284   2.777   1.00 55.96 ? 139 LEU A N    1 
ATOM   1129 C  CA   . LEU A 1 139 ? -10.587 5.836   2.790   1.00 57.28 ? 139 LEU A CA   1 
ATOM   1130 C  C    . LEU A 1 139 ? -11.395 5.125   3.868   1.00 57.67 ? 139 LEU A C    1 
ATOM   1131 O  O    . LEU A 1 139 ? -11.274 5.434   5.052   1.00 59.10 ? 139 LEU A O    1 
ATOM   1132 C  CB   . LEU A 1 139 ? -9.104  5.511   2.964   1.00 58.44 ? 139 LEU A CB   1 
ATOM   1133 C  CG   . LEU A 1 139 ? -8.499  4.321   2.220   1.00 58.47 ? 139 LEU A CG   1 
ATOM   1134 C  CD1  . LEU A 1 139 ? -8.805  4.420   0.735   1.00 58.68 ? 139 LEU A CD1  1 
ATOM   1135 C  CD2  . LEU A 1 139 ? -6.995  4.315   2.455   1.00 58.43 ? 139 LEU A CD2  1 
ATOM   1136 N  N    . LYS A 1 140 ? -12.222 4.172   3.458   1.00 57.99 ? 140 LYS A N    1 
ATOM   1137 C  CA   . LYS A 1 140 ? -13.014 3.414   4.415   1.00 60.18 ? 140 LYS A CA   1 
ATOM   1138 C  C    . LYS A 1 140 ? -12.530 1.975   4.499   1.00 60.62 ? 140 LYS A C    1 
ATOM   1139 O  O    . LYS A 1 140 ? -12.789 1.284   5.486   1.00 60.29 ? 140 LYS A O    1 
ATOM   1140 C  CB   . LYS A 1 140 ? -14.498 3.419   4.049   1.00 62.67 ? 140 LYS A CB   1 
ATOM   1141 C  CG   . LYS A 1 140 ? -15.264 4.639   4.539   1.00 65.55 ? 140 LYS A CG   1 
ATOM   1142 C  CD   . LYS A 1 140 ? -16.732 4.300   4.800   1.00 68.25 ? 140 LYS A CD   1 
ATOM   1143 C  CE   . LYS A 1 140 ? -17.398 3.673   3.577   1.00 69.16 ? 140 LYS A CE   1 
ATOM   1144 N  NZ   . LYS A 1 140 ? -18.834 3.316   3.817   1.00 71.00 ? 140 LYS A NZ   1 
ATOM   1145 N  N    . SER A 1 141 ? -11.822 1.528   3.465   1.00 60.66 ? 141 SER A N    1 
ATOM   1146 C  CA   . SER A 1 141 ? -11.296 0.166   3.427   1.00 61.75 ? 141 SER A CA   1 
ATOM   1147 C  C    . SER A 1 141 ? -10.004 0.073   2.616   1.00 62.49 ? 141 SER A C    1 
ATOM   1148 O  O    . SER A 1 141 ? -10.030 0.165   1.388   1.00 62.06 ? 141 SER A O    1 
ATOM   1149 C  CB   . SER A 1 141 ? -12.338 -0.775  2.821   1.00 61.54 ? 141 SER A CB   1 
ATOM   1150 O  OG   . SER A 1 141 ? -11.856 -2.105  2.789   1.00 63.46 ? 141 SER A OG   1 
ATOM   1151 N  N    . ILE A 1 142 ? -8.873  -0.113  3.291   1.00 62.89 ? 142 ILE A N    1 
ATOM   1152 C  CA   . ILE A 1 142 ? -7.609  -0.216  2.573   1.00 63.67 ? 142 ILE A CA   1 
ATOM   1153 C  C    . ILE A 1 142 ? -7.590  -1.509  1.773   1.00 63.79 ? 142 ILE A C    1 
ATOM   1154 O  O    . ILE A 1 142 ? -6.679  -1.746  0.978   1.00 64.30 ? 142 ILE A O    1 
ATOM   1155 C  CB   . ILE A 1 142 ? -6.366  -0.179  3.523   1.00 63.79 ? 142 ILE A CB   1 
ATOM   1156 C  CG1  . ILE A 1 142 ? -6.378  -1.367  4.484   1.00 63.10 ? 142 ILE A CG1  1 
ATOM   1157 C  CG2  . ILE A 1 142 ? -6.338  1.132   4.296   1.00 64.68 ? 142 ILE A CG2  1 
ATOM   1158 C  CD1  . ILE A 1 142 ? -5.159  -1.409  5.398   1.00 64.41 ? 142 ILE A CD1  1 
ATOM   1159 N  N    . VAL A 1 143 ? -8.602  -2.345  1.977   1.00 64.17 ? 143 VAL A N    1 
ATOM   1160 C  CA   . VAL A 1 143 ? -8.688  -3.604  1.245   1.00 65.14 ? 143 VAL A CA   1 
ATOM   1161 C  C    . VAL A 1 143 ? -9.450  -3.457  -0.075  1.00 65.54 ? 143 VAL A C    1 
ATOM   1162 O  O    . VAL A 1 143 ? -8.901  -3.714  -1.147  1.00 65.99 ? 143 VAL A O    1 
ATOM   1163 C  CB   . VAL A 1 143 ? -9.373  -4.713  2.084   1.00 65.30 ? 143 VAL A CB   1 
ATOM   1164 C  CG1  . VAL A 1 143 ? -9.573  -5.957  1.233   1.00 66.04 ? 143 VAL A CG1  1 
ATOM   1165 C  CG2  . VAL A 1 143 ? -8.523  -5.054  3.299   1.00 64.96 ? 143 VAL A CG2  1 
ATOM   1166 N  N    . THR A 1 144 ? -10.703 -3.015  0.002   1.00 65.63 ? 144 THR A N    1 
ATOM   1167 C  CA   . THR A 1 144 ? -11.532 -2.880  -1.195  1.00 65.46 ? 144 THR A CA   1 
ATOM   1168 C  C    . THR A 1 144 ? -11.473 -1.561  -1.967  1.00 65.38 ? 144 THR A C    1 
ATOM   1169 O  O    . THR A 1 144 ? -11.756 -1.535  -3.166  1.00 66.41 ? 144 THR A O    1 
ATOM   1170 C  CB   . THR A 1 144 ? -13.012 -3.151  -0.863  1.00 65.08 ? 144 THR A CB   1 
ATOM   1171 O  OG1  . THR A 1 144 ? -13.542 -2.052  -0.111  1.00 66.27 ? 144 THR A OG1  1 
ATOM   1172 C  CG2  . THR A 1 144 ? -13.144 -4.423  -0.045  1.00 63.80 ? 144 THR A CG2  1 
ATOM   1173 N  N    . ASP A 1 145 ? -11.109 -0.472  -1.301  1.00 65.05 ? 145 ASP A N    1 
ATOM   1174 C  CA   . ASP A 1 145 ? -11.070 0.829   -1.965  1.00 65.62 ? 145 ASP A CA   1 
ATOM   1175 C  C    . ASP A 1 145 ? -9.917  1.092   -2.937  1.00 65.14 ? 145 ASP A C    1 
ATOM   1176 O  O    . ASP A 1 145 ? -10.036 1.938   -3.827  1.00 64.70 ? 145 ASP A O    1 
ATOM   1177 C  CB   . ASP A 1 145 ? -11.076 1.949   -0.925  1.00 66.74 ? 145 ASP A CB   1 
ATOM   1178 C  CG   . ASP A 1 145 ? -12.405 2.077   -0.211  1.00 69.03 ? 145 ASP A CG   1 
ATOM   1179 O  OD1  . ASP A 1 145 ? -12.575 3.069   0.536   1.00 67.92 ? 145 ASP A OD1  1 
ATOM   1180 O  OD2  . ASP A 1 145 ? -13.270 1.190   -0.398  1.00 70.31 ? 145 ASP A OD2  1 
ATOM   1181 N  N    . LEU A 1 146 ? -8.814  0.373   -2.779  1.00 63.92 ? 146 LEU A N    1 
ATOM   1182 C  CA   . LEU A 1 146 ? -7.642  0.597   -3.621  1.00 63.64 ? 146 LEU A CA   1 
ATOM   1183 C  C    . LEU A 1 146 ? -7.692  0.241   -5.111  1.00 62.80 ? 146 LEU A C    1 
ATOM   1184 O  O    . LEU A 1 146 ? -7.481  1.112   -5.959  1.00 61.99 ? 146 LEU A O    1 
ATOM   1185 C  CB   . LEU A 1 146 ? -6.413  -0.055  -2.970  1.00 62.72 ? 146 LEU A CB   1 
ATOM   1186 C  CG   . LEU A 1 146 ? -5.694  0.800   -1.913  1.00 62.29 ? 146 LEU A CG   1 
ATOM   1187 C  CD1  . LEU A 1 146 ? -6.684  1.332   -0.889  1.00 60.30 ? 146 LEU A CD1  1 
ATOM   1188 C  CD2  . LEU A 1 146 ? -4.608  -0.029  -1.238  1.00 62.52 ? 146 LEU A CD2  1 
ATOM   1189 N  N    . PRO A 1 147 ? -7.969  -1.031  -5.454  1.00 62.65 ? 147 PRO A N    1 
ATOM   1190 C  CA   . PRO A 1 147 ? -8.016  -1.421  -6.869  1.00 63.11 ? 147 PRO A CA   1 
ATOM   1191 C  C    . PRO A 1 147 ? -8.831  -0.503  -7.792  1.00 64.25 ? 147 PRO A C    1 
ATOM   1192 O  O    . PRO A 1 147 ? -8.362  -0.117  -8.864  1.00 64.61 ? 147 PRO A O    1 
ATOM   1193 C  CB   . PRO A 1 147 ? -8.569  -2.842  -6.815  1.00 63.12 ? 147 PRO A CB   1 
ATOM   1194 C  CG   . PRO A 1 147 ? -8.048  -3.351  -5.501  1.00 62.28 ? 147 PRO A CG   1 
ATOM   1195 C  CD   . PRO A 1 147 ? -8.308  -2.175  -4.588  1.00 61.93 ? 147 PRO A CD   1 
ATOM   1196 N  N    . PRO A 1 148 ? -10.062 -0.145  -7.391  1.00 64.19 ? 148 PRO A N    1 
ATOM   1197 C  CA   . PRO A 1 148 ? -10.904 0.728   -8.217  1.00 63.08 ? 148 PRO A CA   1 
ATOM   1198 C  C    . PRO A 1 148 ? -10.218 2.031   -8.623  1.00 62.75 ? 148 PRO A C    1 
ATOM   1199 O  O    . PRO A 1 148 ? -10.414 2.520   -9.731  1.00 62.79 ? 148 PRO A O    1 
ATOM   1200 C  CB   . PRO A 1 148 ? -12.121 0.969   -7.329  1.00 63.92 ? 148 PRO A CB   1 
ATOM   1201 C  CG   . PRO A 1 148 ? -12.230 -0.325  -6.574  1.00 64.96 ? 148 PRO A CG   1 
ATOM   1202 C  CD   . PRO A 1 148 ? -10.793 -0.589  -6.190  1.00 64.66 ? 148 PRO A CD   1 
ATOM   1203 N  N    . LEU A 1 149 ? -9.423  2.599   -7.720  1.00 62.05 ? 149 LEU A N    1 
ATOM   1204 C  CA   . LEU A 1 149 ? -8.715  3.847   -8.015  1.00 60.76 ? 149 LEU A CA   1 
ATOM   1205 C  C    . LEU A 1 149 ? -7.643  3.587   -9.065  1.00 58.85 ? 149 LEU A C    1 
ATOM   1206 O  O    . LEU A 1 149 ? -7.531  4.311   -10.051 1.00 58.23 ? 149 LEU A O    1 
ATOM   1207 C  CB   . LEU A 1 149 ? -8.046  4.398   -6.755  1.00 61.81 ? 149 LEU A CB   1 
ATOM   1208 C  CG   . LEU A 1 149 ? -8.908  4.574   -5.507  1.00 62.88 ? 149 LEU A CG   1 
ATOM   1209 C  CD1  . LEU A 1 149 ? -8.055  5.168   -4.397  1.00 63.14 ? 149 LEU A CD1  1 
ATOM   1210 C  CD2  . LEU A 1 149 ? -10.094 5.480   -5.811  1.00 64.36 ? 149 LEU A CD2  1 
ATOM   1211 N  N    . PHE A 1 150 ? -6.854  2.545   -8.834  1.00 56.24 ? 150 PHE A N    1 
ATOM   1212 C  CA   . PHE A 1 150 ? -5.784  2.183   -9.745  1.00 56.15 ? 150 PHE A CA   1 
ATOM   1213 C  C    . PHE A 1 150 ? -6.343  1.907   -11.132 1.00 55.78 ? 150 PHE A C    1 
ATOM   1214 O  O    . PHE A 1 150 ? -5.762  2.304   -12.138 1.00 54.99 ? 150 PHE A O    1 
ATOM   1215 C  CB   . PHE A 1 150 ? -5.048  0.937   -9.240  1.00 53.09 ? 150 PHE A CB   1 
ATOM   1216 C  CG   . PHE A 1 150 ? -4.489  1.079   -7.849  1.00 51.92 ? 150 PHE A CG   1 
ATOM   1217 C  CD1  . PHE A 1 150 ? -4.289  2.333   -7.283  1.00 51.39 ? 150 PHE A CD1  1 
ATOM   1218 C  CD2  . PHE A 1 150 ? -4.142  -0.049  -7.112  1.00 51.48 ? 150 PHE A CD2  1 
ATOM   1219 C  CE1  . PHE A 1 150 ? -3.751  2.457   -6.005  1.00 51.37 ? 150 PHE A CE1  1 
ATOM   1220 C  CE2  . PHE A 1 150 ? -3.603  0.067   -5.834  1.00 50.27 ? 150 PHE A CE2  1 
ATOM   1221 C  CZ   . PHE A 1 150 ? -3.407  1.320   -5.281  1.00 50.66 ? 150 PHE A CZ   1 
ATOM   1222 N  N    . GLU A 1 151 ? -7.478  1.224   -11.170 1.00 56.39 ? 151 GLU A N    1 
ATOM   1223 C  CA   . GLU A 1 151 ? -8.121  0.880   -12.425 1.00 58.41 ? 151 GLU A CA   1 
ATOM   1224 C  C    . GLU A 1 151 ? -8.420  2.113   -13.271 1.00 57.60 ? 151 GLU A C    1 
ATOM   1225 O  O    . GLU A 1 151 ? -8.196  2.104   -14.479 1.00 58.63 ? 151 GLU A O    1 
ATOM   1226 C  CB   . GLU A 1 151 ? -9.424  0.132   -12.157 1.00 61.48 ? 151 GLU A CB   1 
ATOM   1227 C  CG   . GLU A 1 151 ? -9.636  -1.055  -13.067 1.00 69.25 ? 151 GLU A CG   1 
ATOM   1228 C  CD   . GLU A 1 151 ? -8.796  -2.249  -12.652 1.00 73.56 ? 151 GLU A CD   1 
ATOM   1229 O  OE1  . GLU A 1 151 ? -8.638  -3.188  -13.470 1.00 76.27 ? 151 GLU A OE1  1 
ATOM   1230 O  OE2  . GLU A 1 151 ? -8.305  -2.250  -11.498 1.00 75.74 ? 151 GLU A OE2  1 
ATOM   1231 N  N    . SER A 1 152 ? -8.918  3.176   -12.642 1.00 55.70 ? 152 SER A N    1 
ATOM   1232 C  CA   . SER A 1 152 ? -9.258  4.384   -13.386 1.00 55.76 ? 152 SER A CA   1 
ATOM   1233 C  C    . SER A 1 152 ? -8.036  5.123   -13.905 1.00 54.43 ? 152 SER A C    1 
ATOM   1234 O  O    . SER A 1 152 ? -8.108  5.826   -14.912 1.00 54.63 ? 152 SER A O    1 
ATOM   1235 C  CB   . SER A 1 152 ? -10.126 5.320   -12.533 1.00 56.01 ? 152 SER A CB   1 
ATOM   1236 O  OG   . SER A 1 152 ? -9.481  5.678   -11.327 1.00 56.91 ? 152 SER A OG   1 
ATOM   1237 N  N    . PHE A 1 153 ? -6.909  4.971   -13.223 1.00 53.55 ? 153 PHE A N    1 
ATOM   1238 C  CA   . PHE A 1 153 ? -5.689  5.622   -13.673 1.00 52.54 ? 153 PHE A CA   1 
ATOM   1239 C  C    . PHE A 1 153 ? -5.155  4.868   -14.890 1.00 52.83 ? 153 PHE A C    1 
ATOM   1240 O  O    . PHE A 1 153 ? -4.771  5.471   -15.895 1.00 53.07 ? 153 PHE A O    1 
ATOM   1241 C  CB   . PHE A 1 153 ? -4.637  5.614   -12.565 1.00 50.47 ? 153 PHE A CB   1 
ATOM   1242 C  CG   . PHE A 1 153 ? -3.296  6.134   -13.005 1.00 49.45 ? 153 PHE A CG   1 
ATOM   1243 C  CD1  . PHE A 1 153 ? -2.219  5.261   -13.180 1.00 45.79 ? 153 PHE A CD1  1 
ATOM   1244 C  CD2  . PHE A 1 153 ? -3.111  7.493   -13.256 1.00 47.30 ? 153 PHE A CD2  1 
ATOM   1245 C  CE1  . PHE A 1 153 ? -0.981  5.737   -13.598 1.00 44.35 ? 153 PHE A CE1  1 
ATOM   1246 C  CE2  . PHE A 1 153 ? -1.877  7.978   -13.674 1.00 46.92 ? 153 PHE A CE2  1 
ATOM   1247 C  CZ   . PHE A 1 153 ? -0.808  7.098   -13.844 1.00 44.24 ? 153 PHE A CZ   1 
ATOM   1248 N  N    . TYR A 1 154 ? -5.152  3.543   -14.786 1.00 52.79 ? 154 TYR A N    1 
ATOM   1249 C  CA   . TYR A 1 154 ? -4.663  2.680   -15.852 1.00 54.37 ? 154 TYR A CA   1 
ATOM   1250 C  C    . TYR A 1 154 ? -5.503  2.782   -17.113 1.00 55.59 ? 154 TYR A C    1 
ATOM   1251 O  O    . TYR A 1 154 ? -4.991  2.650   -18.224 1.00 56.29 ? 154 TYR A O    1 
ATOM   1252 C  CB   . TYR A 1 154 ? -4.625  1.218   -15.378 1.00 53.53 ? 154 TYR A CB   1 
ATOM   1253 C  CG   . TYR A 1 154 ? -3.656  0.951   -14.240 1.00 53.42 ? 154 TYR A CG   1 
ATOM   1254 C  CD1  . TYR A 1 154 ? -2.515  1.733   -14.071 1.00 53.19 ? 154 TYR A CD1  1 
ATOM   1255 C  CD2  . TYR A 1 154 ? -3.855  -0.112  -13.362 1.00 53.59 ? 154 TYR A CD2  1 
ATOM   1256 C  CE1  . TYR A 1 154 ? -1.593  1.463   -13.057 1.00 54.89 ? 154 TYR A CE1  1 
ATOM   1257 C  CE2  . TYR A 1 154 ? -2.938  -0.397  -12.345 1.00 53.38 ? 154 TYR A CE2  1 
ATOM   1258 C  CZ   . TYR A 1 154 ? -1.809  0.393   -12.198 1.00 54.90 ? 154 TYR A CZ   1 
ATOM   1259 O  OH   . TYR A 1 154 ? -0.889  0.111   -11.211 1.00 51.78 ? 154 TYR A OH   1 
ATOM   1260 N  N    . ALA A 1 155 ? -6.792  3.033   -16.940 1.00 56.83 ? 155 ALA A N    1 
ATOM   1261 C  CA   . ALA A 1 155 ? -7.702  3.131   -18.074 1.00 58.59 ? 155 ALA A CA   1 
ATOM   1262 C  C    . ALA A 1 155 ? -7.751  4.512   -18.721 1.00 58.30 ? 155 ALA A C    1 
ATOM   1263 O  O    . ALA A 1 155 ? -8.521  4.730   -19.649 1.00 59.70 ? 155 ALA A O    1 
ATOM   1264 C  CB   . ALA A 1 155 ? -9.109  2.707   -17.639 1.00 59.58 ? 155 ALA A CB   1 
ATOM   1265 N  N    . SER A 1 156 ? -6.927  5.442   -18.255 1.00 59.41 ? 156 SER A N    1 
ATOM   1266 C  CA   . SER A 1 156 ? -6.950  6.793   -18.813 1.00 59.69 ? 156 SER A CA   1 
ATOM   1267 C  C    . SER A 1 156 ? -5.586  7.357   -19.199 1.00 60.33 ? 156 SER A C    1 
ATOM   1268 O  O    . SER A 1 156 ? -4.753  7.625   -18.335 1.00 60.38 ? 156 SER A O    1 
ATOM   1269 C  CB   . SER A 1 156 ? -7.620  7.745   -17.817 1.00 58.84 ? 156 SER A CB   1 
ATOM   1270 O  OG   . SER A 1 156 ? -7.540  9.091   -18.257 1.00 59.00 ? 156 SER A OG   1 
ATOM   1271 N  N    . GLU A 1 157 ? -5.358  7.566   -20.491 1.00 61.79 ? 157 GLU A N    1 
ATOM   1272 C  CA   . GLU A 1 157 ? -4.080  8.116   -20.916 1.00 63.58 ? 157 GLU A CA   1 
ATOM   1273 C  C    . GLU A 1 157 ? -4.012  9.584   -20.499 1.00 63.23 ? 157 GLU A C    1 
ATOM   1274 O  O    . GLU A 1 157 ? -2.933  10.119  -20.256 1.00 62.66 ? 157 GLU A O    1 
ATOM   1275 C  CB   . GLU A 1 157 ? -3.893  7.967   -22.433 1.00 66.70 ? 157 GLU A CB   1 
ATOM   1276 C  CG   . GLU A 1 157 ? -4.635  8.985   -23.276 1.00 71.11 ? 157 GLU A CG   1 
ATOM   1277 C  CD   . GLU A 1 157 ? -4.185  8.976   -24.732 1.00 74.02 ? 157 GLU A CD   1 
ATOM   1278 O  OE1  . GLU A 1 157 ? -2.955  9.047   -24.975 1.00 73.21 ? 157 GLU A OE1  1 
ATOM   1279 O  OE2  . GLU A 1 157 ? -5.058  8.909   -25.631 1.00 73.82 ? 157 GLU A OE2  1 
ATOM   1280 N  N    . ASP A 1 158 ? -5.173  10.229  -20.398 1.00 64.61 ? 158 ASP A N    1 
ATOM   1281 C  CA   . ASP A 1 158 ? -5.246  11.632  -19.988 1.00 64.63 ? 158 ASP A CA   1 
ATOM   1282 C  C    . ASP A 1 158 ? -4.713  11.794  -18.565 1.00 64.57 ? 158 ASP A C    1 
ATOM   1283 O  O    . ASP A 1 158 ? -4.026  12.768  -18.243 1.00 62.86 ? 158 ASP A O    1 
ATOM   1284 C  CB   . ASP A 1 158 ? -6.694  12.126  -20.038 1.00 68.09 ? 158 ASP A CB   1 
ATOM   1285 C  CG   . ASP A 1 158 ? -6.852  13.540  -19.485 1.00 71.82 ? 158 ASP A CG   1 
ATOM   1286 O  OD1  . ASP A 1 158 ? -6.435  14.500  -20.170 1.00 73.78 ? 158 ASP A OD1  1 
ATOM   1287 O  OD2  . ASP A 1 158 ? -7.386  13.693  -18.359 1.00 73.31 ? 158 ASP A OD2  1 
ATOM   1288 N  N    . LYS A 1 159 ? -5.051  10.838  -17.707 1.00 64.07 ? 159 LYS A N    1 
ATOM   1289 C  CA   . LYS A 1 159 ? -4.590  10.874  -16.325 1.00 63.09 ? 159 LYS A CA   1 
ATOM   1290 C  C    . LYS A 1 159 ? -3.106  10.556  -16.289 1.00 61.66 ? 159 LYS A C    1 
ATOM   1291 O  O    . LYS A 1 159 ? -2.348  11.183  -15.553 1.00 60.42 ? 159 LYS A O    1 
ATOM   1292 C  CB   . LYS A 1 159 ? -5.346  9.846   -15.480 1.00 63.41 ? 159 LYS A CB   1 
ATOM   1293 C  CG   . LYS A 1 159 ? -6.729  10.270  -15.033 1.00 62.30 ? 159 LYS A CG   1 
ATOM   1294 C  CD   . LYS A 1 159 ? -7.511  9.069   -14.517 1.00 62.82 ? 159 LYS A CD   1 
ATOM   1295 C  CE   . LYS A 1 159 ? -8.791  9.490   -13.825 1.00 62.66 ? 159 LYS A CE   1 
ATOM   1296 N  NZ   . LYS A 1 159 ? -9.570  10.461  -14.627 1.00 62.93 ? 159 LYS A NZ   1 
ATOM   1297 N  N    . ARG A 1 160 ? -2.701  9.579   -17.099 1.00 60.75 ? 160 ARG A N    1 
ATOM   1298 C  CA   . ARG A 1 160 ? -1.310  9.141   -17.157 1.00 60.48 ? 160 ARG A CA   1 
ATOM   1299 C  C    . ARG A 1 160 ? -0.362  10.099  -17.874 1.00 61.11 ? 160 ARG A C    1 
ATOM   1300 O  O    . ARG A 1 160 ? 0.852   9.890   -17.868 1.00 60.19 ? 160 ARG A O    1 
ATOM   1301 C  CB   . ARG A 1 160 ? -1.227  7.765   -17.823 1.00 58.45 ? 160 ARG A CB   1 
ATOM   1302 C  CG   . ARG A 1 160 ? -2.119  6.720   -17.181 1.00 59.74 ? 160 ARG A CG   1 
ATOM   1303 C  CD   . ARG A 1 160 ? -1.607  5.312   -17.437 1.00 61.64 ? 160 ARG A CD   1 
ATOM   1304 N  NE   . ARG A 1 160 ? -1.399  5.042   -18.856 1.00 62.28 ? 160 ARG A NE   1 
ATOM   1305 C  CZ   . ARG A 1 160 ? -2.374  4.841   -19.732 1.00 65.51 ? 160 ARG A CZ   1 
ATOM   1306 N  NH1  . ARG A 1 160 ? -3.645  4.870   -19.346 1.00 67.60 ? 160 ARG A NH1  1 
ATOM   1307 N  NH2  . ARG A 1 160 ? -2.075  4.619   -21.002 1.00 65.99 ? 160 ARG A NH2  1 
ATOM   1308 N  N    . ARG A 1 161 ? -0.910  11.150  -18.476 1.00 61.43 ? 161 ARG A N    1 
ATOM   1309 C  CA   . ARG A 1 161 ? -0.104  12.117  -19.214 1.00 61.66 ? 161 ARG A CA   1 
ATOM   1310 C  C    . ARG A 1 161 ? 0.614   13.099  -18.302 1.00 61.27 ? 161 ARG A C    1 
ATOM   1311 O  O    . ARG A 1 161 ? -0.021  13.853  -17.565 1.00 61.08 ? 161 ARG A O    1 
ATOM   1312 C  CB   . ARG A 1 161 ? -0.988  12.875  -20.207 1.00 63.23 ? 161 ARG A CB   1 
ATOM   1313 C  CG   . ARG A 1 161 ? -0.270  13.915  -21.059 1.00 65.46 ? 161 ARG A CG   1 
ATOM   1314 C  CD   . ARG A 1 161 ? -0.540  13.655  -22.535 1.00 67.35 ? 161 ARG A CD   1 
ATOM   1315 N  NE   . ARG A 1 161 ? -1.955  13.397  -22.782 1.00 67.57 ? 161 ARG A NE   1 
ATOM   1316 C  CZ   . ARG A 1 161 ? -2.412  12.635  -23.770 1.00 68.77 ? 161 ARG A CZ   1 
ATOM   1317 N  NH1  . ARG A 1 161 ? -1.564  12.051  -24.609 1.00 69.20 ? 161 ARG A NH1  1 
ATOM   1318 N  NH2  . ARG A 1 161 ? -3.715  12.437  -23.906 1.00 69.80 ? 161 ARG A NH2  1 
ATOM   1319 N  N    . CYS A 1 162 ? 1.944   13.089  -18.359 1.00 61.56 ? 162 CYS A N    1 
ATOM   1320 C  CA   . CYS A 1 162 ? 2.742   13.983  -17.530 1.00 63.43 ? 162 CYS A CA   1 
ATOM   1321 C  C    . CYS A 1 162 ? 2.559   15.421  -17.983 1.00 66.30 ? 162 CYS A C    1 
ATOM   1322 O  O    . CYS A 1 162 ? 2.732   15.739  -19.160 1.00 66.21 ? 162 CYS A O    1 
ATOM   1323 C  CB   . CYS A 1 162 ? 4.225   13.606  -17.598 1.00 62.53 ? 162 CYS A CB   1 
ATOM   1324 S  SG   . CYS A 1 162 ? 5.317   14.790  -16.764 1.00 60.14 ? 162 CYS A SG   1 
ATOM   1325 N  N    . PRO A 1 163 ? 2.201   16.314  -17.047 1.00 68.90 ? 163 PRO A N    1 
ATOM   1326 C  CA   . PRO A 1 163 ? 1.988   17.733  -17.344 1.00 71.15 ? 163 PRO A CA   1 
ATOM   1327 C  C    . PRO A 1 163 ? 3.296   18.503  -17.513 1.00 73.70 ? 163 PRO A C    1 
ATOM   1328 O  O    . PRO A 1 163 ? 3.293   19.730  -17.647 1.00 74.37 ? 163 PRO A O    1 
ATOM   1329 C  CB   . PRO A 1 163 ? 1.197   18.212  -16.134 1.00 71.12 ? 163 PRO A CB   1 
ATOM   1330 C  CG   . PRO A 1 163 ? 1.816   17.418  -15.025 1.00 69.36 ? 163 PRO A CG   1 
ATOM   1331 C  CD   . PRO A 1 163 ? 1.909   16.029  -15.630 1.00 68.71 ? 163 PRO A CD   1 
ATOM   1332 N  N    . HIS A 1 164 ? 4.413   17.786  -17.499 1.00 75.15 ? 164 HIS A N    1 
ATOM   1333 C  CA   . HIS A 1 164 ? 5.707   18.435  -17.644 1.00 76.29 ? 164 HIS A CA   1 
ATOM   1334 C  C    . HIS A 1 164 ? 6.397   18.096  -18.954 1.00 75.38 ? 164 HIS A C    1 
ATOM   1335 O  O    . HIS A 1 164 ? 7.017   18.959  -19.570 1.00 75.51 ? 164 HIS A O    1 
ATOM   1336 C  CB   . HIS A 1 164 ? 6.637   18.051  -16.496 1.00 78.60 ? 164 HIS A CB   1 
ATOM   1337 C  CG   . HIS A 1 164 ? 8.007   18.643  -16.619 1.00 80.97 ? 164 HIS A CG   1 
ATOM   1338 N  ND1  . HIS A 1 164 ? 8.303   19.926  -16.210 1.00 81.86 ? 164 HIS A ND1  1 
ATOM   1339 C  CD2  . HIS A 1 164 ? 9.146   18.148  -17.159 1.00 81.99 ? 164 HIS A CD2  1 
ATOM   1340 C  CE1  . HIS A 1 164 ? 9.565   20.196  -16.494 1.00 82.67 ? 164 HIS A CE1  1 
ATOM   1341 N  NE2  . HIS A 1 164 ? 10.099  19.133  -17.070 1.00 83.53 ? 164 HIS A NE2  1 
ATOM   1342 N  N    . CYS A 1 165 ? 6.303   16.839  -19.371 1.00 74.30 ? 165 CYS A N    1 
ATOM   1343 C  CA   . CYS A 1 165 ? 6.949   16.415  -20.603 1.00 73.67 ? 165 CYS A CA   1 
ATOM   1344 C  C    . CYS A 1 165 ? 6.046   15.556  -21.479 1.00 72.26 ? 165 CYS A C    1 
ATOM   1345 O  O    . CYS A 1 165 ? 6.527   14.818  -22.336 1.00 72.51 ? 165 CYS A O    1 
ATOM   1346 C  CB   . CYS A 1 165 ? 8.228   15.643  -20.278 1.00 74.04 ? 165 CYS A CB   1 
ATOM   1347 S  SG   . CYS A 1 165 ? 7.925   14.021  -19.571 1.00 74.19 ? 165 CYS A SG   1 
ATOM   1348 N  N    . GLY A 1 166 ? 4.740   15.644  -21.252 1.00 71.10 ? 166 GLY A N    1 
ATOM   1349 C  CA   . GLY A 1 166 ? 3.789   14.886  -22.050 1.00 69.25 ? 166 GLY A CA   1 
ATOM   1350 C  C    . GLY A 1 166 ? 3.993   13.383  -22.122 1.00 67.99 ? 166 GLY A C    1 
ATOM   1351 O  O    . GLY A 1 166 ? 3.289   12.698  -22.867 1.00 67.51 ? 166 GLY A O    1 
ATOM   1352 N  N    . GLN A 1 167 ? 4.956   12.863  -21.368 1.00 66.81 ? 167 GLN A N    1 
ATOM   1353 C  CA   . GLN A 1 167 ? 5.214   11.425  -21.356 1.00 66.15 ? 167 GLN A CA   1 
ATOM   1354 C  C    . GLN A 1 167 ? 4.021   10.733  -20.693 1.00 64.42 ? 167 GLN A C    1 
ATOM   1355 O  O    . GLN A 1 167 ? 3.565   11.157  -19.632 1.00 63.98 ? 167 GLN A O    1 
ATOM   1356 C  CB   . GLN A 1 167 ? 6.501   11.121  -20.575 1.00 67.27 ? 167 GLN A CB   1 
ATOM   1357 C  CG   . GLN A 1 167 ? 6.740   9.641   -20.302 1.00 69.95 ? 167 GLN A CG   1 
ATOM   1358 C  CD   . GLN A 1 167 ? 7.079   8.840   -21.551 1.00 72.89 ? 167 GLN A CD   1 
ATOM   1359 O  OE1  . GLN A 1 167 ? 6.935   7.612   -21.571 1.00 72.91 ? 167 GLN A OE1  1 
ATOM   1360 N  NE2  . GLN A 1 167 ? 7.548   9.527   -22.594 1.00 73.81 ? 167 GLN A NE2  1 
ATOM   1361 N  N    . VAL A 1 168 ? 3.510   9.682   -21.325 1.00 63.10 ? 168 VAL A N    1 
ATOM   1362 C  CA   . VAL A 1 168 ? 2.365   8.953   -20.786 1.00 61.92 ? 168 VAL A CA   1 
ATOM   1363 C  C    . VAL A 1 168 ? 2.818   7.753   -19.959 1.00 62.04 ? 168 VAL A C    1 
ATOM   1364 O  O    . VAL A 1 168 ? 3.462   6.835   -20.466 1.00 60.82 ? 168 VAL A O    1 
ATOM   1365 C  CB   . VAL A 1 168 ? 1.427   8.473   -21.914 1.00 60.89 ? 168 VAL A CB   1 
ATOM   1366 C  CG1  . VAL A 1 168 ? 0.243   7.725   -21.331 1.00 59.64 ? 168 VAL A CG1  1 
ATOM   1367 C  CG2  . VAL A 1 168 ? 0.948   9.671   -22.724 1.00 59.17 ? 168 VAL A CG2  1 
ATOM   1368 N  N    . HIS A 1 169 ? 2.471   7.783   -18.675 1.00 62.23 ? 169 HIS A N    1 
ATOM   1369 C  CA   . HIS A 1 169 ? 2.828   6.732   -17.740 1.00 61.63 ? 169 HIS A CA   1 
ATOM   1370 C  C    . HIS A 1 169 ? 2.380   5.378   -18.268 1.00 63.15 ? 169 HIS A C    1 
ATOM   1371 O  O    . HIS A 1 169 ? 1.295   5.242   -18.824 1.00 61.98 ? 169 HIS A O    1 
ATOM   1372 C  CB   . HIS A 1 169 ? 2.170   7.012   -16.388 1.00 60.87 ? 169 HIS A CB   1 
ATOM   1373 C  CG   . HIS A 1 169 ? 2.619   6.100   -15.291 1.00 59.45 ? 169 HIS A CG   1 
ATOM   1374 N  ND1  . HIS A 1 169 ? 3.635   6.426   -14.420 1.00 59.90 ? 169 HIS A ND1  1 
ATOM   1375 C  CD2  . HIS A 1 169 ? 2.193   4.867   -14.926 1.00 59.83 ? 169 HIS A CD2  1 
ATOM   1376 C  CE1  . HIS A 1 169 ? 3.815   5.435   -13.564 1.00 59.13 ? 169 HIS A CE1  1 
ATOM   1377 N  NE2  . HIS A 1 169 ? 2.951   4.477   -13.850 1.00 59.31 ? 169 HIS A NE2  1 
ATOM   1378 N  N    . PRO A 1 170 ? 3.224   4.351   -18.101 1.00 65.71 ? 170 PRO A N    1 
ATOM   1379 C  CA   . PRO A 1 170 ? 2.959   2.977   -18.548 1.00 67.78 ? 170 PRO A CA   1 
ATOM   1380 C  C    . PRO A 1 170 ? 1.642   2.370   -18.049 1.00 69.67 ? 170 PRO A C    1 
ATOM   1381 O  O    . PRO A 1 170 ? 0.995   1.608   -18.760 1.00 69.57 ? 170 PRO A O    1 
ATOM   1382 C  CB   . PRO A 1 170 ? 4.175   2.215   -18.036 1.00 67.66 ? 170 PRO A CB   1 
ATOM   1383 C  CG   . PRO A 1 170 ? 5.263   3.246   -18.136 1.00 67.20 ? 170 PRO A CG   1 
ATOM   1384 C  CD   . PRO A 1 170 ? 4.592   4.470   -17.567 1.00 66.44 ? 170 PRO A CD   1 
ATOM   1385 N  N    . GLY A 1 171 ? 1.253   2.694   -16.822 1.00 72.12 ? 171 GLY A N    1 
ATOM   1386 C  CA   . GLY A 1 171 ? 0.015   2.151   -16.297 1.00 74.61 ? 171 GLY A CA   1 
ATOM   1387 C  C    . GLY A 1 171 ? 0.096   0.694   -15.874 1.00 76.87 ? 171 GLY A C    1 
ATOM   1388 O  O    . GLY A 1 171 ? 1.102   0.258   -15.313 1.00 76.52 ? 171 GLY A O    1 
ATOM   1389 N  N    . ARG A 1 172 ? -0.975  -0.053  -16.144 1.00 79.60 ? 172 ARG A N    1 
ATOM   1390 C  CA   . ARG A 1 172 ? -1.081  -1.475  -15.793 1.00 82.56 ? 172 ARG A CA   1 
ATOM   1391 C  C    . ARG A 1 172 ? 0.202   -2.291  -15.960 1.00 84.65 ? 172 ARG A C    1 
ATOM   1392 O  O    . ARG A 1 172 ? 0.454   -3.216  -15.190 1.00 85.69 ? 172 ARG A O    1 
ATOM   1393 C  CB   . ARG A 1 172 ? -2.211  -2.130  -16.604 1.00 82.30 ? 172 ARG A CB   1 
ATOM   1394 C  CG   . ARG A 1 172 ? -2.298  -3.652  -16.481 1.00 82.68 ? 172 ARG A CG   1 
ATOM   1395 C  CD   . ARG A 1 172 ? -2.634  -4.108  -15.065 1.00 83.72 ? 172 ARG A CD   1 
ATOM   1396 N  NE   . ARG A 1 172 ? -3.995  -3.753  -14.667 1.00 84.46 ? 172 ARG A NE   1 
ATOM   1397 C  CZ   . ARG A 1 172 ? -4.524  -4.035  -13.479 1.00 84.00 ? 172 ARG A CZ   1 
ATOM   1398 N  NH1  . ARG A 1 172 ? -3.807  -4.679  -12.564 1.00 83.99 ? 172 ARG A NH1  1 
ATOM   1399 N  NH2  . ARG A 1 172 ? -5.776  -3.679  -13.207 1.00 83.02 ? 172 ARG A NH2  1 
ATOM   1400 N  N    . ALA A 1 173 ? 1.010   -1.956  -16.961 1.00 86.61 ? 173 ALA A N    1 
ATOM   1401 C  CA   . ALA A 1 173 ? 2.255   -2.684  -17.197 1.00 87.93 ? 173 ALA A CA   1 
ATOM   1402 C  C    . ALA A 1 173 ? 3.495   -1.901  -16.754 1.00 88.48 ? 173 ALA A C    1 
ATOM   1403 O  O    . ALA A 1 173 ? 4.539   -1.961  -17.407 1.00 88.87 ? 173 ALA A O    1 
ATOM   1404 C  CB   . ALA A 1 173 ? 2.367   -3.053  -18.676 1.00 87.97 ? 173 ALA A CB   1 
ATOM   1405 N  N    . ALA A 1 174 ? 3.379   -1.179  -15.642 1.00 88.43 ? 174 ALA A N    1 
ATOM   1406 C  CA   . ALA A 1 174 ? 4.495   -0.393  -15.123 1.00 88.11 ? 174 ALA A CA   1 
ATOM   1407 C  C    . ALA A 1 174 ? 5.156   -1.090  -13.936 1.00 88.18 ? 174 ALA A C    1 
ATOM   1408 O  O    . ALA A 1 174 ? 6.211   -0.664  -13.464 1.00 87.76 ? 174 ALA A O    1 
ATOM   1409 C  CB   . ALA A 1 174 ? 4.013   0.995   -14.709 1.00 87.61 ? 174 ALA A CB   1 
HETATM 1410 FE FE   . FE  B 2 .   ? 0.378   3.071   2.663   1.00 42.70 ? 300 FE  A FE   1 
HETATM 1411 FE FE   . FE  C 2 .   ? 7.443   13.685  -17.196 1.00 58.86 ? 301 FE  A FE   1 
HETATM 1412 O  O1   . OXY D 3 .   ? 0.403   1.626   -0.210  1.00 60.40 ? 310 OXY A O1   1 
HETATM 1413 O  O2   . OXY D 3 .   ? 0.690   2.111   0.879   1.00 53.85 ? 310 OXY A O2   1 
HETATM 1414 C  C    . TRS E 4 .   ? -2.904  15.285  -15.525 1.00 62.01 ? 400 TRS A C    1 
HETATM 1415 C  C1   . TRS E 4 .   ? -3.812  15.420  -14.301 1.00 61.10 ? 400 TRS A C1   1 
HETATM 1416 C  C2   . TRS E 4 .   ? -3.717  15.651  -16.756 1.00 62.80 ? 400 TRS A C2   1 
HETATM 1417 C  C3   . TRS E 4 .   ? -1.720  16.212  -15.206 1.00 63.08 ? 400 TRS A C3   1 
HETATM 1418 N  N    . TRS E 4 .   ? -2.396  13.924  -15.802 1.00 60.52 ? 400 TRS A N    1 
HETATM 1419 O  O1   . TRS E 4 .   ? -4.645  14.214  -14.081 1.00 59.42 ? 400 TRS A O1   1 
HETATM 1420 O  O2   . TRS E 4 .   ? -2.891  15.559  -17.988 1.00 63.17 ? 400 TRS A O2   1 
HETATM 1421 O  O3   . TRS E 4 .   ? -2.083  17.573  -14.927 1.00 63.53 ? 400 TRS A O3   1 
HETATM 1422 O  OAB  . 4AA F 5 .   ? 1.611   -3.437  1.059   1.00 43.44 ? 401 4AA A OAB  1 
HETATM 1423 C  CAH  . 4AA F 5 .   ? 1.535   -2.506  1.859   1.00 44.73 ? 401 4AA A CAH  1 
HETATM 1424 O  OAC  . 4AA F 5 .   ? 2.495   -2.274  2.591   1.00 44.90 ? 401 4AA A OAC  1 
HETATM 1425 C  CAL  . 4AA F 5 .   ? 0.268   -1.649  1.947   1.00 44.26 ? 401 4AA A CAL  1 
HETATM 1426 C  CAG  . 4AA F 5 .   ? -0.913  -2.086  1.355   1.00 45.60 ? 401 4AA A CAG  1 
HETATM 1427 C  CAF  . 4AA F 5 .   ? -2.067  -1.310  1.428   1.00 44.77 ? 401 4AA A CAF  1 
HETATM 1428 C  CAJ  . 4AA F 5 .   ? -2.041  -0.088  2.094   1.00 44.36 ? 401 4AA A CAJ  1 
HETATM 1429 CL CLAE . 4AA F 5 .   ? -3.472  0.878   2.211   1.00 43.22 ? 401 4AA A CLAE 1 
HETATM 1430 C  CAK  . 4AA F 5 .   ? -0.861  0.353   2.684   1.00 43.54 ? 401 4AA A CAK  1 
HETATM 1431 O  OAD  . 4AA F 5 .   ? -0.833  1.563   3.306   1.00 43.68 ? 401 4AA A OAD  1 
HETATM 1432 C  CAI  . 4AA F 5 .   ? 0.290   -0.427  2.616   1.00 44.37 ? 401 4AA A CAI  1 
HETATM 1433 N  NAA  . 4AA F 5 .   ? 1.406   -0.003  3.203   1.00 44.66 ? 401 4AA A NAA  1 
HETATM 1434 O  O    . HOH G 6 .   ? 4.380   -16.630 10.621  1.00 41.72 ? 402 HOH A O    1 
HETATM 1435 O  O    . HOH G 6 .   ? -8.068  -4.829  12.215  1.00 35.11 ? 403 HOH A O    1 
HETATM 1436 O  O    . HOH G 6 .   ? -5.468  -20.407 17.595  1.00 48.24 ? 404 HOH A O    1 
HETATM 1437 O  O    . HOH G 6 .   ? 7.354   -9.851  -1.269  1.00 41.93 ? 405 HOH A O    1 
HETATM 1438 O  O    . HOH G 6 .   ? 8.357   -17.922 -1.970  1.00 42.78 ? 406 HOH A O    1 
HETATM 1439 O  O    . HOH G 6 .   ? -2.871  17.640  -8.259  1.00 77.63 ? 407 HOH A O    1 
HETATM 1440 O  O    . HOH G 6 .   ? 4.837   -9.296  2.009   1.00 36.25 ? 408 HOH A O    1 
HETATM 1441 O  O    . HOH G 6 .   ? -8.958  8.800   4.376   1.00 45.37 ? 409 HOH A O    1 
HETATM 1442 O  O    . HOH G 6 .   ? -8.069  6.608   14.434  1.00 50.17 ? 410 HOH A O    1 
HETATM 1443 O  O    . HOH G 6 .   ? -6.930  -19.356 11.949  1.00 65.01 ? 411 HOH A O    1 
HETATM 1444 O  O    . HOH G 6 .   ? 2.725   11.295  13.854  1.00 42.44 ? 412 HOH A O    1 
HETATM 1445 O  O    . HOH G 6 .   ? 10.464  -1.100  -8.166  1.00 56.06 ? 413 HOH A O    1 
HETATM 1446 O  O    . HOH G 6 .   ? -15.819 -2.290  21.517  1.00 51.66 ? 414 HOH A O    1 
HETATM 1447 O  O    . HOH G 6 .   ? -3.682  15.544  -10.506 1.00 56.63 ? 415 HOH A O    1 
HETATM 1448 O  O    . HOH G 6 .   ? -10.174 -8.364  4.378   1.00 51.28 ? 416 HOH A O    1 
HETATM 1449 O  O    . HOH G 6 .   ? -8.468  2.839   19.452  1.00 49.57 ? 417 HOH A O    1 
HETATM 1450 O  O    . HOH G 6 .   ? 4.494   6.492   -9.963  1.00 45.88 ? 418 HOH A O    1 
HETATM 1451 O  O    . HOH G 6 .   ? -13.692 -8.897  13.010  1.00 55.03 ? 419 HOH A O    1 
HETATM 1452 O  O    . HOH G 6 .   ? -1.083  13.030  11.210  1.00 56.91 ? 420 HOH A O    1 
HETATM 1453 O  O    . HOH G 6 .   ? -15.208 0.358   10.222  1.00 85.96 ? 421 HOH A O    1 
HETATM 1454 O  O    . HOH G 6 .   ? -13.095 -2.258  8.616   1.00 78.71 ? 422 HOH A O    1 
HETATM 1455 O  O    . HOH G 6 .   ? -17.975 -2.426  8.080   1.00 81.07 ? 423 HOH A O    1 
HETATM 1456 O  O    . HOH G 6 .   ? 1.549   -16.470 -2.753  1.00 68.77 ? 424 HOH A O    1 
HETATM 1457 O  O    . HOH G 6 .   ? -10.274 4.415   7.515   1.00 52.31 ? 425 HOH A O    1 
HETATM 1458 O  O    . HOH G 6 .   ? 6.119   -1.823  -10.095 1.00 63.15 ? 426 HOH A O    1 
HETATM 1459 O  O    . HOH G 6 .   ? 10.614  -11.974 12.845  1.00 62.53 ? 427 HOH A O    1 
HETATM 1460 O  O    . HOH G 6 .   ? 3.477   -18.261 3.906   1.00 65.18 ? 428 HOH A O    1 
HETATM 1461 O  O    . HOH G 6 .   ? -15.133 10.353  11.644  1.00 63.09 ? 429 HOH A O    1 
HETATM 1462 O  O    . HOH G 6 .   ? -7.152  15.098  -15.102 1.00 79.86 ? 430 HOH A O    1 
HETATM 1463 O  O    . HOH G 6 .   ? -2.231  -1.864  -9.372  1.00 58.92 ? 431 HOH A O    1 
HETATM 1464 O  O    . HOH G 6 .   ? 2.224   -14.010 -0.207  1.00 57.04 ? 432 HOH A O    1 
HETATM 1465 O  O    . HOH G 6 .   ? -6.977  15.585  4.475   1.00 59.80 ? 433 HOH A O    1 
HETATM 1466 O  O    . HOH G 6 .   ? 17.976  18.677  0.864   1.00 67.44 ? 434 HOH A O    1 
HETATM 1467 O  O    . HOH G 6 .   ? -5.411  -19.584 14.467  1.00 57.02 ? 435 HOH A O    1 
HETATM 1468 O  O    . HOH G 6 .   ? -5.779  1.001   -20.985 1.00 72.16 ? 436 HOH A O    1 
HETATM 1469 O  O    . HOH G 6 .   ? -15.538 -6.460  14.806  1.00 60.36 ? 437 HOH A O    1 
HETATM 1470 O  O    . HOH G 6 .   ? -10.691 17.457  3.681   1.00 68.32 ? 438 HOH A O    1 
HETATM 1471 O  O    . HOH G 6 .   ? 2.383   16.285  2.350   1.00 57.09 ? 439 HOH A O    1 
HETATM 1472 O  O    . HOH G 6 .   ? 17.149  18.582  6.805   1.00 71.85 ? 440 HOH A O    1 
HETATM 1473 O  O    . HOH G 6 .   ? -16.944 -5.298  29.162  1.00 76.83 ? 441 HOH A O    1 
HETATM 1474 O  O    . HOH G 6 .   ? 4.218   -4.142  -7.318  1.00 42.73 ? 442 HOH A O    1 
HETATM 1475 O  O    . HOH G 6 .   ? -9.775  -0.876  6.289   1.00 54.01 ? 443 HOH A O    1 
HETATM 1476 O  O    . HOH G 6 .   ? -3.952  -19.913 20.097  1.00 54.12 ? 444 HOH A O    1 
HETATM 1477 O  O    . HOH G 6 .   ? -0.203  11.375  13.522  1.00 53.04 ? 445 HOH A O    1 
HETATM 1478 O  O    . HOH G 6 .   ? -3.416  -23.082 17.157  1.00 52.45 ? 446 HOH A O    1 
HETATM 1479 O  O    . HOH G 6 .   ? -16.507 -2.273  29.814  1.00 63.86 ? 447 HOH A O    1 
HETATM 1480 O  O    . HOH G 6 .   ? 3.273   -20.273 16.793  1.00 42.00 ? 448 HOH A O    1 
HETATM 1481 O  O    . HOH G 6 .   ? 18.427  -0.923  -1.479  1.00 71.94 ? 449 HOH A O    1 
HETATM 1482 O  O    . HOH G 6 .   ? -9.463  11.181  -18.153 1.00 67.51 ? 450 HOH A O    1 
HETATM 1483 O  O    . HOH G 6 .   ? 14.646  -1.599  -7.047  1.00 69.17 ? 451 HOH A O    1 
HETATM 1484 O  O    . HOH G 6 .   ? 4.800   13.482  12.851  1.00 69.62 ? 452 HOH A O    1 
HETATM 1485 O  O    . HOH G 6 .   ? -2.771  1.643   -21.507 1.00 68.72 ? 453 HOH A O    1 
HETATM 1486 O  O    . HOH G 6 .   ? 0.314   -16.407 0.150   1.00 84.71 ? 454 HOH A O    1 
HETATM 1487 O  O    . HOH G 6 .   ? -7.402  11.494  15.184  1.00 69.89 ? 455 HOH A O    1 
HETATM 1488 O  O    . HOH G 6 .   ? -1.836  14.764  8.511   1.00 72.74 ? 456 HOH A O    1 
HETATM 1489 O  O    . HOH G 6 .   ? 6.450   -6.776  -7.405  1.00 63.19 ? 457 HOH A O    1 
HETATM 1490 O  O    . HOH G 6 .   ? -5.829  -21.098 22.014  1.00 74.82 ? 458 HOH A O    1 
HETATM 1491 O  O    . HOH G 6 .   ? 19.194  3.628   2.445   1.00 71.16 ? 459 HOH A O    1 
HETATM 1492 O  O    . HOH G 6 .   ? 16.425  18.180  3.934   1.00 68.61 ? 460 HOH A O    1 
HETATM 1493 O  O    . HOH G 6 .   ? -6.889  15.561  -11.417 1.00 59.74 ? 461 HOH A O    1 
HETATM 1494 O  O    . HOH G 6 .   ? 8.428   -17.174 2.647   1.00 71.29 ? 462 HOH A O    1 
HETATM 1495 O  O    . HOH G 6 .   ? -7.036  -5.409  -1.961  1.00 68.39 ? 463 HOH A O    1 
HETATM 1496 O  O    . HOH G 6 .   ? -0.593  15.423  1.774   1.00 59.23 ? 464 HOH A O    1 
HETATM 1497 O  O    . HOH G 6 .   ? -3.781  15.484  2.694   1.00 67.76 ? 465 HOH A O    1 
HETATM 1498 O  O    . HOH G 6 .   ? 0.975   16.681  -4.130  1.00 64.34 ? 466 HOH A O    1 
HETATM 1499 O  O    . HOH G 6 .   ? 15.898  10.640  -7.381  1.00 61.36 ? 467 HOH A O    1 
HETATM 1500 O  O    . HOH G 6 .   ? 15.760  -8.629  8.912   1.00 45.06 ? 468 HOH A O    1 
HETATM 1501 O  O    . HOH G 6 .   ? -1.260  13.346  15.621  1.00 75.21 ? 469 HOH A O    1 
HETATM 1502 O  O    . HOH G 6 .   ? 16.207  4.421   2.312   1.00 68.54 ? 470 HOH A O    1 
HETATM 1503 O  O    . HOH G 6 .   ? -9.438  -15.876 13.935  1.00 58.72 ? 471 HOH A O    1 
HETATM 1504 O  O    . HOH G 6 .   ? -11.918 -5.792  4.789   1.00 60.86 ? 472 HOH A O    1 
HETATM 1505 O  O    . HOH G 6 .   ? 16.316  7.566   2.066   1.00 65.64 ? 473 HOH A O    1 
HETATM 1506 O  O    . HOH G 6 .   ? -13.156 -11.870 12.977  1.00 77.74 ? 474 HOH A O    1 
HETATM 1507 O  O    . HOH G 6 .   ? 15.243  -5.856  -5.555  1.00 80.55 ? 475 HOH A O    1 
HETATM 1508 O  O    . HOH G 6 .   ? -2.870  -16.866 -7.844  1.00 60.36 ? 476 HOH A O    1 
HETATM 1509 O  O    . HOH G 6 .   ? 1.510   13.570  -24.861 1.00 65.94 ? 477 HOH A O    1 
HETATM 1510 O  O    . HOH G 6 .   ? 2.341   7.026   6.665   1.00 38.53 ? 478 HOH A O    1 
HETATM 1511 O  O    . HOH G 6 .   ? 2.439   8.138   3.941   1.00 42.91 ? 479 HOH A O    1 
HETATM 1512 O  O    . HOH G 6 .   ? -7.520  -0.974  -19.281 1.00 75.03 ? 480 HOH A O    1 
HETATM 1513 O  O    . HOH G 6 .   ? -10.634 -13.227 13.611  1.00 62.84 ? 481 HOH A O    1 
HETATM 1514 O  O    . HOH G 6 .   ? -11.386 -8.598  21.456  1.00 45.10 ? 482 HOH A O    1 
HETATM 1515 O  O    . HOH G 6 .   ? -16.336 -3.311  24.441  1.00 75.64 ? 483 HOH A O    1 
HETATM 1516 O  O    . HOH G 6 .   ? 7.359   11.882  0.603   1.00 47.39 ? 484 HOH A O    1 
HETATM 1517 O  O    . HOH G 6 .   ? 0.404   -3.712  -1.556  1.00 47.21 ? 485 HOH A O    1 
HETATM 1518 O  O    . HOH G 6 .   ? -2.900  -3.028  4.215   1.00 53.75 ? 486 HOH A O    1 
HETATM 1519 O  O    . HOH G 6 .   ? 11.728  2.777   11.395  1.00 53.94 ? 487 HOH A O    1 
HETATM 1520 O  O    . HOH G 6 .   ? 6.988   2.165   -7.364  1.00 45.52 ? 488 HOH A O    1 
HETATM 1521 O  O    . HOH G 6 .   ? -5.015  -2.577  -18.089 1.00 86.05 ? 489 HOH A O    1 
HETATM 1522 O  O    . HOH G 6 .   ? -15.795 2.557   8.049   1.00 88.46 ? 490 HOH A O    1 
HETATM 1523 O  O    . HOH G 6 .   ? -4.317  12.187  15.459  1.00 71.84 ? 491 HOH A O    1 
# 
